data_5U72
#
_entry.id   5U72
#
_cell.length_a   213.090
_cell.length_b   69.600
_cell.length_c   142.370
_cell.angle_alpha   90.000
_cell.angle_beta   103.720
_cell.angle_gamma   90.000
#
_symmetry.space_group_name_H-M   'C 1 2 1'
#
loop_
_entity.id
_entity.type
_entity.pdbx_description
1 polymer 'Major histocompatibility complex class I-related gene protein'
2 polymer 'MAIT T-cell receptor alpha chain'
3 polymer 'MAIT T-cell receptor beta chain'
4 polymer Beta-2-microglobulin
5 non-polymer 'ACETATE ION'
6 non-polymer GLYCEROL
7 non-polymer 5-hydroxydiclofenac
8 non-polymer 'DIMETHYL SULFOXIDE'
9 water water
#
loop_
_entity_poly.entity_id
_entity_poly.type
_entity_poly.pdbx_seq_one_letter_code
_entity_poly.pdbx_strand_id
1 'polypeptide(L)'
;MRTHSLRYFRLGVSDPIHGVPEFISVGYVDSHPITTYDSVTRQKEPRAPWMAENLAPDHWERYTQLLRGWQQMFKVELKR
LQRHYNHSGSHTYQRMIGCELLEDGSTTGFLQYAYDGQDFLIFNKDTLSWLAVDNVAHTIKQAWEANQHELLYQKNWLEE
ECIAWLKRFLEYGKDTLQRTEPPLVRVNRKETFPGVTALFCKAHGFYPPEIYMTWMKNGEEIVQEIDYGDILPSGDGTYQ
AWASIELDPQSSNLYSCHVEHSGVHMVLQVP
;
A,C
2 'polypeptide(L)'
;GQNIDQPTEMTATEGAIVQINCTYQTSGFNGLFWYQQHAGEAPTFLSYNVLDGLEEKGRFSSFLSRSKGYSYLLLKELQM
KDSASYLCAVKDSNYQLIWGAGTKLIIKPDIQNPDPAVYQLRDSKSSDKSVCLFTDFDSQTNVSQSKDSDVYITDKCVLD
MRSMDFKSNSAVAWSNKSDFACANAFNNSIIPEDTFFPSPESS
;
B,D
3 'polypeptide(L)'
;NAGVTQTPKFQVLKTGQSMTLQCAQDMNHNSMYWYRQDPGMGLRLIYYSASEGTTDKGEVPNGYNVSRLNKREFSLRLES
AAPSQTSVYFCASSVWTGEGSGELFFGEGSRLTVLEDLKNVFPPEVAVFEPSEAEISHTQKATLVCLATGFYPDHVELSW
WVNGKEVHSGVCTDPQPLKEQPALNDSRYALSSRLRVSATFWQNPRNHFRCQVQFYGLSENDEWTQDRAKPVTQIVSAEA
WGRAD
;
G,E
4 'polypeptide(L)'
;IQRTPKIQVYSRHPAENGKSNFLNCYVSGFHPSDIEVDLLKNGERIEKVEHSDLSFSKDWSFYLLYYTEFTPTEKDEYAC
RVNHVTLSQPKIVKWDRDM
;
H,F
#
# COMPACT_ATOMS: atom_id res chain seq x y z
N MET A 1 -21.29 -23.63 58.79
CA MET A 1 -22.41 -23.68 57.85
C MET A 1 -22.87 -25.10 57.59
N ARG A 2 -24.08 -25.23 57.05
CA ARG A 2 -24.60 -26.52 56.63
C ARG A 2 -23.87 -26.88 55.34
N THR A 3 -24.20 -28.03 54.76
CA THR A 3 -23.67 -28.40 53.47
C THR A 3 -24.35 -27.60 52.35
N HIS A 4 -23.54 -27.00 51.48
CA HIS A 4 -24.08 -26.30 50.31
C HIS A 4 -23.51 -26.80 49.00
N SER A 5 -24.23 -26.56 47.91
CA SER A 5 -23.76 -27.02 46.61
C SER A 5 -24.02 -25.99 45.53
N LEU A 6 -23.17 -26.01 44.50
CA LEU A 6 -23.39 -25.26 43.28
C LEU A 6 -23.43 -26.25 42.12
N ARG A 7 -24.48 -26.23 41.31
CA ARG A 7 -24.48 -27.07 40.12
C ARG A 7 -25.13 -26.38 38.92
N TYR A 8 -24.49 -26.54 37.77
CA TYR A 8 -24.98 -25.97 36.52
C TYR A 8 -25.40 -27.08 35.56
N PHE A 9 -26.62 -26.97 35.04
CA PHE A 9 -27.18 -27.97 34.14
C PHE A 9 -27.33 -27.43 32.73
N ARG A 10 -27.10 -28.30 31.74
CA ARG A 10 -27.36 -27.96 30.36
C ARG A 10 -28.19 -29.04 29.70
N LEU A 11 -29.20 -28.64 28.94
CA LEU A 11 -30.02 -29.58 28.22
C LEU A 11 -30.01 -29.27 26.73
N GLY A 12 -29.76 -30.30 25.93
CA GLY A 12 -29.83 -30.18 24.49
C GLY A 12 -30.89 -31.13 23.97
N VAL A 13 -31.78 -30.64 23.13
CA VAL A 13 -32.79 -31.49 22.49
C VAL A 13 -32.62 -31.38 20.98
N SER A 14 -32.49 -32.53 20.30
CA SER A 14 -32.04 -32.55 18.91
C SER A 14 -33.08 -32.14 17.88
N ASP A 15 -34.33 -32.52 18.10
CA ASP A 15 -35.38 -32.18 17.15
C ASP A 15 -36.59 -31.63 17.90
N PRO A 16 -36.43 -30.44 18.50
CA PRO A 16 -37.44 -29.90 19.42
C PRO A 16 -38.71 -29.47 18.72
N ILE A 17 -39.83 -29.54 19.43
CA ILE A 17 -41.12 -29.12 18.91
C ILE A 17 -41.37 -27.63 19.21
N VAL A 20 -40.49 -24.72 21.91
CA VAL A 20 -39.55 -25.46 22.76
C VAL A 20 -38.11 -25.20 22.32
N PRO A 21 -37.26 -24.73 23.26
CA PRO A 21 -35.84 -24.45 23.01
C PRO A 21 -35.02 -25.71 22.74
N GLU A 22 -33.98 -25.60 21.92
CA GLU A 22 -33.14 -26.76 21.67
C GLU A 22 -31.97 -26.78 22.66
N PHE A 23 -31.75 -25.66 23.34
CA PHE A 23 -30.72 -25.55 24.39
C PHE A 23 -31.20 -24.76 25.60
N ILE A 24 -30.90 -25.28 26.79
CA ILE A 24 -31.22 -24.61 28.06
C ILE A 24 -30.07 -24.78 29.04
N SER A 25 -29.73 -23.72 29.77
CA SER A 25 -28.74 -23.81 30.84
C SER A 25 -29.21 -23.04 32.08
N VAL A 26 -29.28 -23.73 33.22
CA VAL A 26 -29.75 -23.14 34.46
C VAL A 26 -28.76 -23.45 35.57
N GLY A 27 -28.47 -22.47 36.42
CA GLY A 27 -27.62 -22.70 37.58
C GLY A 27 -28.41 -22.75 38.88
N TYR A 28 -27.93 -23.56 39.82
CA TYR A 28 -28.52 -23.63 41.16
C TYR A 28 -27.48 -23.44 42.25
N VAL A 29 -27.90 -22.82 43.34
CA VAL A 29 -27.19 -22.94 44.61
C VAL A 29 -28.18 -23.65 45.53
N ASP A 30 -27.78 -24.81 46.04
CA ASP A 30 -28.73 -25.71 46.74
C ASP A 30 -29.94 -25.97 45.87
N SER A 31 -31.13 -25.67 46.39
CA SER A 31 -32.35 -25.90 45.61
C SER A 31 -32.80 -24.67 44.82
N HIS A 32 -32.00 -23.62 44.87
CA HIS A 32 -32.40 -22.32 44.34
C HIS A 32 -31.85 -22.03 42.95
N PRO A 33 -32.74 -21.82 41.98
CA PRO A 33 -32.29 -21.37 40.66
C PRO A 33 -31.63 -19.99 40.75
N ILE A 34 -30.44 -19.82 40.18
CA ILE A 34 -29.77 -18.52 40.26
C ILE A 34 -29.60 -17.83 38.90
N THR A 35 -29.35 -18.60 37.85
CA THR A 35 -29.20 -18.03 36.51
C THR A 35 -29.89 -18.90 35.47
N THR A 36 -30.35 -18.26 34.39
CA THR A 36 -30.97 -19.00 33.29
C THR A 36 -30.55 -18.50 31.91
N TYR A 37 -30.52 -19.43 30.96
CA TYR A 37 -30.23 -19.15 29.57
C TYR A 37 -30.92 -20.22 28.74
N ASP A 38 -31.46 -19.82 27.59
CA ASP A 38 -31.97 -20.79 26.64
C ASP A 38 -31.77 -20.28 25.21
N SER A 39 -32.00 -21.16 24.24
CA SER A 39 -31.71 -20.85 22.83
C SER A 39 -32.75 -19.91 22.22
N VAL A 40 -33.82 -19.64 22.95
CA VAL A 40 -34.82 -18.66 22.52
C VAL A 40 -34.44 -17.23 22.93
N THR A 41 -34.18 -17.02 24.21
CA THR A 41 -33.85 -15.69 24.71
C THR A 41 -32.44 -15.29 24.30
N ARG A 42 -31.56 -16.28 24.24
CA ARG A 42 -30.13 -16.09 23.96
C ARG A 42 -29.45 -15.10 24.90
N GLN A 43 -30.01 -14.93 26.10
CA GLN A 43 -29.47 -14.05 27.12
C GLN A 43 -29.30 -14.81 28.44
N LYS A 44 -28.21 -14.57 29.16
CA LYS A 44 -28.10 -15.13 30.51
C LYS A 44 -28.74 -14.14 31.48
N GLU A 45 -29.67 -14.64 32.26
CA GLU A 45 -30.43 -13.78 33.17
C GLU A 45 -30.43 -14.34 34.59
N PRO A 46 -30.47 -13.45 35.59
CA PRO A 46 -30.61 -13.87 36.98
C PRO A 46 -31.97 -14.53 37.25
N ARG A 47 -32.00 -15.50 38.15
CA ARG A 47 -33.24 -16.15 38.54
C ARG A 47 -33.52 -15.90 40.02
N ALA A 48 -32.66 -15.10 40.65
CA ALA A 48 -32.86 -14.72 42.05
C ALA A 48 -32.53 -13.25 42.23
N PRO A 49 -33.30 -12.56 43.08
CA PRO A 49 -33.08 -11.13 43.32
C PRO A 49 -31.68 -10.85 43.85
N TRP A 50 -31.16 -11.72 44.71
CA TRP A 50 -29.85 -11.47 45.31
C TRP A 50 -28.68 -11.79 44.35
N MET A 51 -29.01 -12.35 43.19
CA MET A 51 -28.04 -12.51 42.10
C MET A 51 -28.01 -11.25 41.24
N ALA A 52 -29.20 -10.78 40.86
CA ALA A 52 -29.33 -9.56 40.09
C ALA A 52 -28.72 -8.38 40.83
N GLU A 53 -28.97 -8.32 42.14
CA GLU A 53 -28.51 -7.23 42.99
C GLU A 53 -26.99 -7.16 43.10
N ASN A 54 -26.31 -8.30 42.97
CA ASN A 54 -24.88 -8.37 43.27
C ASN A 54 -23.93 -8.60 42.09
N LEU A 55 -24.49 -8.76 40.89
CA LEU A 55 -23.67 -8.97 39.70
C LEU A 55 -23.94 -7.89 38.64
N ALA A 56 -22.88 -7.16 38.30
CA ALA A 56 -22.93 -6.07 37.34
C ALA A 56 -23.26 -6.55 35.92
N PRO A 57 -23.80 -5.65 35.07
CA PRO A 57 -24.16 -5.97 33.68
C PRO A 57 -23.06 -6.63 32.85
N ASP A 58 -21.80 -6.31 33.11
CA ASP A 58 -20.72 -6.90 32.33
C ASP A 58 -20.62 -8.41 32.60
N HIS A 59 -21.06 -8.86 33.77
CA HIS A 59 -21.07 -10.28 34.07
C HIS A 59 -22.08 -10.97 33.16
N TRP A 60 -23.31 -10.46 33.14
CA TRP A 60 -24.36 -11.03 32.30
C TRP A 60 -24.01 -10.92 30.80
N GLU A 61 -23.36 -9.83 30.42
CA GLU A 61 -22.94 -9.65 29.03
C GLU A 61 -21.92 -10.71 28.63
N ARG A 62 -20.90 -10.87 29.47
CA ARG A 62 -19.82 -11.83 29.22
C ARG A 62 -20.34 -13.26 29.13
N TYR A 63 -21.17 -13.65 30.10
CA TYR A 63 -21.65 -15.03 30.14
C TYR A 63 -22.73 -15.29 29.08
N THR A 64 -23.47 -14.26 28.71
CA THR A 64 -24.35 -14.36 27.55
C THR A 64 -23.55 -14.83 26.33
N GLN A 65 -22.38 -14.24 26.12
CA GLN A 65 -21.55 -14.60 24.97
C GLN A 65 -21.06 -16.04 25.07
N LEU A 66 -20.57 -16.43 26.25
CA LEU A 66 -20.07 -17.80 26.44
C LEU A 66 -21.13 -18.86 26.21
N LEU A 67 -22.35 -18.60 26.67
CA LEU A 67 -23.41 -19.58 26.56
C LEU A 67 -23.91 -19.70 25.12
N ARG A 68 -23.82 -18.62 24.37
CA ARG A 68 -24.13 -18.69 22.94
C ARG A 68 -23.18 -19.64 22.25
N GLY A 69 -21.92 -19.60 22.68
CA GLY A 69 -20.93 -20.53 22.18
C GLY A 69 -21.15 -21.96 22.68
N TRP A 70 -21.52 -22.09 23.95
CA TRP A 70 -21.69 -23.41 24.54
C TRP A 70 -22.88 -24.11 23.88
N GLN A 71 -23.89 -23.31 23.52
CA GLN A 71 -25.09 -23.78 22.83
C GLN A 71 -24.73 -24.45 21.50
N GLN A 72 -23.79 -23.84 20.78
CA GLN A 72 -23.33 -24.38 19.50
C GLN A 72 -22.53 -25.65 19.71
N MET A 73 -21.66 -25.66 20.72
CA MET A 73 -20.84 -26.84 21.01
C MET A 73 -21.73 -28.00 21.43
N PHE A 74 -22.82 -27.69 22.14
CA PHE A 74 -23.76 -28.73 22.57
C PHE A 74 -24.51 -29.34 21.38
N LYS A 75 -24.93 -28.49 20.46
CA LYS A 75 -25.60 -28.92 19.25
C LYS A 75 -24.71 -29.87 18.43
N VAL A 76 -23.43 -29.53 18.31
CA VAL A 76 -22.48 -30.35 17.54
C VAL A 76 -22.21 -31.69 18.21
N GLU A 77 -22.01 -31.69 19.53
CA GLU A 77 -21.78 -32.94 20.25
C GLU A 77 -23.01 -33.84 20.18
N LEU A 78 -24.19 -33.24 20.20
CA LEU A 78 -25.43 -33.98 20.09
C LEU A 78 -25.54 -34.62 18.70
N LYS A 79 -25.08 -33.90 17.67
CA LYS A 79 -25.05 -34.44 16.31
C LYS A 79 -24.15 -35.67 16.25
N ARG A 80 -23.01 -35.59 16.92
CA ARG A 80 -22.04 -36.68 16.88
C ARG A 80 -22.54 -37.89 17.65
N LEU A 81 -23.26 -37.68 18.75
CA LEU A 81 -23.75 -38.82 19.52
C LEU A 81 -24.86 -39.56 18.78
N GLN A 82 -25.77 -38.84 18.13
CA GLN A 82 -26.82 -39.48 17.35
C GLN A 82 -26.35 -40.20 16.07
N ARG A 83 -25.30 -39.70 15.45
CA ARG A 83 -24.75 -40.36 14.27
C ARG A 83 -24.13 -41.68 14.69
N HIS A 84 -23.43 -41.66 15.82
CA HIS A 84 -22.79 -42.85 16.37
C HIS A 84 -23.75 -43.87 16.98
N TYR A 85 -24.83 -43.41 17.61
CA TYR A 85 -25.83 -44.36 18.14
C TYR A 85 -26.73 -44.84 17.02
N ASN A 86 -26.60 -44.20 15.86
CA ASN A 86 -27.47 -44.44 14.70
C ASN A 86 -28.93 -44.28 15.08
N HIS A 87 -29.24 -43.21 15.82
CA HIS A 87 -30.59 -42.91 16.28
C HIS A 87 -31.27 -41.84 15.45
N SER A 88 -32.56 -42.02 15.19
CA SER A 88 -33.32 -41.00 14.49
C SER A 88 -34.35 -40.36 15.42
N GLY A 89 -34.88 -39.20 15.02
CA GLY A 89 -35.86 -38.51 15.81
C GLY A 89 -35.25 -37.58 16.84
N SER A 90 -36.04 -37.18 17.82
CA SER A 90 -35.55 -36.25 18.84
C SER A 90 -34.94 -37.00 20.02
N HIS A 91 -33.74 -36.58 20.42
CA HIS A 91 -33.05 -37.19 21.54
C HIS A 91 -32.42 -36.10 22.38
N THR A 92 -32.09 -36.42 23.63
CA THR A 92 -31.61 -35.41 24.54
C THR A 92 -30.19 -35.66 24.98
N TYR A 93 -29.53 -34.57 25.33
CA TYR A 93 -28.14 -34.58 25.78
C TYR A 93 -28.03 -33.64 26.96
N GLN A 94 -27.49 -34.12 28.07
CA GLN A 94 -27.42 -33.30 29.26
C GLN A 94 -26.04 -33.29 29.90
N ARG A 95 -25.77 -32.19 30.59
CA ARG A 95 -24.51 -31.99 31.27
C ARG A 95 -24.78 -31.44 32.66
N MET A 96 -24.07 -31.96 33.64
CA MET A 96 -24.19 -31.44 34.99
C MET A 96 -22.80 -31.26 35.56
N ILE A 97 -22.52 -30.05 36.03
CA ILE A 97 -21.26 -29.77 36.69
C ILE A 97 -21.52 -29.08 38.01
N GLY A 98 -20.64 -29.27 38.97
CA GLY A 98 -20.76 -28.56 40.21
C GLY A 98 -19.91 -29.09 41.32
N CYS A 99 -20.16 -28.57 42.52
CA CYS A 99 -19.36 -28.89 43.70
C CYS A 99 -20.18 -28.74 44.98
N GLU A 100 -19.69 -29.34 46.07
CA GLU A 100 -20.31 -29.16 47.38
C GLU A 100 -19.31 -28.66 48.39
N LEU A 101 -19.77 -27.77 49.27
CA LEU A 101 -19.00 -27.37 50.43
C LEU A 101 -19.68 -27.93 51.68
N LEU A 102 -19.04 -28.94 52.28
CA LEU A 102 -19.62 -29.67 53.41
C LEU A 102 -19.38 -28.92 54.72
N GLU A 103 -20.09 -29.34 55.76
CA GLU A 103 -20.01 -28.70 57.07
C GLU A 103 -18.60 -28.64 57.63
N ASP A 104 -17.90 -29.77 57.54
CA ASP A 104 -16.54 -29.90 58.08
C ASP A 104 -15.47 -29.20 57.23
N GLY A 105 -15.86 -28.56 56.14
CA GLY A 105 -14.89 -27.82 55.33
C GLY A 105 -14.37 -28.61 54.16
N SER A 106 -14.61 -29.92 54.17
CA SER A 106 -14.22 -30.77 53.05
C SER A 106 -15.09 -30.46 51.84
N THR A 107 -14.63 -30.84 50.66
CA THR A 107 -15.34 -30.51 49.43
C THR A 107 -15.55 -31.71 48.53
N THR A 108 -16.57 -31.64 47.68
CA THR A 108 -16.73 -32.59 46.59
C THR A 108 -16.78 -31.87 45.26
N GLY A 109 -16.60 -32.61 44.19
CA GLY A 109 -16.64 -32.03 42.85
C GLY A 109 -17.04 -33.10 41.85
N PHE A 110 -17.93 -32.73 40.93
CA PHE A 110 -18.49 -33.69 39.99
C PHE A 110 -18.74 -33.06 38.63
N LEU A 111 -18.64 -33.88 37.59
CA LEU A 111 -18.95 -33.48 36.21
C LEU A 111 -19.41 -34.70 35.42
N GLN A 112 -20.60 -34.59 34.84
CA GLN A 112 -21.27 -35.72 34.17
C GLN A 112 -22.00 -35.32 32.89
N TYR A 113 -22.24 -36.32 32.04
CA TYR A 113 -23.02 -36.14 30.82
C TYR A 113 -24.07 -37.24 30.71
N ALA A 114 -25.18 -36.94 30.04
CA ALA A 114 -26.25 -37.92 29.86
C ALA A 114 -26.81 -37.90 28.46
N TYR A 115 -27.21 -39.08 27.98
CA TYR A 115 -27.89 -39.19 26.70
C TYR A 115 -29.26 -39.84 26.92
N ASP A 116 -30.32 -39.16 26.47
CA ASP A 116 -31.70 -39.57 26.75
C ASP A 116 -31.94 -39.86 28.24
N GLY A 117 -31.37 -39.02 29.10
CA GLY A 117 -31.58 -39.10 30.53
C GLY A 117 -30.88 -40.25 31.24
N GLN A 118 -29.97 -40.91 30.53
CA GLN A 118 -29.17 -41.96 31.14
C GLN A 118 -27.72 -41.51 31.21
N ASP A 119 -27.02 -41.91 32.27
CA ASP A 119 -25.58 -41.63 32.40
C ASP A 119 -24.85 -41.97 31.12
N PHE A 120 -23.88 -41.14 30.77
CA PHE A 120 -23.13 -41.30 29.54
C PHE A 120 -21.63 -41.26 29.82
N LEU A 121 -21.18 -40.14 30.36
CA LEU A 121 -19.79 -39.98 30.75
C LEU A 121 -19.71 -39.37 32.12
N ILE A 122 -18.96 -40.00 33.02
CA ILE A 122 -18.77 -39.50 34.37
C ILE A 122 -17.28 -39.24 34.62
N PHE A 123 -16.95 -38.00 34.97
CA PHE A 123 -15.56 -37.61 35.19
C PHE A 123 -15.08 -38.00 36.57
N ASN A 124 -13.85 -38.48 36.63
CA ASN A 124 -13.18 -38.72 37.90
C ASN A 124 -11.99 -37.78 38.07
N LYS A 125 -12.18 -36.73 38.86
CA LYS A 125 -11.14 -35.73 39.05
C LYS A 125 -9.95 -36.24 39.87
N ASP A 126 -10.08 -37.40 40.50
CA ASP A 126 -8.99 -37.96 41.29
C ASP A 126 -8.08 -38.85 40.45
N THR A 127 -8.65 -39.58 39.50
CA THR A 127 -7.84 -40.39 38.59
C THR A 127 -7.62 -39.69 37.25
N LEU A 128 -8.21 -38.50 37.11
CA LEU A 128 -8.14 -37.72 35.87
C LEU A 128 -8.55 -38.57 34.68
N SER A 129 -9.74 -39.13 34.76
CA SER A 129 -10.23 -40.04 33.75
C SER A 129 -11.74 -39.95 33.59
N TRP A 130 -12.23 -40.48 32.47
CA TRP A 130 -13.67 -40.51 32.20
C TRP A 130 -14.23 -41.93 32.21
N LEU A 131 -15.38 -42.11 32.86
CA LEU A 131 -16.07 -43.39 32.84
C LEU A 131 -17.11 -43.38 31.71
N ALA A 132 -17.10 -44.44 30.89
CA ALA A 132 -18.01 -44.53 29.75
C ALA A 132 -19.01 -45.67 29.93
N VAL A 133 -20.30 -45.40 29.74
CA VAL A 133 -21.32 -46.42 29.97
C VAL A 133 -21.51 -47.36 28.79
N ASP A 134 -21.06 -46.93 27.63
CA ASP A 134 -21.11 -47.78 26.43
C ASP A 134 -20.01 -47.38 25.44
N ASN A 135 -20.02 -47.97 24.26
CA ASN A 135 -18.90 -47.75 23.34
C ASN A 135 -18.95 -46.42 22.58
N VAL A 136 -20.13 -45.82 22.44
CA VAL A 136 -20.18 -44.47 21.87
C VAL A 136 -19.49 -43.55 22.85
N ALA A 137 -19.86 -43.67 24.12
CA ALA A 137 -19.20 -42.96 25.20
C ALA A 137 -17.70 -43.29 25.29
N HIS A 138 -17.35 -44.53 24.99
CA HIS A 138 -15.95 -44.94 24.99
C HIS A 138 -15.13 -44.19 23.93
N THR A 139 -15.71 -44.00 22.74
CA THR A 139 -15.04 -43.25 21.70
C THR A 139 -14.75 -41.81 22.11
N ILE A 140 -15.72 -41.17 22.77
CA ILE A 140 -15.55 -39.81 23.27
C ILE A 140 -14.52 -39.74 24.38
N LYS A 141 -14.59 -40.71 25.31
CA LYS A 141 -13.60 -40.83 26.38
C LYS A 141 -12.16 -40.76 25.87
N GLN A 142 -11.85 -41.58 24.87
CA GLN A 142 -10.51 -41.64 24.30
C GLN A 142 -10.04 -40.31 23.73
N ALA A 143 -10.96 -39.56 23.12
CA ALA A 143 -10.63 -38.26 22.55
C ALA A 143 -10.40 -37.24 23.67
N TRP A 144 -11.30 -37.21 24.64
CA TRP A 144 -11.18 -36.30 25.78
C TRP A 144 -9.94 -36.59 26.62
N GLU A 145 -9.65 -37.87 26.83
CA GLU A 145 -8.53 -38.28 27.69
C GLU A 145 -7.18 -38.06 27.00
N ALA A 146 -7.20 -37.89 25.68
CA ALA A 146 -5.96 -37.65 24.94
C ALA A 146 -5.51 -36.20 25.10
N ASN A 147 -6.39 -35.36 25.61
CA ASN A 147 -6.04 -33.97 25.90
C ASN A 147 -5.83 -33.77 27.40
N GLN A 148 -4.65 -34.10 27.88
CA GLN A 148 -4.36 -34.08 29.33
C GLN A 148 -4.65 -32.73 29.98
N HIS A 149 -4.30 -31.65 29.29
CA HIS A 149 -4.50 -30.31 29.82
C HIS A 149 -5.97 -30.02 30.14
N GLU A 150 -6.87 -30.52 29.31
CA GLU A 150 -8.30 -30.29 29.54
C GLU A 150 -8.79 -30.96 30.83
N LEU A 151 -8.34 -32.20 31.05
CA LEU A 151 -8.66 -32.92 32.28
C LEU A 151 -8.13 -32.16 33.49
N LEU A 152 -6.87 -31.73 33.42
CA LEU A 152 -6.27 -30.98 34.50
C LEU A 152 -7.05 -29.69 34.73
N TYR A 153 -7.45 -29.05 33.64
CA TYR A 153 -8.27 -27.85 33.75
C TYR A 153 -9.55 -28.14 34.51
N GLN A 154 -10.18 -29.26 34.18
CA GLN A 154 -11.45 -29.67 34.80
C GLN A 154 -11.29 -29.86 36.32
N LYS A 155 -10.19 -30.48 36.71
CA LYS A 155 -9.91 -30.73 38.12
C LYS A 155 -9.75 -29.42 38.86
N ASN A 156 -8.93 -28.52 38.33
CA ASN A 156 -8.71 -27.24 38.99
C ASN A 156 -10.00 -26.47 39.14
N TRP A 157 -10.82 -26.48 38.09
CA TRP A 157 -12.04 -25.71 38.14
C TRP A 157 -13.00 -26.27 39.20
N LEU A 158 -13.16 -27.58 39.20
CA LEU A 158 -14.04 -28.24 40.14
C LEU A 158 -13.61 -28.04 41.59
N GLU A 159 -12.31 -28.14 41.85
CA GLU A 159 -11.80 -28.11 43.21
C GLU A 159 -11.57 -26.71 43.76
N GLU A 160 -11.32 -25.73 42.89
CA GLU A 160 -10.99 -24.39 43.39
C GLU A 160 -12.02 -23.36 42.94
N GLU A 161 -12.18 -23.20 41.64
CA GLU A 161 -13.06 -22.17 41.07
C GLU A 161 -14.52 -22.39 41.43
N CYS A 162 -14.98 -23.63 41.38
CA CYS A 162 -16.37 -23.92 41.67
C CYS A 162 -16.69 -23.58 43.13
N ILE A 163 -15.80 -24.00 44.02
CA ILE A 163 -15.92 -23.74 45.45
C ILE A 163 -15.90 -22.22 45.73
N ALA A 164 -15.01 -21.50 45.05
CA ALA A 164 -14.91 -20.05 45.25
C ALA A 164 -16.18 -19.36 44.76
N TRP A 165 -16.66 -19.73 43.58
CA TRP A 165 -17.97 -19.23 43.12
C TRP A 165 -19.05 -19.47 44.17
N LEU A 166 -19.10 -20.71 44.68
CA LEU A 166 -20.13 -21.11 45.63
C LEU A 166 -20.09 -20.24 46.88
N LYS A 167 -18.89 -19.97 47.40
CA LYS A 167 -18.77 -19.12 48.57
C LYS A 167 -19.30 -17.73 48.27
N ARG A 168 -18.95 -17.22 47.10
CA ARG A 168 -19.39 -15.91 46.65
C ARG A 168 -20.91 -15.84 46.60
N PHE A 169 -21.54 -16.84 46.03
CA PHE A 169 -23.00 -16.84 45.89
C PHE A 169 -23.68 -17.01 47.25
N LEU A 170 -23.07 -17.81 48.12
CA LEU A 170 -23.57 -18.01 49.48
C LEU A 170 -23.65 -16.68 50.23
N GLU A 171 -22.64 -15.84 50.04
CA GLU A 171 -22.65 -14.56 50.72
C GLU A 171 -23.72 -13.67 50.11
N TYR A 172 -23.85 -13.71 48.78
CA TYR A 172 -24.86 -12.92 48.09
C TYR A 172 -26.25 -13.20 48.61
N GLY A 173 -26.58 -14.47 48.81
CA GLY A 173 -27.91 -14.83 49.22
C GLY A 173 -28.04 -15.38 50.63
N LYS A 174 -27.18 -14.93 51.55
CA LYS A 174 -27.12 -15.53 52.89
C LYS A 174 -28.45 -15.44 53.63
N ASP A 175 -29.16 -14.34 53.48
CA ASP A 175 -30.49 -14.18 54.08
C ASP A 175 -31.44 -15.29 53.65
N THR A 176 -31.28 -15.78 52.43
CA THR A 176 -32.08 -16.88 51.92
C THR A 176 -31.44 -18.23 52.23
N LEU A 177 -30.19 -18.40 51.82
CA LEU A 177 -29.54 -19.72 51.83
C LEU A 177 -29.14 -20.23 53.20
N GLN A 178 -28.99 -19.33 54.17
CA GLN A 178 -28.38 -19.71 55.44
C GLN A 178 -29.33 -19.53 56.62
N ARG A 179 -30.59 -19.21 56.33
CA ARG A 179 -31.59 -19.05 57.36
C ARG A 179 -32.07 -20.43 57.77
N THR A 180 -32.80 -20.51 58.87
CA THR A 180 -33.40 -21.77 59.27
C THR A 180 -34.85 -21.53 59.64
N GLU A 181 -35.75 -22.26 58.99
CA GLU A 181 -37.13 -22.28 59.43
C GLU A 181 -37.44 -23.70 59.90
N PRO A 182 -37.53 -23.91 61.22
CA PRO A 182 -37.78 -25.24 61.77
C PRO A 182 -39.16 -25.77 61.34
N PRO A 183 -39.30 -27.09 61.24
CA PRO A 183 -40.57 -27.69 60.80
C PRO A 183 -41.65 -27.68 61.87
N LEU A 184 -42.90 -27.53 61.43
CA LEU A 184 -44.07 -27.78 62.25
C LEU A 184 -44.46 -29.26 62.08
N VAL A 185 -44.48 -30.02 63.17
CA VAL A 185 -44.71 -31.46 63.06
C VAL A 185 -45.91 -31.94 63.88
N ARG A 186 -46.81 -32.67 63.21
CA ARG A 186 -47.99 -33.24 63.85
C ARG A 186 -48.16 -34.69 63.44
N VAL A 187 -49.00 -35.43 64.18
CA VAL A 187 -49.32 -36.81 63.86
C VAL A 187 -50.82 -37.03 63.58
N ASN A 188 -51.13 -37.62 62.43
CA ASN A 188 -52.50 -37.91 61.98
C ASN A 188 -52.78 -39.40 61.87
N ARG A 189 -54.07 -39.75 61.94
CA ARG A 189 -54.50 -41.14 61.81
C ARG A 189 -55.56 -41.29 60.72
N ALA A 198 -53.04 -46.80 61.03
CA ALA A 198 -52.25 -46.00 60.10
C ALA A 198 -51.85 -44.63 60.67
N LEU A 199 -50.57 -44.47 60.99
CA LEU A 199 -50.04 -43.23 61.56
C LEU A 199 -49.23 -42.41 60.57
N PHE A 200 -49.66 -41.18 60.32
CA PHE A 200 -48.93 -40.27 59.46
C PHE A 200 -48.24 -39.19 60.27
N CYS A 201 -46.93 -39.04 60.02
CA CYS A 201 -46.17 -37.98 60.67
C CYS A 201 -45.90 -36.88 59.66
N LYS A 202 -46.49 -35.72 59.86
CA LYS A 202 -46.42 -34.66 58.86
C LYS A 202 -45.62 -33.46 59.34
N ALA A 203 -44.74 -32.97 58.47
CA ALA A 203 -43.95 -31.79 58.77
C ALA A 203 -44.11 -30.78 57.65
N HIS A 204 -44.16 -29.50 57.99
CA HIS A 204 -44.26 -28.45 56.98
C HIS A 204 -43.66 -27.13 57.46
N GLY A 205 -43.47 -26.21 56.52
CA GLY A 205 -43.02 -24.86 56.83
C GLY A 205 -41.53 -24.78 57.10
N PHE A 206 -40.75 -25.74 56.63
CA PHE A 206 -39.33 -25.74 56.98
C PHE A 206 -38.38 -25.41 55.83
N TYR A 207 -37.27 -24.77 56.19
CA TYR A 207 -36.14 -24.55 55.31
C TYR A 207 -34.88 -24.70 56.16
N PRO A 208 -33.83 -25.35 55.62
CA PRO A 208 -33.67 -25.93 54.28
C PRO A 208 -34.51 -27.20 54.08
N PRO A 209 -34.62 -27.69 52.83
CA PRO A 209 -35.46 -28.86 52.54
C PRO A 209 -34.91 -30.19 53.06
N GLU A 210 -33.61 -30.23 53.38
CA GLU A 210 -33.03 -31.45 53.92
C GLU A 210 -33.63 -31.77 55.30
N ILE A 211 -34.37 -32.87 55.38
CA ILE A 211 -35.01 -33.25 56.62
C ILE A 211 -35.05 -34.77 56.73
N TYR A 212 -35.00 -35.28 57.95
CA TYR A 212 -34.97 -36.71 58.18
C TYR A 212 -36.12 -37.10 59.09
N MET A 213 -37.05 -37.88 58.56
CA MET A 213 -38.22 -38.29 59.34
C MET A 213 -38.26 -39.80 59.41
N THR A 214 -38.53 -40.34 60.59
CA THR A 214 -38.63 -41.78 60.72
C THR A 214 -39.52 -42.17 61.89
N TRP A 215 -39.99 -43.42 61.85
CA TRP A 215 -40.83 -43.96 62.90
C TRP A 215 -40.05 -44.96 63.72
N MET A 216 -40.36 -45.03 65.01
CA MET A 216 -39.73 -46.02 65.86
C MET A 216 -40.84 -46.76 66.57
N LYS A 217 -40.66 -48.07 66.75
CA LYS A 217 -41.61 -48.86 67.50
C LYS A 217 -40.87 -49.24 68.76
N ASN A 218 -41.37 -48.78 69.89
CA ASN A 218 -40.70 -48.98 71.17
C ASN A 218 -39.28 -48.44 71.05
N GLY A 219 -38.28 -49.31 71.10
CA GLY A 219 -36.90 -48.85 71.04
C GLY A 219 -36.11 -49.12 69.76
N GLU A 220 -36.75 -49.74 68.77
CA GLU A 220 -36.05 -50.09 67.55
C GLU A 220 -36.62 -49.37 66.32
N GLU A 221 -35.75 -49.04 65.38
CA GLU A 221 -36.15 -48.29 64.20
C GLU A 221 -36.94 -49.23 63.28
N ILE A 222 -38.23 -48.95 63.14
CA ILE A 222 -39.11 -49.79 62.33
C ILE A 222 -38.98 -49.55 60.84
N GLN A 224 -37.13 -51.83 57.00
CA GLN A 224 -38.12 -50.88 57.49
C GLN A 224 -39.48 -51.12 56.86
N GLU A 225 -40.55 -50.98 57.65
CA GLU A 225 -41.92 -51.09 57.13
C GLU A 225 -42.55 -49.69 57.01
N ILE A 226 -41.71 -48.67 56.99
CA ILE A 226 -42.14 -47.27 56.95
C ILE A 226 -42.36 -46.78 55.52
N ASP A 227 -43.41 -45.99 55.34
CA ASP A 227 -43.68 -45.38 54.05
C ASP A 227 -43.26 -43.92 54.09
N TYR A 228 -42.41 -43.53 53.15
CA TYR A 228 -41.84 -42.19 53.12
C TYR A 228 -42.44 -41.31 52.03
N GLY A 229 -42.89 -40.12 52.42
CA GLY A 229 -43.30 -39.12 51.46
C GLY A 229 -42.11 -38.30 50.98
N ASP A 230 -42.16 -37.85 49.73
CA ASP A 230 -41.12 -36.99 49.17
C ASP A 230 -41.08 -35.61 49.83
N ILE A 231 -39.96 -34.92 49.67
CA ILE A 231 -39.85 -33.56 50.19
C ILE A 231 -40.33 -32.56 49.15
N LEU A 232 -41.47 -31.92 49.43
CA LEU A 232 -42.16 -31.10 48.43
C LEU A 232 -42.08 -29.61 48.71
N PRO A 233 -41.93 -28.79 47.66
CA PRO A 233 -41.99 -27.33 47.82
C PRO A 233 -43.41 -26.83 48.08
N SER A 234 -43.58 -25.96 49.07
CA SER A 234 -44.92 -25.45 49.42
C SER A 234 -45.27 -24.21 48.60
N GLY A 235 -44.29 -23.70 47.84
CA GLY A 235 -44.51 -22.57 46.96
C GLY A 235 -44.25 -21.22 47.60
N ASP A 236 -43.90 -21.22 48.88
CA ASP A 236 -43.58 -19.98 49.58
C ASP A 236 -42.14 -19.94 50.09
N GLY A 237 -41.30 -20.81 49.55
CA GLY A 237 -39.92 -20.88 50.00
C GLY A 237 -39.68 -21.92 51.09
N THR A 238 -40.74 -22.57 51.56
CA THR A 238 -40.58 -23.64 52.54
C THR A 238 -41.07 -24.98 52.00
N TYR A 239 -40.79 -26.04 52.75
CA TYR A 239 -41.06 -27.38 52.26
C TYR A 239 -41.92 -28.17 53.22
N GLN A 240 -42.45 -29.28 52.72
CA GLN A 240 -43.28 -30.15 53.53
C GLN A 240 -43.03 -31.61 53.19
N ALA A 241 -43.26 -32.49 54.17
CA ALA A 241 -43.04 -33.90 53.98
C ALA A 241 -43.79 -34.73 55.01
N TRP A 242 -43.81 -36.04 54.79
CA TRP A 242 -44.46 -36.94 55.73
C TRP A 242 -43.82 -38.32 55.70
N ALA A 243 -44.23 -39.16 56.65
CA ALA A 243 -43.79 -40.54 56.74
C ALA A 243 -44.86 -41.32 57.48
N SER A 244 -45.25 -42.48 56.96
CA SER A 244 -46.35 -43.23 57.56
C SER A 244 -45.99 -44.68 57.85
N ILE A 245 -46.61 -45.22 58.90
CA ILE A 245 -46.48 -46.63 59.25
C ILE A 245 -47.86 -47.19 59.55
N GLU A 246 -47.95 -48.52 59.55
CA GLU A 246 -49.22 -49.19 59.84
C GLU A 246 -49.21 -49.81 61.23
N LEU A 247 -50.18 -49.39 62.04
CA LEU A 247 -50.31 -49.83 63.43
C LEU A 247 -50.85 -51.26 63.50
N ASP A 248 -50.17 -52.10 64.30
CA ASP A 248 -50.64 -53.47 64.53
C ASP A 248 -51.92 -53.43 65.36
N PRO A 249 -52.99 -54.02 64.83
CA PRO A 249 -54.31 -53.96 65.47
C PRO A 249 -54.46 -54.84 66.71
N GLN A 250 -53.57 -55.81 66.89
CA GLN A 250 -53.74 -56.83 67.91
C GLN A 250 -52.81 -56.68 69.12
N SER A 251 -51.83 -55.79 69.03
CA SER A 251 -50.87 -55.59 70.11
C SER A 251 -50.37 -54.16 70.17
N SER A 252 -50.69 -53.46 71.26
CA SER A 252 -50.28 -52.07 71.43
C SER A 252 -48.76 -51.93 71.46
N ASN A 253 -48.29 -50.83 70.89
CA ASN A 253 -46.87 -50.54 70.87
C ASN A 253 -46.64 -49.08 71.19
N LEU A 254 -45.40 -48.73 71.49
CA LEU A 254 -45.08 -47.34 71.70
C LEU A 254 -44.48 -46.85 70.39
N TYR A 255 -45.22 -46.02 69.67
CA TYR A 255 -44.71 -45.50 68.41
C TYR A 255 -44.36 -44.03 68.56
N SER A 256 -43.25 -43.63 67.97
CA SER A 256 -42.81 -42.25 68.05
C SER A 256 -42.22 -41.79 66.73
N CYS A 257 -42.59 -40.57 66.32
CA CYS A 257 -42.05 -39.98 65.13
C CYS A 257 -40.77 -39.21 65.48
N HIS A 258 -39.71 -39.45 64.72
CA HIS A 258 -38.45 -38.75 64.94
C HIS A 258 -38.12 -37.88 63.74
N VAL A 259 -37.79 -36.63 64.01
CA VAL A 259 -37.44 -35.69 62.96
C VAL A 259 -36.14 -34.99 63.26
N GLU A 260 -35.20 -35.07 62.33
CA GLU A 260 -33.94 -34.34 62.46
C GLU A 260 -33.95 -33.25 61.41
N HIS A 261 -33.59 -32.05 61.84
CA HIS A 261 -33.55 -30.90 60.95
C HIS A 261 -32.61 -29.83 61.48
N SER A 262 -31.57 -29.50 60.68
CA SER A 262 -30.56 -28.51 61.05
C SER A 262 -30.03 -28.64 62.48
N GLY A 263 -29.48 -29.80 62.80
CA GLY A 263 -28.83 -30.01 64.08
C GLY A 263 -29.78 -30.12 65.28
N VAL A 264 -31.08 -30.16 65.01
CA VAL A 264 -32.08 -30.31 66.07
C VAL A 264 -32.91 -31.57 65.88
N HIS A 265 -32.98 -32.39 66.92
CA HIS A 265 -33.77 -33.62 66.88
C HIS A 265 -35.08 -33.44 67.62
N MET A 266 -36.12 -34.08 67.11
CA MET A 266 -37.46 -33.88 67.62
C MET A 266 -38.18 -35.22 67.74
N VAL A 267 -38.94 -35.41 68.83
CA VAL A 267 -39.67 -36.65 69.02
C VAL A 267 -41.14 -36.39 69.32
N LEU A 268 -42.02 -37.11 68.62
CA LEU A 268 -43.45 -37.04 68.90
C LEU A 268 -43.95 -38.43 69.24
N GLN A 269 -44.28 -38.65 70.52
CA GLN A 269 -44.78 -39.96 70.96
C GLN A 269 -46.27 -40.05 70.84
N VAL A 270 -46.78 -41.25 70.64
CA VAL A 270 -48.22 -41.48 70.52
C VAL A 270 -48.76 -42.25 71.73
N GLY B 1 -9.07 -10.75 35.98
CA GLY B 1 -8.12 -10.33 37.00
C GLY B 1 -7.49 -8.97 36.78
N GLN B 2 -6.55 -8.60 37.65
CA GLN B 2 -5.96 -7.26 37.63
C GLN B 2 -4.67 -7.20 36.84
N ASN B 3 -3.58 -7.80 37.32
CA ASN B 3 -2.34 -7.64 36.57
C ASN B 3 -1.40 -8.85 36.53
N ILE B 4 -0.56 -8.84 35.50
CA ILE B 4 0.45 -9.85 35.31
C ILE B 4 1.80 -9.13 35.23
N ASP B 5 2.81 -9.67 35.89
CA ASP B 5 4.15 -9.08 35.88
C ASP B 5 5.20 -10.07 35.39
N GLN B 6 5.99 -9.64 34.41
CA GLN B 6 7.17 -10.37 34.00
C GLN B 6 8.26 -9.36 33.65
N PRO B 7 9.54 -9.71 33.85
CA PRO B 7 10.61 -8.73 33.60
C PRO B 7 10.65 -8.27 32.13
N THR B 8 11.01 -7.01 31.91
CA THR B 8 11.03 -6.44 30.58
C THR B 8 12.02 -7.16 29.66
N GLU B 9 13.18 -7.51 30.20
CA GLU B 9 14.27 -8.04 29.39
C GLU B 9 15.20 -8.96 30.18
N MET B 10 15.67 -10.03 29.55
CA MET B 10 16.68 -10.87 30.18
C MET B 10 17.78 -11.23 29.19
N THR B 11 19.00 -11.28 29.69
CA THR B 11 20.15 -11.60 28.86
C THR B 11 20.88 -12.77 29.47
N ALA B 12 21.10 -13.81 28.65
CA ALA B 12 21.83 -14.99 29.10
C ALA B 12 22.77 -15.45 28.00
N THR B 13 23.60 -16.43 28.32
CA THR B 13 24.64 -16.87 27.42
C THR B 13 24.25 -18.17 26.71
N GLU B 14 24.65 -18.29 25.45
CA GLU B 14 24.48 -19.50 24.67
C GLU B 14 24.93 -20.71 25.49
N GLY B 15 24.15 -21.78 25.46
CA GLY B 15 24.49 -23.00 26.17
C GLY B 15 24.04 -23.03 27.62
N ALA B 16 23.75 -21.86 28.18
CA ALA B 16 23.38 -21.81 29.58
C ALA B 16 21.87 -22.01 29.79
N ILE B 17 21.41 -21.67 30.99
CA ILE B 17 20.01 -21.89 31.38
C ILE B 17 19.39 -20.57 31.78
N VAL B 18 18.14 -20.33 31.39
CA VAL B 18 17.47 -19.13 31.85
C VAL B 18 16.04 -19.43 32.32
N GLN B 19 15.65 -18.71 33.36
CA GLN B 19 14.35 -18.88 33.96
C GLN B 19 13.62 -17.57 33.92
N ILE B 20 12.49 -17.55 33.21
CA ILE B 20 11.70 -16.35 33.05
C ILE B 20 10.47 -16.36 33.97
N ASN B 21 10.39 -15.38 34.85
CA ASN B 21 9.33 -15.33 35.87
C ASN B 21 8.06 -14.67 35.40
N CYS B 22 6.94 -15.17 35.91
CA CYS B 22 5.66 -14.51 35.70
C CYS B 22 4.84 -14.57 36.97
N THR B 23 4.59 -13.42 37.60
CA THR B 23 3.71 -13.39 38.77
C THR B 23 2.38 -12.78 38.37
N TYR B 24 1.30 -13.34 38.88
CA TYR B 24 -0.02 -12.84 38.55
C TYR B 24 -0.91 -12.60 39.78
N GLN B 25 -1.63 -11.49 39.76
CA GLN B 25 -2.67 -11.20 40.73
C GLN B 25 -4.00 -11.07 39.99
N THR B 26 -4.80 -12.13 40.02
CA THR B 26 -6.02 -12.17 39.21
C THR B 26 -7.26 -12.55 40.02
N SER B 27 -8.42 -12.28 39.42
CA SER B 27 -9.69 -12.65 40.02
C SER B 27 -10.05 -14.04 39.54
N GLY B 28 -9.60 -15.04 40.28
CA GLY B 28 -9.78 -16.43 39.89
C GLY B 28 -8.67 -16.89 38.96
N PHE B 29 -8.61 -18.20 38.75
CA PHE B 29 -7.53 -18.77 37.97
C PHE B 29 -7.98 -20.00 37.21
N ASN B 30 -7.78 -19.97 35.89
CA ASN B 30 -8.16 -21.09 35.03
C ASN B 30 -7.02 -21.52 34.11
N GLY B 31 -5.79 -21.13 34.44
CA GLY B 31 -4.65 -21.54 33.67
C GLY B 31 -3.65 -20.43 33.32
N LEU B 32 -2.40 -20.84 33.15
CA LEU B 32 -1.36 -19.92 32.74
C LEU B 32 -0.73 -20.44 31.48
N PHE B 33 -0.66 -19.57 30.48
CA PHE B 33 -0.09 -19.89 29.19
C PHE B 33 1.24 -19.19 29.01
N TRP B 34 2.16 -19.84 28.31
CA TRP B 34 3.34 -19.15 27.80
C TRP B 34 3.32 -19.14 26.28
N TYR B 35 3.64 -17.99 25.70
CA TYR B 35 3.77 -17.88 24.25
C TYR B 35 5.15 -17.36 23.90
N GLN B 36 5.65 -17.76 22.73
CA GLN B 36 6.90 -17.22 22.20
C GLN B 36 6.60 -16.34 20.99
N GLN B 37 7.22 -15.16 20.94
CA GLN B 37 7.04 -14.25 19.82
C GLN B 37 8.40 -13.77 19.29
N HIS B 38 8.78 -14.25 18.11
CA HIS B 38 9.99 -13.73 17.48
C HIS B 38 9.72 -12.33 16.97
N ALA B 39 10.75 -11.49 16.97
CA ALA B 39 10.60 -10.11 16.50
C ALA B 39 9.99 -10.07 15.09
N GLY B 40 8.87 -9.36 15.00
CA GLY B 40 8.16 -9.15 13.74
C GLY B 40 7.24 -10.28 13.32
N GLU B 41 7.01 -11.20 14.23
CA GLU B 41 6.28 -12.42 13.92
C GLU B 41 5.07 -12.65 14.83
N ALA B 42 4.33 -13.74 14.61
CA ALA B 42 3.17 -14.04 15.45
C ALA B 42 3.58 -14.76 16.73
N PRO B 43 2.94 -14.45 17.87
CA PRO B 43 3.20 -15.27 19.05
C PRO B 43 2.71 -16.69 18.78
N THR B 44 3.39 -17.70 19.29
CA THR B 44 2.89 -19.07 19.18
C THR B 44 2.89 -19.74 20.53
N PHE B 45 2.02 -20.73 20.68
CA PHE B 45 1.83 -21.42 21.96
C PHE B 45 3.05 -22.23 22.36
N LEU B 46 3.54 -22.01 23.59
CA LEU B 46 4.59 -22.86 24.18
C LEU B 46 4.07 -23.86 25.22
N SER B 47 3.31 -23.37 26.20
CA SER B 47 2.95 -24.24 27.33
C SER B 47 1.73 -23.78 28.09
N TYR B 48 1.21 -24.69 28.91
CA TYR B 48 0.04 -24.44 29.73
C TYR B 48 0.20 -25.16 31.05
N ASN B 49 -0.03 -24.45 32.14
CA ASN B 49 -0.09 -25.05 33.47
C ASN B 49 -1.36 -24.60 34.15
N VAL B 50 -1.98 -25.50 34.91
CA VAL B 50 -3.17 -25.13 35.65
C VAL B 50 -3.15 -25.77 37.02
N LEU B 51 -2.46 -26.91 37.15
CA LEU B 51 -2.26 -27.50 38.46
C LEU B 51 -0.80 -27.30 38.85
N ASP B 52 -0.51 -27.42 40.14
CA ASP B 52 0.83 -27.14 40.64
C ASP B 52 1.85 -28.12 40.08
N GLY B 53 3.07 -27.66 39.83
CA GLY B 53 4.11 -28.55 39.36
C GLY B 53 4.92 -28.08 38.17
N LEU B 54 5.76 -28.99 37.67
CA LEU B 54 6.67 -28.69 36.59
C LEU B 54 6.30 -29.57 35.41
N GLU B 55 6.12 -28.97 34.25
CA GLU B 55 5.84 -29.74 33.05
C GLU B 55 6.95 -29.56 32.01
N GLU B 56 7.58 -30.67 31.61
CA GLU B 56 8.70 -30.60 30.68
C GLU B 56 8.27 -30.88 29.26
N LYS B 57 8.86 -30.15 28.32
CA LYS B 57 8.53 -30.32 26.91
C LYS B 57 9.72 -29.95 26.03
N GLY B 58 10.71 -30.84 25.99
CA GLY B 58 11.97 -30.58 25.28
C GLY B 58 12.97 -29.78 26.10
N ARG B 59 13.58 -28.76 25.50
CA ARG B 59 14.50 -27.90 26.22
C ARG B 59 13.75 -26.93 27.11
N PHE B 60 12.43 -26.85 26.91
CA PHE B 60 11.58 -25.92 27.66
C PHE B 60 10.80 -26.64 28.76
N SER B 61 10.77 -26.03 29.94
CA SER B 61 9.93 -26.50 31.05
C SER B 61 9.07 -25.37 31.58
N SER B 62 7.92 -25.73 32.14
CA SER B 62 6.98 -24.78 32.72
C SER B 62 6.58 -25.14 34.15
N PHE B 63 6.70 -24.18 35.05
CA PHE B 63 6.40 -24.42 36.45
C PHE B 63 5.21 -23.60 36.91
N LEU B 64 4.42 -24.12 37.83
CA LEU B 64 3.32 -23.34 38.39
C LEU B 64 3.13 -23.58 39.88
N SER B 65 2.97 -22.48 40.61
CA SER B 65 2.52 -22.52 41.99
C SER B 65 1.26 -21.65 42.09
N ARG B 66 0.10 -22.28 42.23
CA ARG B 66 -1.15 -21.55 42.29
C ARG B 66 -1.24 -20.72 43.57
N SER B 67 -0.77 -21.27 44.68
CA SER B 67 -0.88 -20.58 45.96
C SER B 67 0.05 -19.37 46.01
N LYS B 68 1.22 -19.49 45.40
CA LYS B 68 2.15 -18.36 45.33
C LYS B 68 1.86 -17.43 44.16
N GLY B 69 0.95 -17.85 43.28
CA GLY B 69 0.61 -17.03 42.14
C GLY B 69 1.80 -16.71 41.24
N TYR B 70 2.62 -17.70 40.93
CA TYR B 70 3.68 -17.46 39.95
C TYR B 70 4.01 -18.69 39.11
N SER B 71 4.59 -18.42 37.94
CA SER B 71 5.03 -19.45 37.02
C SER B 71 6.39 -19.05 36.47
N TYR B 72 7.17 -20.02 36.01
CA TYR B 72 8.35 -19.68 35.23
C TYR B 72 8.48 -20.58 34.03
N LEU B 73 9.07 -20.02 32.98
CA LEU B 73 9.45 -20.78 31.81
C LEU B 73 10.95 -21.02 31.90
N LEU B 74 11.37 -22.28 31.90
CA LEU B 74 12.78 -22.62 32.00
C LEU B 74 13.33 -23.03 30.63
N LEU B 75 14.38 -22.36 30.17
CA LEU B 75 14.98 -22.75 28.90
C LEU B 75 16.39 -23.27 29.15
N LYS B 76 16.63 -24.52 28.78
CA LYS B 76 17.97 -25.12 28.95
C LYS B 76 18.74 -25.14 27.65
N GLU B 77 20.06 -25.20 27.76
CA GLU B 77 20.94 -25.30 26.59
C GLU B 77 20.58 -24.24 25.55
N LEU B 78 20.60 -22.99 26.00
CA LEU B 78 20.16 -21.87 25.17
C LEU B 78 20.87 -21.81 23.84
N GLN B 79 20.09 -21.62 22.79
CA GLN B 79 20.61 -21.41 21.44
C GLN B 79 20.18 -20.02 20.96
N MET B 80 20.85 -19.50 19.93
CA MET B 80 20.56 -18.17 19.41
C MET B 80 19.12 -17.98 18.97
N LYS B 81 18.52 -19.05 18.42
CA LYS B 81 17.13 -19.01 17.95
C LYS B 81 16.10 -18.89 19.07
N ASP B 82 16.56 -18.99 20.32
CA ASP B 82 15.67 -18.78 21.46
C ASP B 82 15.52 -17.29 21.71
N SER B 83 16.30 -16.48 21.00
CA SER B 83 16.14 -15.04 21.08
C SER B 83 14.76 -14.69 20.56
N ALA B 84 13.96 -14.11 21.45
CA ALA B 84 12.56 -13.83 21.17
C ALA B 84 11.95 -13.14 22.37
N SER B 85 10.67 -12.78 22.27
CA SER B 85 9.90 -12.37 23.43
C SER B 85 9.03 -13.52 23.94
N TYR B 86 8.90 -13.60 25.26
CA TYR B 86 8.08 -14.65 25.84
C TYR B 86 6.95 -14.01 26.61
N LEU B 87 5.73 -14.34 26.22
CA LEU B 87 4.54 -13.70 26.75
C LEU B 87 3.82 -14.60 27.74
N CYS B 88 3.56 -14.06 28.93
CA CYS B 88 2.80 -14.79 29.95
C CYS B 88 1.33 -14.38 29.90
N ALA B 89 0.43 -15.34 29.96
CA ALA B 89 -1.00 -15.02 29.95
C ALA B 89 -1.83 -15.88 30.92
N VAL B 90 -2.70 -15.23 31.67
CA VAL B 90 -3.51 -15.96 32.65
C VAL B 90 -4.99 -15.87 32.30
N LYS B 91 -5.68 -17.00 32.45
CA LYS B 91 -7.14 -17.04 32.29
C LYS B 91 -7.80 -16.79 33.63
N ASP B 92 -8.68 -15.79 33.71
CA ASP B 92 -9.32 -15.46 34.98
C ASP B 92 -10.63 -16.22 35.18
N SER B 93 -11.36 -15.88 36.24
CA SER B 93 -12.63 -16.53 36.57
C SER B 93 -13.64 -16.53 35.44
N ASN B 94 -13.60 -15.50 34.60
CA ASN B 94 -14.54 -15.37 33.49
C ASN B 94 -13.91 -15.78 32.15
N TYR B 95 -12.84 -16.58 32.24
CA TYR B 95 -12.18 -17.19 31.08
C TYR B 95 -11.63 -16.12 30.13
N GLN B 96 -11.39 -14.93 30.68
CA GLN B 96 -10.76 -13.87 29.90
C GLN B 96 -9.26 -13.90 30.11
N LEU B 97 -8.52 -13.66 29.04
CA LEU B 97 -7.06 -13.69 29.07
C LEU B 97 -6.47 -12.36 29.50
N ILE B 98 -5.62 -12.40 30.52
CA ILE B 98 -4.85 -11.24 30.92
C ILE B 98 -3.38 -11.46 30.55
N TRP B 99 -2.82 -10.52 29.79
CA TRP B 99 -1.49 -10.66 29.19
C TRP B 99 -0.39 -9.88 29.89
N GLY B 100 0.73 -10.56 30.16
CA GLY B 100 1.92 -9.87 30.61
C GLY B 100 2.50 -9.02 29.49
N ALA B 101 3.39 -8.09 29.83
CA ALA B 101 3.96 -7.16 28.85
C ALA B 101 5.03 -7.84 27.99
N GLY B 102 5.38 -9.05 28.36
CA GLY B 102 6.35 -9.82 27.61
C GLY B 102 7.75 -9.65 28.14
N THR B 103 8.55 -10.69 28.02
CA THR B 103 9.96 -10.65 28.35
C THR B 103 10.79 -10.90 27.10
N LYS B 104 11.60 -9.91 26.74
CA LYS B 104 12.51 -10.05 25.62
C LYS B 104 13.75 -10.78 26.07
N LEU B 105 14.02 -11.94 25.48
CA LEU B 105 15.21 -12.69 25.84
C LEU B 105 16.33 -12.46 24.79
N ILE B 106 17.49 -12.03 25.30
CA ILE B 106 18.66 -11.77 24.47
C ILE B 106 19.73 -12.81 24.77
N ILE B 107 20.22 -13.46 23.72
CA ILE B 107 21.24 -14.50 23.88
C ILE B 107 22.61 -13.99 23.43
N LYS B 108 23.59 -14.04 24.32
CA LYS B 108 24.96 -13.73 23.94
C LYS B 108 25.60 -14.97 23.33
N PRO B 109 26.06 -14.86 22.08
CA PRO B 109 26.71 -15.99 21.42
C PRO B 109 28.02 -16.34 22.10
N ASP B 110 28.36 -17.63 22.14
CA ASP B 110 29.64 -18.04 22.69
C ASP B 110 30.71 -17.90 21.61
N ILE B 111 31.53 -16.86 21.70
CA ILE B 111 32.55 -16.59 20.68
C ILE B 111 33.84 -17.38 20.96
N GLN B 112 34.07 -18.39 20.12
CA GLN B 112 35.15 -19.34 20.28
C GLN B 112 36.54 -18.69 20.17
N ASN B 113 36.71 -17.88 19.13
CA ASN B 113 37.98 -17.21 18.89
C ASN B 113 37.78 -15.76 18.55
N PRO B 114 37.67 -14.92 19.59
CA PRO B 114 37.47 -13.48 19.40
C PRO B 114 38.64 -12.88 18.62
N ASP B 115 38.32 -11.95 17.73
CA ASP B 115 39.30 -11.30 16.90
C ASP B 115 38.85 -9.86 16.62
N PRO B 116 38.69 -9.05 17.67
CA PRO B 116 38.08 -7.72 17.50
C PRO B 116 38.85 -6.84 16.52
N ALA B 117 38.11 -6.21 15.61
CA ALA B 117 38.70 -5.33 14.61
C ALA B 117 37.70 -4.31 14.09
N VAL B 118 38.21 -3.19 13.61
CA VAL B 118 37.38 -2.16 12.97
C VAL B 118 37.84 -1.96 11.54
N TYR B 119 37.03 -2.41 10.59
CA TYR B 119 37.40 -2.30 9.19
C TYR B 119 36.70 -1.17 8.50
N GLN B 120 37.33 -0.62 7.47
CA GLN B 120 36.64 0.32 6.63
C GLN B 120 36.21 -0.40 5.36
N LEU B 121 34.94 -0.23 5.02
CA LEU B 121 34.38 -0.85 3.84
C LEU B 121 34.58 0.13 2.71
N ARG B 122 34.62 -0.38 1.48
CA ARG B 122 34.89 0.48 0.35
C ARG B 122 33.65 1.32 0.10
N ASP B 123 33.88 2.58 -0.26
CA ASP B 123 32.82 3.51 -0.56
C ASP B 123 31.91 3.00 -1.67
N SER B 124 30.71 3.55 -1.72
CA SER B 124 29.78 3.28 -2.81
C SER B 124 29.67 4.53 -3.66
N LYS B 125 29.79 4.37 -4.97
CA LYS B 125 29.72 5.50 -5.88
C LYS B 125 28.34 6.17 -5.87
N SER B 126 27.36 5.50 -5.25
CA SER B 126 25.99 5.99 -5.25
C SER B 126 25.57 6.53 -3.88
N SER B 127 26.55 6.78 -3.03
CA SER B 127 26.30 7.25 -1.67
C SER B 127 27.44 8.15 -1.20
N ASP B 128 27.16 9.10 -0.33
CA ASP B 128 28.20 9.97 0.21
C ASP B 128 28.72 9.51 1.58
N LYS B 129 28.21 8.38 2.07
CA LYS B 129 28.65 7.93 3.38
C LYS B 129 29.93 7.12 3.30
N SER B 130 30.64 7.03 4.42
CA SER B 130 31.69 6.05 4.53
C SER B 130 31.29 5.14 5.68
N VAL B 131 31.66 3.87 5.60
CA VAL B 131 31.08 2.90 6.51
C VAL B 131 32.15 2.10 7.25
N CYS B 132 31.98 1.99 8.57
CA CYS B 132 32.90 1.26 9.42
C CYS B 132 32.25 0.05 10.06
N LEU B 133 32.95 -1.09 10.02
CA LEU B 133 32.45 -2.33 10.61
C LEU B 133 33.28 -2.72 11.81
N PHE B 134 32.69 -2.64 12.99
CA PHE B 134 33.28 -3.16 14.23
C PHE B 134 32.83 -4.61 14.35
N THR B 135 33.76 -5.57 14.36
CA THR B 135 33.36 -6.97 14.20
C THR B 135 34.28 -7.98 14.92
N ASP B 136 33.75 -9.18 15.10
CA ASP B 136 34.48 -10.34 15.63
C ASP B 136 34.88 -10.20 17.10
N PHE B 137 34.23 -9.30 17.83
CA PHE B 137 34.49 -9.15 19.26
C PHE B 137 33.67 -10.10 20.13
N ASP B 138 34.18 -10.33 21.34
CA ASP B 138 33.56 -11.17 22.34
C ASP B 138 32.22 -10.59 22.77
N SER B 139 31.28 -11.45 23.16
CA SER B 139 29.93 -11.01 23.51
C SER B 139 29.86 -10.12 24.75
N GLN B 140 30.94 -10.06 25.52
CA GLN B 140 30.96 -9.27 26.74
C GLN B 140 31.09 -7.79 26.40
N THR B 141 31.43 -7.50 25.15
CA THR B 141 31.55 -6.14 24.67
C THR B 141 30.18 -5.52 24.34
N ASN B 142 29.97 -4.30 24.81
CA ASN B 142 28.76 -3.55 24.49
C ASN B 142 29.03 -2.35 23.61
N VAL B 143 28.16 -2.14 22.62
CA VAL B 143 28.33 -1.04 21.68
C VAL B 143 27.47 0.17 22.07
N SER B 144 28.11 1.30 22.30
CA SER B 144 27.40 2.50 22.70
C SER B 144 26.90 3.28 21.49
N GLN B 145 25.81 4.04 21.69
CA GLN B 145 25.25 4.91 20.66
C GLN B 145 26.23 6.03 20.36
N SER B 146 25.99 6.78 19.30
CA SER B 146 26.94 7.83 18.95
C SER B 146 26.75 9.07 19.81
N LYS B 147 27.83 9.85 19.95
CA LYS B 147 27.76 11.12 20.64
C LYS B 147 27.58 12.22 19.60
N ASP B 148 28.32 12.11 18.49
CA ASP B 148 28.23 13.04 17.37
C ASP B 148 26.94 12.84 16.59
N SER B 149 26.19 13.91 16.36
CA SER B 149 24.85 13.80 15.79
C SER B 149 24.83 13.54 14.29
N ASP B 150 25.98 13.61 13.63
CA ASP B 150 26.05 13.23 12.23
C ASP B 150 26.71 11.87 12.02
N VAL B 151 26.88 11.14 13.11
CA VAL B 151 27.41 9.78 13.05
C VAL B 151 26.38 8.80 13.57
N TYR B 152 26.11 7.75 12.80
CA TYR B 152 25.09 6.77 13.14
C TYR B 152 25.72 5.43 13.46
N ILE B 153 25.37 4.87 14.61
CA ILE B 153 25.91 3.59 15.05
C ILE B 153 24.80 2.63 15.44
N THR B 154 24.84 1.43 14.84
CA THR B 154 23.84 0.42 15.17
C THR B 154 24.34 -0.49 16.29
N ASP B 155 23.42 -1.19 16.93
CA ASP B 155 23.76 -2.12 18.01
C ASP B 155 24.44 -3.36 17.44
N LYS B 156 25.01 -4.19 18.32
CA LYS B 156 25.66 -5.40 17.86
C LYS B 156 24.64 -6.39 17.32
N CYS B 157 25.03 -7.07 16.26
CA CYS B 157 24.16 -7.99 15.57
C CYS B 157 24.92 -9.31 15.47
N VAL B 158 24.24 -10.43 15.69
CA VAL B 158 24.92 -11.73 15.67
C VAL B 158 24.65 -12.47 14.37
N LEU B 159 25.69 -12.75 13.60
CA LEU B 159 25.46 -13.49 12.36
C LEU B 159 26.01 -14.91 12.43
N ASP B 160 25.37 -15.78 11.66
CA ASP B 160 25.69 -17.19 11.67
C ASP B 160 26.00 -17.66 10.26
N MET B 161 27.25 -18.02 10.02
CA MET B 161 27.63 -18.65 8.77
C MET B 161 27.57 -20.16 8.95
N ARG B 162 26.40 -20.74 8.68
CA ARG B 162 26.19 -22.16 8.99
C ARG B 162 27.13 -23.11 8.25
N SER B 163 27.62 -22.71 7.09
CA SER B 163 28.50 -23.57 6.31
C SER B 163 29.87 -23.71 6.96
N MET B 164 30.15 -22.90 7.97
CA MET B 164 31.41 -22.96 8.70
C MET B 164 31.18 -23.11 10.21
N ASP B 165 29.91 -23.22 10.62
CA ASP B 165 29.54 -23.27 12.03
C ASP B 165 30.20 -22.09 12.77
N PHE B 166 30.10 -20.91 12.18
CA PHE B 166 30.82 -19.76 12.67
C PHE B 166 29.86 -18.63 12.98
N LYS B 167 30.00 -18.07 14.18
CA LYS B 167 29.20 -16.94 14.60
C LYS B 167 30.06 -15.73 14.89
N SER B 168 29.52 -14.54 14.67
CA SER B 168 30.27 -13.32 15.00
C SER B 168 29.36 -12.12 15.28
N ASN B 169 29.78 -11.29 16.24
CA ASN B 169 29.14 -10.03 16.50
C ASN B 169 29.66 -8.95 15.55
N SER B 170 28.84 -7.95 15.29
CA SER B 170 29.29 -6.78 14.56
C SER B 170 28.32 -5.63 14.77
N ALA B 171 28.87 -4.42 14.69
CA ALA B 171 28.08 -3.20 14.71
C ALA B 171 28.59 -2.31 13.59
N VAL B 172 27.68 -1.52 13.03
CA VAL B 172 28.01 -0.67 11.89
C VAL B 172 27.96 0.82 12.26
N ALA B 173 28.91 1.59 11.73
CA ALA B 173 28.93 3.03 11.92
C ALA B 173 29.09 3.75 10.57
N TRP B 174 28.38 4.86 10.37
CA TRP B 174 28.54 5.60 9.11
C TRP B 174 28.26 7.10 9.26
N SER B 175 28.78 7.86 8.31
CA SER B 175 28.63 9.31 8.30
C SER B 175 29.02 9.86 6.94
N ASN B 176 28.55 11.06 6.62
CA ASN B 176 29.03 11.74 5.41
C ASN B 176 29.92 12.92 5.75
N LYS B 177 30.28 13.04 7.03
CA LYS B 177 31.22 14.06 7.47
C LYS B 177 32.60 13.88 6.85
N SER B 178 33.25 15.00 6.55
CA SER B 178 34.60 14.98 5.99
C SER B 178 35.55 14.49 7.06
N ASP B 179 35.18 14.80 8.30
CA ASP B 179 35.99 14.52 9.48
C ASP B 179 35.91 13.05 9.91
N PHE B 180 35.00 12.30 9.31
CA PHE B 180 34.72 10.95 9.77
C PHE B 180 35.80 9.93 9.40
N ALA B 181 36.38 9.28 10.41
CA ALA B 181 37.34 8.20 10.20
C ALA B 181 36.95 6.98 11.03
N CYS B 182 37.36 5.80 10.56
CA CYS B 182 37.01 4.56 11.25
C CYS B 182 37.79 4.36 12.54
N ALA B 183 38.95 4.99 12.63
CA ALA B 183 39.77 4.87 13.84
C ALA B 183 39.11 5.56 15.03
N ASN B 184 38.16 6.43 14.75
CA ASN B 184 37.50 7.24 15.76
C ASN B 184 36.00 6.90 15.94
N ALA B 185 35.47 6.10 15.03
CA ALA B 185 34.03 5.86 14.94
C ALA B 185 33.41 5.29 16.22
N PHE B 186 34.15 4.41 16.90
CA PHE B 186 33.62 3.73 18.07
C PHE B 186 34.31 4.18 19.36
N ASN B 187 34.71 5.45 19.39
CA ASN B 187 35.43 5.99 20.53
C ASN B 187 34.54 6.20 21.75
N ASN B 188 33.23 6.22 21.53
CA ASN B 188 32.29 6.36 22.64
C ASN B 188 32.02 5.02 23.28
N SER B 189 32.54 3.96 22.66
CA SER B 189 32.33 2.61 23.17
C SER B 189 33.57 2.11 23.88
N ILE B 190 33.38 1.18 24.80
CA ILE B 190 34.49 0.51 25.45
C ILE B 190 34.80 -0.75 24.66
N ILE B 191 35.83 -0.68 23.82
CA ILE B 191 36.17 -1.79 22.96
C ILE B 191 37.42 -2.47 23.51
N PRO B 192 37.65 -3.75 23.12
CA PRO B 192 38.80 -4.51 23.62
C PRO B 192 40.14 -3.80 23.36
N GLU B 193 41.14 -4.09 24.20
CA GLU B 193 42.46 -3.48 24.05
C GLU B 193 43.11 -3.90 22.74
N ASP B 194 42.90 -5.16 22.37
CA ASP B 194 43.54 -5.75 21.21
C ASP B 194 42.81 -5.54 19.89
N THR B 195 41.96 -4.52 19.81
CA THR B 195 41.18 -4.30 18.60
C THR B 195 42.07 -3.93 17.42
N PHE B 196 42.03 -4.76 16.38
CA PHE B 196 42.82 -4.54 15.17
C PHE B 196 42.31 -3.33 14.39
N PHE B 197 43.16 -2.31 14.26
CA PHE B 197 42.84 -1.14 13.45
C PHE B 197 43.78 -1.08 12.24
N PRO B 198 43.42 -1.80 11.16
CA PRO B 198 44.24 -1.87 9.94
C PRO B 198 44.49 -0.50 9.33
N SER B 199 45.70 -0.27 8.85
CA SER B 199 46.10 1.03 8.32
C SER B 199 45.24 1.47 7.12
N PRO B 200 44.84 2.75 7.11
CA PRO B 200 43.96 3.31 6.07
C PRO B 200 44.65 3.41 4.71
N ALA C 2 -3.84 -23.63 6.31
CA ALA C 2 -3.19 -22.34 6.11
C ALA C 2 -3.02 -21.58 7.43
N GLY C 3 -3.90 -21.85 8.39
CA GLY C 3 -3.86 -21.25 9.71
C GLY C 3 -4.69 -20.00 9.80
N VAL C 4 -4.11 -18.93 10.36
CA VAL C 4 -4.79 -17.65 10.45
C VAL C 4 -4.16 -16.64 9.49
N THR C 5 -4.93 -16.19 8.51
CA THR C 5 -4.44 -15.26 7.49
C THR C 5 -5.04 -13.88 7.63
N GLN C 6 -4.21 -12.86 7.84
CA GLN C 6 -4.75 -11.50 7.93
C GLN C 6 -4.04 -10.56 6.95
N THR C 7 -4.79 -9.57 6.48
CA THR C 7 -4.29 -8.56 5.55
C THR C 7 -4.84 -7.20 5.95
N PRO C 8 -4.09 -6.12 5.66
CA PRO C 8 -2.78 -6.11 5.03
C PRO C 8 -1.66 -6.32 6.03
N LYS C 9 -0.46 -6.60 5.53
CA LYS C 9 0.70 -6.78 6.40
C LYS C 9 1.14 -5.41 6.91
N PHE C 10 0.97 -4.39 6.07
CA PHE C 10 1.31 -3.01 6.41
C PHE C 10 0.26 -2.01 5.93
N GLN C 11 0.15 -0.88 6.60
CA GLN C 11 -0.76 0.16 6.13
C GLN C 11 -0.47 1.52 6.75
N VAL C 12 -0.41 2.53 5.89
CA VAL C 12 -0.31 3.93 6.29
C VAL C 12 -1.69 4.53 6.13
N LEU C 13 -2.12 5.34 7.10
CA LEU C 13 -3.42 5.97 7.05
C LEU C 13 -3.30 7.43 7.48
N LYS C 14 -4.06 8.31 6.84
CA LYS C 14 -4.17 9.69 7.28
C LYS C 14 -5.25 9.78 8.37
N THR C 15 -5.08 10.71 9.31
CA THR C 15 -6.06 10.91 10.38
C THR C 15 -7.45 11.13 9.78
N GLY C 16 -8.44 10.38 10.27
CA GLY C 16 -9.81 10.52 9.79
C GLY C 16 -10.23 9.49 8.77
N GLN C 17 -9.28 8.71 8.30
CA GLN C 17 -9.52 7.71 7.25
C GLN C 17 -10.18 6.42 7.78
N SER C 18 -11.01 5.81 6.94
CA SER C 18 -11.62 4.53 7.27
C SER C 18 -10.65 3.41 6.93
N MET C 19 -10.82 2.25 7.54
CA MET C 19 -9.92 1.13 7.31
C MET C 19 -10.59 -0.19 7.70
N THR C 20 -10.40 -1.22 6.89
CA THR C 20 -10.89 -2.53 7.26
C THR C 20 -9.76 -3.55 7.22
N LEU C 21 -9.57 -4.27 8.33
CA LEU C 21 -8.57 -5.34 8.37
C LEU C 21 -9.27 -6.68 8.15
N GLN C 22 -8.67 -7.55 7.35
CA GLN C 22 -9.30 -8.82 7.02
C GLN C 22 -8.67 -9.95 7.86
N CYS C 23 -9.48 -10.97 8.19
CA CYS C 23 -8.96 -12.14 8.87
C CYS C 23 -9.79 -13.39 8.59
N ALA C 24 -9.11 -14.45 8.16
CA ALA C 24 -9.75 -15.74 7.96
C ALA C 24 -8.93 -16.84 8.62
N GLN C 25 -9.61 -17.91 9.02
CA GLN C 25 -8.94 -19.09 9.56
C GLN C 25 -9.58 -20.33 8.96
N ASP C 26 -8.74 -21.27 8.53
CA ASP C 26 -9.21 -22.47 7.85
C ASP C 26 -9.13 -23.69 8.78
N MET C 27 -9.17 -23.45 10.07
CA MET C 27 -8.98 -24.54 11.03
C MET C 27 -10.32 -24.96 11.65
N ASN C 28 -11.39 -24.41 11.10
CA ASN C 28 -12.75 -24.65 11.57
C ASN C 28 -12.91 -24.27 13.05
N HIS C 29 -12.19 -23.23 13.46
CA HIS C 29 -12.30 -22.74 14.83
C HIS C 29 -13.60 -21.98 15.00
N ASN C 30 -14.11 -22.02 16.22
CA ASN C 30 -15.33 -21.30 16.55
C ASN C 30 -15.09 -19.86 17.05
N SER C 31 -14.00 -19.67 17.80
CA SER C 31 -13.71 -18.39 18.42
C SER C 31 -12.63 -17.60 17.68
N MET C 32 -12.89 -16.31 17.45
CA MET C 32 -11.91 -15.43 16.80
C MET C 32 -11.76 -14.11 17.56
N TYR C 33 -10.58 -13.51 17.44
CA TYR C 33 -10.21 -12.36 18.26
C TYR C 33 -9.42 -11.34 17.45
N TRP C 34 -9.57 -10.08 17.86
CA TRP C 34 -8.68 -9.02 17.37
C TRP C 34 -7.96 -8.35 18.55
N TYR C 35 -6.64 -8.35 18.48
CA TYR C 35 -5.80 -7.72 19.51
C TYR C 35 -5.02 -6.56 18.94
N ARG C 36 -4.60 -5.64 19.80
CA ARG C 36 -3.53 -4.72 19.44
C ARG C 36 -2.36 -4.88 20.40
N GLN C 37 -1.15 -4.75 19.84
CA GLN C 37 0.07 -4.88 20.61
C GLN C 37 0.86 -3.58 20.56
N ASP C 38 1.09 -2.99 21.73
CA ASP C 38 1.84 -1.75 21.82
C ASP C 38 3.05 -1.91 22.75
N PRO C 39 4.13 -1.19 22.46
CA PRO C 39 5.33 -1.19 23.30
C PRO C 39 5.03 -1.05 24.79
N GLY C 40 5.64 -1.90 25.60
CA GLY C 40 5.59 -1.76 27.05
C GLY C 40 4.31 -2.21 27.71
N MET C 41 3.44 -2.88 26.95
CA MET C 41 2.23 -3.44 27.54
C MET C 41 1.86 -4.74 26.87
N GLY C 42 1.06 -5.54 27.56
CA GLY C 42 0.59 -6.79 27.00
C GLY C 42 -0.51 -6.60 25.98
N LEU C 43 -0.78 -7.65 25.23
CA LEU C 43 -1.85 -7.66 24.23
C LEU C 43 -3.16 -7.19 24.86
N ARG C 44 -3.87 -6.34 24.14
CA ARG C 44 -5.16 -5.86 24.59
C ARG C 44 -6.24 -6.24 23.58
N LEU C 45 -7.30 -6.86 24.07
CA LEU C 45 -8.39 -7.31 23.22
C LEU C 45 -9.27 -6.15 22.79
N ILE C 46 -9.52 -6.05 21.48
CA ILE C 46 -10.34 -4.98 20.93
C ILE C 46 -11.81 -5.42 20.83
N TYR C 47 -12.02 -6.46 20.04
CA TYR C 47 -13.30 -7.17 19.98
C TYR C 47 -13.02 -8.67 19.88
N TYR C 48 -14.02 -9.48 20.23
CA TYR C 48 -13.92 -10.92 20.00
C TYR C 48 -15.25 -11.51 19.56
N SER C 49 -15.20 -12.75 19.10
CA SER C 49 -16.38 -13.46 18.64
C SER C 49 -16.30 -14.88 19.18
N ALA C 50 -17.12 -15.16 20.20
CA ALA C 50 -17.07 -16.45 20.90
C ALA C 50 -17.40 -17.62 19.99
N SER C 51 -18.32 -17.41 19.07
CA SER C 51 -18.68 -18.39 18.06
C SER C 51 -19.36 -17.66 16.92
N GLU C 52 -19.66 -18.38 15.83
CA GLU C 52 -20.35 -17.79 14.71
C GLU C 52 -21.68 -17.22 15.19
N GLY C 53 -22.04 -16.03 14.73
CA GLY C 53 -23.32 -15.44 15.11
C GLY C 53 -23.35 -14.46 16.28
N THR C 54 -22.24 -14.31 17.01
CA THR C 54 -22.15 -13.27 18.06
C THR C 54 -20.75 -12.69 18.17
N THR C 55 -20.71 -11.41 18.52
CA THR C 55 -19.48 -10.69 18.79
C THR C 55 -19.71 -9.82 20.02
N ASP C 56 -18.63 -9.36 20.65
CA ASP C 56 -18.76 -8.46 21.80
C ASP C 56 -17.49 -7.64 22.01
N LYS C 57 -17.63 -6.53 22.73
CA LYS C 57 -16.52 -5.63 23.03
C LYS C 57 -15.42 -6.33 23.82
N GLY C 58 -14.19 -5.94 23.57
CA GLY C 58 -13.08 -6.39 24.38
C GLY C 58 -12.74 -5.30 25.39
N GLU C 59 -11.45 -5.15 25.68
CA GLU C 59 -11.00 -4.15 26.62
C GLU C 59 -10.94 -2.73 26.00
N VAL C 60 -10.59 -2.64 24.72
CA VAL C 60 -10.46 -1.34 24.06
C VAL C 60 -11.29 -1.23 22.77
N PRO C 61 -12.63 -1.24 22.88
CA PRO C 61 -13.50 -1.25 21.69
C PRO C 61 -13.66 0.10 21.00
N ASN C 62 -13.49 1.21 21.72
CA ASN C 62 -13.76 2.55 21.16
C ASN C 62 -12.87 2.89 19.98
N GLY C 63 -13.50 3.29 18.88
CA GLY C 63 -12.79 3.60 17.65
C GLY C 63 -12.88 2.46 16.67
N TYR C 64 -13.31 1.30 17.15
CA TYR C 64 -13.36 0.10 16.32
C TYR C 64 -14.77 -0.52 16.30
N ASN C 65 -15.04 -1.32 15.27
CA ASN C 65 -16.16 -2.26 15.29
C ASN C 65 -15.77 -3.45 14.42
N VAL C 66 -16.50 -4.55 14.55
CA VAL C 66 -16.15 -5.78 13.84
C VAL C 66 -17.34 -6.47 13.19
N SER C 67 -17.03 -7.42 12.32
CA SER C 67 -18.06 -8.27 11.76
C SER C 67 -17.57 -9.71 11.68
N ARG C 68 -18.28 -10.59 12.38
CA ARG C 68 -18.09 -12.02 12.16
C ARG C 68 -18.91 -12.38 10.92
N LEU C 69 -18.29 -12.28 9.75
CA LEU C 69 -18.99 -12.46 8.48
C LEU C 69 -19.53 -13.88 8.34
N ASN C 70 -18.72 -14.84 8.76
CA ASN C 70 -19.09 -16.25 8.73
C ASN C 70 -18.25 -16.99 9.77
N LYS C 71 -18.16 -18.31 9.67
CA LYS C 71 -17.41 -19.05 10.65
C LYS C 71 -15.90 -18.85 10.50
N ARG C 72 -15.45 -18.57 9.28
CA ARG C 72 -14.02 -18.41 9.00
C ARG C 72 -13.52 -16.98 9.18
N GLU C 73 -14.37 -15.99 8.92
CA GLU C 73 -13.88 -14.62 8.77
C GLU C 73 -14.36 -13.66 9.86
N PHE C 74 -13.46 -12.78 10.28
CA PHE C 74 -13.69 -11.84 11.35
C PHE C 74 -12.93 -10.55 11.06
N SER C 75 -13.60 -9.57 10.47
CA SER C 75 -12.87 -8.38 10.04
C SER C 75 -13.00 -7.23 11.04
N LEU C 76 -11.94 -6.44 11.14
CA LEU C 76 -11.86 -5.34 12.09
C LEU C 76 -11.86 -4.03 11.34
N ARG C 77 -12.70 -3.12 11.79
CA ARG C 77 -12.94 -1.87 11.09
C ARG C 77 -12.49 -0.68 11.94
N LEU C 78 -11.72 0.22 11.35
CA LEU C 78 -11.39 1.49 11.98
C LEU C 78 -12.33 2.57 11.44
N GLU C 79 -13.12 3.15 12.33
CA GLU C 79 -14.14 4.11 11.93
C GLU C 79 -13.50 5.37 11.38
N SER C 80 -12.78 6.09 12.23
CA SER C 80 -12.05 7.28 11.82
C SER C 80 -10.64 7.24 12.41
N ALA C 81 -9.67 6.82 11.60
CA ALA C 81 -8.31 6.57 12.07
C ALA C 81 -7.73 7.71 12.90
N ALA C 82 -7.15 7.35 14.04
CA ALA C 82 -6.51 8.29 14.95
C ALA C 82 -5.07 7.87 15.21
N PRO C 83 -4.18 8.86 15.46
CA PRO C 83 -2.77 8.55 15.72
C PRO C 83 -2.57 7.53 16.84
N SER C 84 -3.45 7.53 17.84
CA SER C 84 -3.34 6.58 18.93
C SER C 84 -3.67 5.15 18.48
N GLN C 85 -4.29 5.00 17.30
CA GLN C 85 -4.60 3.66 16.79
C GLN C 85 -3.43 3.12 15.97
N THR C 86 -2.34 3.86 15.96
CA THR C 86 -1.08 3.37 15.42
C THR C 86 -0.60 2.21 16.29
N SER C 87 -0.47 1.04 15.68
CA SER C 87 -0.20 -0.18 16.43
C SER C 87 0.05 -1.36 15.51
N VAL C 88 0.31 -2.52 16.10
CA VAL C 88 0.33 -3.76 15.35
C VAL C 88 -0.89 -4.56 15.76
N TYR C 89 -1.69 -4.94 14.78
CA TYR C 89 -2.93 -5.64 15.06
C TYR C 89 -2.79 -7.12 14.76
N PHE C 90 -3.24 -7.94 15.71
CA PHE C 90 -3.14 -9.38 15.57
C PHE C 90 -4.51 -10.03 15.59
N CYS C 91 -4.79 -10.81 14.57
CA CYS C 91 -5.94 -11.67 14.60
C CYS C 91 -5.57 -13.01 15.24
N ALA C 92 -6.48 -13.58 16.01
CA ALA C 92 -6.27 -14.89 16.59
C ALA C 92 -7.55 -15.71 16.61
N SER C 93 -7.41 -17.02 16.70
CA SER C 93 -8.57 -17.90 16.78
C SER C 93 -8.31 -19.07 17.73
N SER C 94 -9.38 -19.61 18.28
CA SER C 94 -9.29 -20.82 19.09
C SER C 94 -10.48 -21.73 18.80
N VAL C 95 -10.34 -23.01 19.11
CA VAL C 95 -11.37 -23.99 18.81
C VAL C 95 -12.66 -23.62 19.50
N TRP C 96 -12.55 -23.18 20.74
CA TRP C 96 -13.72 -22.75 21.52
C TRP C 96 -13.29 -21.96 22.75
N THR C 97 -13.81 -20.73 22.86
CA THR C 97 -13.55 -19.95 24.06
C THR C 97 -14.38 -20.59 25.17
N GLY C 98 -13.92 -20.51 26.42
CA GLY C 98 -14.58 -21.23 27.49
C GLY C 98 -13.82 -22.49 27.80
N GLU C 99 -13.47 -23.25 26.76
CA GLU C 99 -12.57 -24.40 26.92
C GLU C 99 -11.29 -23.85 27.54
N GLY C 100 -11.04 -24.24 28.78
CA GLY C 100 -9.97 -23.65 29.56
C GLY C 100 -8.52 -23.82 29.15
N SER C 101 -8.19 -24.92 28.49
CA SER C 101 -6.80 -25.16 28.15
C SER C 101 -6.47 -24.88 26.70
N GLY C 102 -7.46 -24.44 25.93
CA GLY C 102 -7.29 -24.20 24.50
C GLY C 102 -6.43 -22.98 24.22
N GLU C 103 -5.40 -23.16 23.40
CA GLU C 103 -4.51 -22.04 23.09
C GLU C 103 -5.08 -21.21 21.95
N LEU C 104 -4.50 -20.02 21.77
CA LEU C 104 -4.80 -19.15 20.62
C LEU C 104 -3.86 -19.44 19.46
N PHE C 105 -4.37 -19.26 18.25
CA PHE C 105 -3.54 -19.33 17.04
C PHE C 105 -3.55 -17.96 16.40
N PHE C 106 -2.37 -17.36 16.29
CA PHE C 106 -2.25 -15.98 15.83
C PHE C 106 -1.98 -15.86 14.33
N GLY C 107 -2.48 -14.76 13.74
CA GLY C 107 -2.15 -14.37 12.38
C GLY C 107 -0.84 -13.60 12.37
N GLU C 108 -0.39 -13.21 11.19
CA GLU C 108 0.94 -12.61 11.03
C GLU C 108 1.06 -11.17 11.49
N GLY C 109 -0.07 -10.53 11.76
CA GLY C 109 -0.04 -9.15 12.23
C GLY C 109 -0.25 -8.13 11.11
N SER C 110 -0.69 -6.95 11.50
CA SER C 110 -0.91 -5.87 10.57
C SER C 110 -0.32 -4.61 11.17
N ARG C 111 0.71 -4.06 10.57
CA ARG C 111 1.26 -2.84 11.14
C ARG C 111 0.58 -1.61 10.56
N LEU C 112 -0.12 -0.88 11.43
CA LEU C 112 -0.79 0.36 11.05
C LEU C 112 -0.08 1.58 11.61
N THR C 113 0.17 2.55 10.76
CA THR C 113 0.70 3.83 11.20
C THR C 113 -0.27 4.93 10.77
N VAL C 114 -0.74 5.72 11.73
CA VAL C 114 -1.66 6.81 11.45
C VAL C 114 -0.95 8.15 11.59
N LEU C 115 -0.99 8.96 10.54
CA LEU C 115 -0.34 10.27 10.51
C LEU C 115 -1.33 11.37 10.25
N GLU C 116 -1.08 12.56 10.82
CA GLU C 116 -1.95 13.71 10.57
C GLU C 116 -1.93 14.09 9.10
N ASP C 117 -0.80 13.82 8.45
CA ASP C 117 -0.62 14.18 7.06
C ASP C 117 0.55 13.36 6.53
N LEU C 118 0.53 13.04 5.24
CA LEU C 118 1.51 12.12 4.68
C LEU C 118 2.82 12.79 4.23
N LYS C 119 2.97 14.09 4.48
CA LYS C 119 4.11 14.83 3.96
C LYS C 119 5.46 14.38 4.52
N ASN C 120 5.48 13.57 5.58
CA ASN C 120 6.75 13.09 6.12
C ASN C 120 7.08 11.65 5.68
N VAL C 121 6.18 11.03 4.92
CA VAL C 121 6.43 9.68 4.42
C VAL C 121 7.55 9.64 3.37
N PHE C 122 8.55 8.80 3.62
CA PHE C 122 9.73 8.69 2.76
C PHE C 122 10.11 7.23 2.55
N PRO C 123 10.47 6.86 1.30
CA PRO C 123 11.02 5.53 1.05
C PRO C 123 12.48 5.51 1.48
N PRO C 124 13.06 4.32 1.64
CA PRO C 124 14.47 4.26 2.05
C PRO C 124 15.44 4.54 0.89
N GLU C 125 16.55 5.17 1.21
CA GLU C 125 17.71 5.15 0.32
C GLU C 125 18.51 3.90 0.66
N VAL C 126 18.88 3.12 -0.36
CA VAL C 126 19.62 1.89 -0.14
C VAL C 126 20.99 1.93 -0.80
N ALA C 127 22.03 1.61 -0.03
CA ALA C 127 23.38 1.54 -0.56
C ALA C 127 24.11 0.31 -0.02
N VAL C 128 24.89 -0.32 -0.89
CA VAL C 128 25.69 -1.50 -0.53
C VAL C 128 27.16 -1.13 -0.50
N PHE C 129 27.86 -1.60 0.54
CA PHE C 129 29.27 -1.28 0.72
C PHE C 129 30.11 -2.56 0.68
N GLU C 130 31.10 -2.59 -0.22
CA GLU C 130 31.91 -3.79 -0.46
C GLU C 130 32.91 -4.08 0.67
N PRO C 131 33.30 -5.36 0.84
CA PRO C 131 34.15 -5.79 1.94
C PRO C 131 35.52 -5.11 2.00
N SER C 132 36.00 -4.95 3.23
CA SER C 132 37.35 -4.47 3.47
C SER C 132 38.38 -5.51 3.06
N GLU C 133 39.32 -5.11 2.21
CA GLU C 133 40.43 -5.99 1.85
C GLU C 133 41.24 -6.37 3.09
N ALA C 134 41.28 -5.48 4.07
CA ALA C 134 41.94 -5.79 5.33
C ALA C 134 41.22 -6.96 6.04
N GLU C 135 39.89 -7.00 5.98
CA GLU C 135 39.12 -8.10 6.59
C GLU C 135 39.47 -9.42 5.92
N ILE C 136 39.48 -9.40 4.59
CA ILE C 136 39.77 -10.56 3.77
C ILE C 136 41.18 -11.09 4.04
N SER C 137 42.13 -10.19 4.24
CA SER C 137 43.51 -10.60 4.55
C SER C 137 43.61 -11.18 5.96
N HIS C 138 42.92 -10.55 6.90
CA HIS C 138 43.03 -10.92 8.30
C HIS C 138 42.23 -12.18 8.63
N THR C 139 41.03 -12.31 8.06
CA THR C 139 40.10 -13.34 8.51
C THR C 139 39.69 -14.35 7.44
N GLN C 140 40.10 -14.11 6.20
CA GLN C 140 39.67 -14.92 5.06
C GLN C 140 38.15 -14.90 4.91
N LYS C 141 37.50 -13.86 5.42
CA LYS C 141 36.05 -13.68 5.28
C LYS C 141 35.75 -12.28 4.72
N ALA C 142 34.58 -12.12 4.11
CA ALA C 142 34.21 -10.85 3.52
C ALA C 142 32.81 -10.41 3.94
N THR C 143 32.72 -9.25 4.61
CA THR C 143 31.43 -8.76 5.04
C THR C 143 30.97 -7.57 4.20
N LEU C 144 29.88 -7.75 3.46
CA LEU C 144 29.20 -6.66 2.78
C LEU C 144 28.24 -6.01 3.75
N VAL C 145 28.01 -4.71 3.58
CA VAL C 145 27.07 -4.00 4.43
C VAL C 145 26.03 -3.26 3.60
N CYS C 146 24.78 -3.36 4.02
CA CYS C 146 23.71 -2.60 3.38
C CYS C 146 23.09 -1.60 4.35
N LEU C 147 22.90 -0.38 3.87
CA LEU C 147 22.29 0.68 4.65
C LEU C 147 21.00 1.14 3.98
N ALA C 148 19.91 1.09 4.74
CA ALA C 148 18.64 1.66 4.30
C ALA C 148 18.35 2.86 5.20
N THR C 149 18.37 4.05 4.62
CA THR C 149 18.32 5.27 5.43
C THR C 149 17.22 6.25 5.00
N GLY C 150 16.85 7.14 5.92
CA GLY C 150 15.91 8.19 5.63
C GLY C 150 14.47 7.77 5.38
N PHE C 151 14.08 6.55 5.75
CA PHE C 151 12.70 6.11 5.48
C PHE C 151 11.73 6.38 6.63
N TYR C 152 10.44 6.41 6.30
CA TYR C 152 9.39 6.69 7.26
C TYR C 152 8.02 6.40 6.64
N PRO C 153 7.16 5.66 7.35
CA PRO C 153 7.41 5.09 8.68
C PRO C 153 8.24 3.82 8.61
N ASP C 154 8.41 3.15 9.74
CA ASP C 154 9.16 1.91 9.82
C ASP C 154 8.34 0.76 9.23
N HIS C 155 8.20 0.76 7.91
CA HIS C 155 7.47 -0.29 7.19
C HIS C 155 8.38 -0.86 6.12
N VAL C 156 9.45 -1.54 6.53
CA VAL C 156 10.40 -2.06 5.56
C VAL C 156 10.72 -3.53 5.79
N GLU C 157 11.11 -4.19 4.71
CA GLU C 157 11.60 -5.56 4.76
C GLU C 157 12.86 -5.67 3.93
N LEU C 158 13.97 -5.90 4.61
CA LEU C 158 15.26 -5.96 3.95
C LEU C 158 15.62 -7.42 3.69
N SER C 159 16.13 -7.68 2.50
CA SER C 159 16.55 -9.02 2.13
C SER C 159 17.81 -8.97 1.27
N TRP C 160 18.59 -10.05 1.32
CA TRP C 160 19.79 -10.18 0.52
C TRP C 160 19.53 -11.20 -0.57
N TRP C 161 20.08 -10.94 -1.75
CA TRP C 161 19.91 -11.83 -2.88
C TRP C 161 21.28 -12.12 -3.47
N VAL C 162 21.65 -13.41 -3.51
CA VAL C 162 22.94 -13.82 -4.05
C VAL C 162 22.73 -14.67 -5.29
N ASN C 163 23.23 -14.17 -6.42
CA ASN C 163 23.01 -14.81 -7.70
C ASN C 163 21.52 -15.03 -7.99
N GLY C 164 20.71 -14.05 -7.61
CA GLY C 164 19.30 -14.06 -7.92
C GLY C 164 18.44 -14.86 -6.95
N LYS C 165 19.07 -15.42 -5.93
CA LYS C 165 18.34 -16.16 -4.91
C LYS C 165 18.46 -15.52 -3.54
N GLU C 166 17.34 -15.39 -2.84
CA GLU C 166 17.34 -14.84 -1.50
C GLU C 166 18.11 -15.76 -0.57
N VAL C 167 18.94 -15.17 0.29
CA VAL C 167 19.75 -15.91 1.24
C VAL C 167 19.46 -15.43 2.65
N HIS C 168 19.79 -16.26 3.62
CA HIS C 168 19.54 -15.97 5.03
C HIS C 168 20.77 -16.30 5.84
N SER C 169 21.48 -17.34 5.42
CA SER C 169 22.71 -17.74 6.09
C SER C 169 23.79 -16.66 5.92
N GLY C 170 24.43 -16.29 7.02
CA GLY C 170 25.48 -15.29 7.03
C GLY C 170 24.94 -13.87 7.06
N VAL C 171 23.64 -13.75 7.29
CA VAL C 171 22.96 -12.46 7.32
C VAL C 171 22.61 -12.02 8.73
N CYS C 172 22.84 -10.76 9.04
CA CYS C 172 22.24 -10.21 10.25
C CYS C 172 21.76 -8.78 10.00
N THR C 173 20.45 -8.59 10.15
CA THR C 173 19.80 -7.29 10.01
C THR C 173 19.36 -6.81 11.39
N ASP C 174 19.50 -5.52 11.66
CA ASP C 174 19.07 -4.96 12.94
C ASP C 174 17.62 -5.29 13.27
N PRO C 175 17.40 -5.89 14.46
CA PRO C 175 16.02 -6.15 14.89
C PRO C 175 15.22 -4.85 15.01
N GLN C 176 15.87 -3.77 15.43
CA GLN C 176 15.20 -2.48 15.49
C GLN C 176 15.89 -1.41 14.66
N PRO C 177 15.10 -0.49 14.08
CA PRO C 177 15.72 0.55 13.25
C PRO C 177 16.31 1.65 14.09
N LEU C 178 17.23 2.41 13.51
CA LEU C 178 17.80 3.55 14.19
C LEU C 178 16.92 4.78 13.97
N LYS C 179 16.72 5.59 15.01
CA LYS C 179 16.15 6.91 14.79
C LYS C 179 17.29 7.84 14.44
N GLU C 180 17.24 8.40 13.24
CA GLU C 180 18.34 9.23 12.76
C GLU C 180 18.44 10.51 13.59
N GLN C 181 17.30 10.96 14.11
CA GLN C 181 17.25 12.09 15.02
C GLN C 181 16.32 11.80 16.19
N PRO C 182 16.80 11.02 17.17
CA PRO C 182 16.01 10.50 18.30
C PRO C 182 15.20 11.55 19.05
N ALA C 183 15.57 12.81 18.98
CA ALA C 183 14.86 13.87 19.69
C ALA C 183 13.48 14.14 19.10
N LEU C 184 13.33 13.92 17.80
CA LEU C 184 12.09 14.25 17.10
C LEU C 184 11.07 13.11 17.06
N ASN C 185 9.80 13.47 17.17
CA ASN C 185 8.70 12.52 17.15
C ASN C 185 8.44 11.91 15.78
N ASP C 186 8.82 12.64 14.74
CA ASP C 186 8.60 12.19 13.38
C ASP C 186 9.91 11.84 12.68
N SER C 187 10.93 11.60 13.49
CA SER C 187 12.26 11.23 13.00
C SER C 187 12.21 10.12 11.97
N ARG C 188 13.05 10.23 10.95
CA ARG C 188 13.12 9.17 9.95
C ARG C 188 14.06 8.07 10.47
N TYR C 189 14.07 6.93 9.80
CA TYR C 189 14.73 5.75 10.33
C TYR C 189 15.91 5.29 9.48
N ALA C 190 16.78 4.52 10.09
CA ALA C 190 17.90 3.87 9.40
C ALA C 190 17.99 2.42 9.84
N LEU C 191 18.30 1.55 8.90
CA LEU C 191 18.42 0.12 9.16
C LEU C 191 19.71 -0.38 8.55
N SER C 192 20.44 -1.21 9.29
CA SER C 192 21.66 -1.78 8.73
C SER C 192 21.58 -3.30 8.70
N SER C 193 22.26 -3.88 7.71
CA SER C 193 22.33 -5.33 7.57
C SER C 193 23.69 -5.71 7.03
N ARG C 194 24.13 -6.92 7.35
CA ARG C 194 25.39 -7.39 6.83
C ARG C 194 25.24 -8.80 6.28
N LEU C 195 25.93 -9.05 5.18
CA LEU C 195 26.04 -10.39 4.62
C LEU C 195 27.52 -10.77 4.65
N ARG C 196 27.85 -11.87 5.32
CA ARG C 196 29.24 -12.29 5.40
C ARG C 196 29.45 -13.61 4.67
N VAL C 197 30.40 -13.61 3.74
CA VAL C 197 30.72 -14.80 2.98
C VAL C 197 32.20 -15.12 3.14
N SER C 198 32.60 -16.32 2.71
CA SER C 198 34.01 -16.65 2.72
C SER C 198 34.73 -15.76 1.71
N ALA C 199 36.02 -15.54 1.95
CA ALA C 199 36.83 -14.75 1.03
C ALA C 199 36.80 -15.35 -0.40
N THR C 200 36.87 -16.68 -0.51
CA THR C 200 36.90 -17.33 -1.82
C THR C 200 35.59 -17.14 -2.59
N PHE C 201 34.49 -17.02 -1.86
CA PHE C 201 33.19 -16.79 -2.50
C PHE C 201 33.11 -15.36 -3.00
N TRP C 202 33.57 -14.41 -2.18
CA TRP C 202 33.56 -13.02 -2.58
C TRP C 202 34.50 -12.81 -3.78
N GLN C 203 35.55 -13.61 -3.87
CA GLN C 203 36.57 -13.40 -4.88
C GLN C 203 36.24 -13.99 -6.26
N ASN C 204 35.09 -14.64 -6.37
CA ASN C 204 34.60 -15.08 -7.68
C ASN C 204 33.90 -13.89 -8.34
N PRO C 205 34.47 -13.39 -9.46
CA PRO C 205 33.97 -12.16 -10.09
C PRO C 205 32.56 -12.26 -10.69
N ARG C 206 32.07 -13.47 -10.87
CA ARG C 206 30.76 -13.70 -11.45
C ARG C 206 29.63 -13.78 -10.39
N ASN C 207 30.00 -13.77 -9.11
CA ASN C 207 29.03 -13.75 -8.00
C ASN C 207 28.36 -12.38 -7.85
N HIS C 208 27.03 -12.38 -7.86
CA HIS C 208 26.27 -11.14 -7.76
C HIS C 208 25.60 -11.02 -6.40
N PHE C 209 25.70 -9.83 -5.80
CA PHE C 209 25.11 -9.56 -4.50
C PHE C 209 24.14 -8.40 -4.59
N ARG C 210 22.95 -8.56 -4.03
CA ARG C 210 21.97 -7.50 -4.07
C ARG C 210 21.25 -7.33 -2.73
N CYS C 211 21.16 -6.08 -2.29
CA CYS C 211 20.43 -5.76 -1.08
C CYS C 211 19.10 -5.11 -1.42
N GLN C 212 18.00 -5.77 -1.07
CA GLN C 212 16.67 -5.31 -1.46
C GLN C 212 15.83 -4.85 -0.29
N VAL C 213 15.19 -3.69 -0.43
CA VAL C 213 14.34 -3.21 0.64
C VAL C 213 12.93 -2.94 0.11
N GLN C 214 11.98 -3.71 0.61
CA GLN C 214 10.57 -3.48 0.29
C GLN C 214 10.06 -2.41 1.23
N PHE C 215 9.48 -1.36 0.66
CA PHE C 215 8.92 -0.27 1.47
C PHE C 215 7.42 -0.22 1.25
N TYR C 216 6.67 -0.20 2.34
CA TYR C 216 5.22 -0.07 2.24
C TYR C 216 4.84 1.35 2.57
N GLY C 217 4.26 2.04 1.60
CA GLY C 217 3.91 3.45 1.77
C GLY C 217 2.58 3.81 1.16
N LEU C 218 2.58 4.82 0.31
CA LEU C 218 1.32 5.31 -0.27
C LEU C 218 0.82 4.43 -1.40
N SER C 219 -0.49 4.39 -1.57
CA SER C 219 -1.08 3.67 -2.70
C SER C 219 -1.64 4.70 -3.67
N GLU C 220 -2.30 4.20 -4.72
CA GLU C 220 -2.84 5.07 -5.76
C GLU C 220 -3.85 6.08 -5.19
N ASN C 221 -4.79 5.57 -4.38
CA ASN C 221 -5.83 6.41 -3.80
C ASN C 221 -5.32 7.56 -2.93
N ASP C 222 -4.20 7.38 -2.24
CA ASP C 222 -3.68 8.41 -1.36
C ASP C 222 -3.33 9.70 -2.11
N GLU C 223 -3.75 10.82 -1.55
CA GLU C 223 -3.52 12.13 -2.16
C GLU C 223 -2.09 12.58 -1.92
N TRP C 224 -1.51 13.20 -2.94
CA TRP C 224 -0.15 13.71 -2.85
C TRP C 224 -0.05 15.13 -3.41
N THR C 225 0.43 16.06 -2.58
CA THR C 225 0.57 17.45 -2.99
C THR C 225 1.97 18.02 -2.76
N GLN C 226 2.98 17.17 -2.71
CA GLN C 226 4.33 17.67 -2.47
C GLN C 226 5.12 17.71 -3.77
N ASP C 227 6.17 18.52 -3.79
CA ASP C 227 6.99 18.69 -4.98
C ASP C 227 7.89 17.48 -5.22
N ARG C 228 8.23 16.76 -4.16
CA ARG C 228 8.99 15.52 -4.28
C ARG C 228 8.10 14.37 -4.73
N ALA C 229 8.71 13.30 -5.23
CA ALA C 229 8.01 12.11 -5.72
C ALA C 229 7.11 11.48 -4.68
N LYS C 230 5.96 10.98 -5.12
CA LYS C 230 5.04 10.29 -4.23
C LYS C 230 5.69 9.03 -3.68
N PRO C 231 5.80 8.93 -2.35
CA PRO C 231 6.44 7.79 -1.67
C PRO C 231 5.54 6.56 -1.65
N VAL C 232 5.31 5.97 -2.82
CA VAL C 232 4.43 4.82 -2.95
C VAL C 232 5.15 3.54 -2.54
N THR C 233 4.38 2.50 -2.25
CA THR C 233 4.93 1.17 -2.04
C THR C 233 5.84 0.80 -3.21
N GLN C 234 7.08 0.50 -2.90
CA GLN C 234 8.11 0.31 -3.90
C GLN C 234 9.24 -0.53 -3.35
N ILE C 235 10.02 -1.12 -4.26
CA ILE C 235 11.23 -1.84 -3.89
C ILE C 235 12.45 -1.03 -4.31
N VAL C 236 13.36 -0.81 -3.37
CA VAL C 236 14.59 -0.07 -3.64
C VAL C 236 15.77 -0.97 -3.34
N SER C 237 16.70 -1.10 -4.28
CA SER C 237 17.86 -1.99 -4.08
C SER C 237 19.19 -1.39 -4.52
N ALA C 238 20.27 -2.03 -4.08
CA ALA C 238 21.63 -1.68 -4.46
C ALA C 238 22.45 -2.96 -4.63
N GLU C 239 23.43 -2.96 -5.53
CA GLU C 239 24.13 -4.20 -5.85
C GLU C 239 25.65 -4.14 -5.74
N ALA C 240 26.28 -5.31 -5.83
CA ALA C 240 27.72 -5.41 -5.91
C ALA C 240 28.10 -6.72 -6.57
N TRP C 241 29.24 -6.73 -7.28
CA TRP C 241 29.77 -7.95 -7.83
C TRP C 241 31.03 -8.34 -7.08
N GLY C 242 31.29 -9.65 -7.01
CA GLY C 242 32.53 -10.15 -6.44
C GLY C 242 33.72 -9.59 -7.19
N ARG C 243 34.81 -9.36 -6.46
CA ARG C 243 36.01 -8.76 -7.05
C ARG C 243 37.12 -9.80 -7.13
N ALA C 244 38.14 -9.54 -7.94
CA ALA C 244 39.29 -10.45 -8.03
C ALA C 244 40.55 -9.71 -8.49
N ILE D 1 -34.64 -44.64 27.36
CA ILE D 1 -35.57 -44.95 28.46
C ILE D 1 -36.35 -43.70 28.87
N GLN D 2 -37.66 -43.75 28.66
CA GLN D 2 -38.51 -42.63 29.02
C GLN D 2 -39.13 -42.87 30.39
N ARG D 3 -39.22 -41.81 31.18
CA ARG D 3 -39.74 -41.93 32.53
C ARG D 3 -41.02 -41.13 32.68
N THR D 4 -42.06 -41.78 33.20
CA THR D 4 -43.37 -41.16 33.32
C THR D 4 -43.40 -40.27 34.57
N PRO D 5 -44.13 -39.15 34.48
CA PRO D 5 -44.14 -38.19 35.59
C PRO D 5 -44.88 -38.66 36.84
N LYS D 6 -44.24 -38.44 38.00
CA LYS D 6 -44.91 -38.56 39.28
C LYS D 6 -45.72 -37.29 39.56
N ILE D 7 -46.97 -37.47 39.97
CA ILE D 7 -47.91 -36.37 40.15
C ILE D 7 -48.48 -36.30 41.56
N GLN D 8 -48.15 -35.24 42.28
CA GLN D 8 -48.59 -35.07 43.66
C GLN D 8 -49.36 -33.76 43.84
N VAL D 9 -50.48 -33.84 44.54
CA VAL D 9 -51.37 -32.70 44.70
C VAL D 9 -51.59 -32.41 46.19
N TYR D 10 -51.38 -31.18 46.59
CA TYR D 10 -51.38 -30.83 48.00
C TYR D 10 -51.54 -29.32 48.21
N SER D 11 -52.00 -28.93 49.40
CA SER D 11 -52.14 -27.52 49.72
C SER D 11 -50.86 -27.01 50.34
N ARG D 12 -50.58 -25.72 50.16
CA ARG D 12 -49.38 -25.11 50.72
C ARG D 12 -49.38 -25.19 52.24
N HIS D 13 -50.47 -24.77 52.84
CA HIS D 13 -50.69 -24.89 54.28
C HIS D 13 -51.77 -25.94 54.50
N PRO D 14 -51.84 -26.51 55.72
CA PRO D 14 -52.97 -27.42 55.99
C PRO D 14 -54.31 -26.74 55.75
N ALA D 15 -55.14 -27.36 54.92
CA ALA D 15 -56.34 -26.71 54.42
C ALA D 15 -57.51 -26.77 55.39
N GLU D 16 -58.18 -25.64 55.54
CA GLU D 16 -59.43 -25.60 56.30
C GLU D 16 -60.38 -24.68 55.56
N ASN D 17 -61.62 -25.14 55.41
CA ASN D 17 -62.63 -24.43 54.63
C ASN D 17 -62.81 -22.98 55.04
N GLY D 18 -62.85 -22.09 54.04
CA GLY D 18 -63.00 -20.67 54.30
C GLY D 18 -61.67 -19.95 54.31
N LYS D 19 -60.64 -20.61 54.85
CA LYS D 19 -59.31 -20.03 54.89
C LYS D 19 -58.60 -20.25 53.56
N SER D 20 -58.20 -19.15 52.94
CA SER D 20 -57.54 -19.18 51.63
C SER D 20 -56.21 -19.90 51.72
N ASN D 21 -55.89 -20.63 50.66
CA ASN D 21 -54.69 -21.45 50.64
C ASN D 21 -54.07 -21.42 49.25
N PHE D 22 -53.09 -22.28 49.04
CA PHE D 22 -52.55 -22.51 47.71
C PHE D 22 -52.60 -23.98 47.35
N LEU D 23 -53.21 -24.27 46.21
CA LEU D 23 -53.26 -25.64 45.73
C LEU D 23 -52.03 -25.88 44.88
N ASN D 24 -51.27 -26.90 45.24
CA ASN D 24 -50.04 -27.21 44.52
C ASN D 24 -50.18 -28.48 43.71
N CYS D 25 -49.51 -28.50 42.56
CA CYS D 25 -49.32 -29.73 41.80
C CYS D 25 -47.86 -29.87 41.42
N TYR D 26 -47.19 -30.84 42.01
CA TYR D 26 -45.78 -31.07 41.79
C TYR D 26 -45.58 -32.22 40.82
N VAL D 27 -44.99 -31.93 39.66
CA VAL D 27 -44.78 -32.95 38.65
C VAL D 27 -43.29 -33.21 38.52
N SER D 28 -42.87 -34.41 38.91
CA SER D 28 -41.44 -34.68 39.00
C SER D 28 -41.04 -36.01 38.40
N GLY D 29 -39.73 -36.17 38.16
CA GLY D 29 -39.15 -37.43 37.74
C GLY D 29 -39.38 -37.83 36.30
N PHE D 30 -39.84 -36.90 35.46
CA PHE D 30 -40.19 -37.28 34.09
C PHE D 30 -39.06 -37.03 33.09
N HIS D 31 -39.12 -37.74 31.98
CA HIS D 31 -38.17 -37.57 30.88
C HIS D 31 -38.77 -38.11 29.58
N PRO D 32 -38.68 -37.34 28.47
CA PRO D 32 -38.05 -36.02 28.33
C PRO D 32 -38.88 -34.87 28.93
N SER D 33 -38.54 -33.63 28.59
CA SER D 33 -39.01 -32.47 29.36
C SER D 33 -40.37 -31.92 28.94
N ASP D 34 -40.80 -32.22 27.72
CA ASP D 34 -42.08 -31.71 27.25
C ASP D 34 -43.23 -32.27 28.09
N ILE D 35 -44.02 -31.37 28.65
CA ILE D 35 -45.13 -31.75 29.51
C ILE D 35 -46.15 -30.62 29.51
N GLU D 36 -47.42 -30.97 29.68
CA GLU D 36 -48.47 -29.97 29.85
C GLU D 36 -49.25 -30.24 31.12
N VAL D 37 -49.52 -29.18 31.88
CA VAL D 37 -50.18 -29.29 33.18
C VAL D 37 -51.33 -28.32 33.36
N ASP D 38 -52.46 -28.83 33.83
CA ASP D 38 -53.60 -27.99 34.16
C ASP D 38 -54.12 -28.35 35.54
N LEU D 39 -54.64 -27.34 36.24
CA LEU D 39 -55.33 -27.58 37.50
C LEU D 39 -56.82 -27.56 37.24
N LEU D 40 -57.55 -28.47 37.87
CA LEU D 40 -58.98 -28.60 37.63
C LEU D 40 -59.79 -28.19 38.86
N LYS D 41 -60.85 -27.43 38.62
CA LYS D 41 -61.86 -27.14 39.63
C LYS D 41 -63.19 -27.75 39.20
N ASN D 42 -63.64 -28.76 39.94
CA ASN D 42 -64.85 -29.51 39.60
C ASN D 42 -64.78 -30.05 38.17
N GLY D 43 -63.59 -30.49 37.77
CA GLY D 43 -63.38 -31.07 36.46
C GLY D 43 -63.00 -30.08 35.38
N GLU D 44 -63.19 -28.79 35.64
CA GLU D 44 -62.86 -27.76 34.65
C GLU D 44 -61.52 -27.08 34.93
N ARG D 45 -60.87 -26.64 33.86
CA ARG D 45 -59.53 -26.04 33.94
C ARG D 45 -59.51 -24.63 34.54
N ILE D 46 -58.51 -24.36 35.37
CA ILE D 46 -58.30 -23.04 35.94
C ILE D 46 -57.35 -22.21 35.06
N GLU D 47 -57.60 -20.91 34.96
CA GLU D 47 -56.80 -20.02 34.12
C GLU D 47 -55.74 -19.33 34.96
N LYS D 48 -56.06 -19.19 36.25
CA LYS D 48 -55.20 -18.55 37.22
C LYS D 48 -54.03 -19.43 37.67
N VAL D 49 -53.40 -20.16 36.76
CA VAL D 49 -52.35 -21.10 37.13
C VAL D 49 -50.95 -20.61 36.82
N GLU D 50 -50.17 -20.36 37.86
CA GLU D 50 -48.76 -20.01 37.68
C GLU D 50 -47.91 -21.27 37.82
N HIS D 51 -46.72 -21.24 37.23
CA HIS D 51 -45.81 -22.37 37.39
C HIS D 51 -44.37 -21.90 37.42
N SER D 52 -43.55 -22.61 38.20
CA SER D 52 -42.11 -22.36 38.23
C SER D 52 -41.50 -22.75 36.89
N ASP D 53 -40.26 -22.32 36.64
CA ASP D 53 -39.58 -22.74 35.43
C ASP D 53 -39.21 -24.21 35.50
N LEU D 54 -38.95 -24.80 34.34
CA LEU D 54 -38.45 -26.18 34.28
C LEU D 54 -37.20 -26.33 35.15
N SER D 55 -37.16 -27.39 35.94
CA SER D 55 -36.04 -27.61 36.83
C SER D 55 -35.33 -28.93 36.55
N PHE D 56 -34.09 -29.07 37.00
CA PHE D 56 -33.30 -30.25 36.66
C PHE D 56 -32.89 -31.05 37.88
N SER D 57 -33.15 -32.35 37.85
CA SER D 57 -32.67 -33.23 38.91
C SER D 57 -31.35 -33.91 38.52
N LYS D 58 -30.61 -34.38 39.52
CA LYS D 58 -29.30 -34.98 39.25
C LYS D 58 -29.39 -36.40 38.72
N ASP D 59 -30.59 -36.99 38.72
CA ASP D 59 -30.77 -38.27 38.03
C ASP D 59 -31.19 -38.01 36.58
N TRP D 60 -31.03 -36.75 36.16
CA TRP D 60 -31.28 -36.24 34.81
C TRP D 60 -32.76 -36.02 34.51
N SER D 61 -33.63 -36.36 35.45
CA SER D 61 -35.05 -36.12 35.25
C SER D 61 -35.40 -34.65 35.53
N PHE D 62 -36.63 -34.27 35.24
CA PHE D 62 -37.06 -32.88 35.40
C PHE D 62 -38.23 -32.75 36.39
N TYR D 63 -38.45 -31.53 36.89
CA TYR D 63 -39.60 -31.28 37.74
C TYR D 63 -40.16 -29.86 37.61
N LEU D 64 -41.40 -29.70 38.06
CA LEU D 64 -42.18 -28.47 37.92
C LEU D 64 -43.13 -28.28 39.09
N LEU D 65 -43.47 -27.02 39.37
CA LEU D 65 -44.51 -26.75 40.36
C LEU D 65 -45.60 -25.89 39.77
N TYR D 66 -46.81 -26.43 39.74
CA TYR D 66 -47.99 -25.69 39.30
C TYR D 66 -48.86 -25.36 40.50
N TYR D 67 -49.39 -24.13 40.55
CA TYR D 67 -50.18 -23.73 41.71
C TYR D 67 -51.17 -22.58 41.45
N THR D 68 -52.24 -22.55 42.22
CA THR D 68 -53.19 -21.45 42.22
C THR D 68 -53.57 -21.06 43.65
N GLU D 69 -53.89 -19.78 43.84
CA GLU D 69 -54.48 -19.38 45.10
C GLU D 69 -55.91 -19.87 45.10
N PHE D 70 -56.34 -20.49 46.20
CA PHE D 70 -57.68 -21.03 46.27
C PHE D 70 -58.20 -21.10 47.70
N THR D 71 -59.51 -21.30 47.83
CA THR D 71 -60.14 -21.49 49.13
C THR D 71 -61.05 -22.71 49.10
N PRO D 72 -60.64 -23.77 49.79
CA PRO D 72 -61.36 -25.05 49.73
C PRO D 72 -62.72 -25.01 50.43
N THR D 73 -63.75 -25.45 49.73
CA THR D 73 -65.06 -25.66 50.35
C THR D 73 -65.42 -27.14 50.25
N GLU D 74 -66.32 -27.62 51.10
CA GLU D 74 -66.67 -29.04 51.11
C GLU D 74 -67.28 -29.50 49.79
N LYS D 75 -67.88 -28.57 49.06
CA LYS D 75 -68.47 -28.87 47.75
C LYS D 75 -67.42 -29.10 46.67
N ASP D 76 -66.44 -28.19 46.59
CA ASP D 76 -65.47 -28.15 45.50
C ASP D 76 -64.52 -29.35 45.41
N GLU D 77 -64.25 -29.79 44.17
CA GLU D 77 -63.30 -30.86 43.90
C GLU D 77 -62.13 -30.40 43.03
N TYR D 78 -60.91 -30.60 43.49
CA TYR D 78 -59.74 -30.14 42.76
C TYR D 78 -58.89 -31.32 42.25
N ALA D 79 -58.26 -31.12 41.10
CA ALA D 79 -57.43 -32.17 40.49
C ALA D 79 -56.29 -31.58 39.66
N CYS D 80 -55.36 -32.44 39.24
CA CYS D 80 -54.26 -32.00 38.39
C CYS D 80 -54.15 -32.88 37.15
N ARG D 81 -54.26 -32.27 35.98
CA ARG D 81 -54.26 -33.01 34.73
C ARG D 81 -52.93 -32.88 34.01
N VAL D 82 -52.26 -34.01 33.82
CA VAL D 82 -50.93 -34.05 33.25
C VAL D 82 -50.91 -34.89 32.00
N ASN D 83 -50.25 -34.39 30.95
CA ASN D 83 -50.02 -35.19 29.76
C ASN D 83 -48.53 -35.21 29.41
N HIS D 84 -48.06 -36.37 28.97
CA HIS D 84 -46.66 -36.60 28.68
C HIS D 84 -46.58 -37.64 27.58
N VAL D 85 -45.44 -37.72 26.91
CA VAL D 85 -45.29 -38.69 25.83
C VAL D 85 -45.47 -40.11 26.37
N THR D 86 -45.13 -40.31 27.63
CA THR D 86 -45.21 -41.62 28.28
C THR D 86 -46.61 -42.00 28.75
N LEU D 87 -47.60 -41.18 28.44
CA LEU D 87 -48.98 -41.45 28.85
C LEU D 87 -49.88 -41.60 27.62
N SER D 88 -50.74 -42.62 27.64
CA SER D 88 -51.66 -42.84 26.53
C SER D 88 -52.72 -41.75 26.49
N GLN D 89 -53.32 -41.51 27.65
CA GLN D 89 -54.36 -40.50 27.82
C GLN D 89 -53.95 -39.58 28.97
N PRO D 90 -54.47 -38.34 28.98
CA PRO D 90 -54.17 -37.42 30.10
C PRO D 90 -54.45 -38.07 31.45
N LYS D 91 -53.50 -37.98 32.37
CA LYS D 91 -53.64 -38.60 33.68
C LYS D 91 -54.14 -37.59 34.70
N ILE D 92 -55.29 -37.89 35.29
CA ILE D 92 -55.89 -36.99 36.27
C ILE D 92 -55.64 -37.45 37.69
N VAL D 93 -55.07 -36.57 38.50
CA VAL D 93 -54.82 -36.86 39.91
C VAL D 93 -55.54 -35.86 40.80
N LYS D 94 -56.50 -36.34 41.59
CA LYS D 94 -57.32 -35.48 42.43
C LYS D 94 -56.65 -35.13 43.75
N TRP D 95 -56.97 -33.93 44.25
CA TRP D 95 -56.54 -33.50 45.57
C TRP D 95 -57.26 -34.30 46.64
N ASP D 96 -56.53 -34.73 47.66
CA ASP D 96 -57.11 -35.53 48.73
C ASP D 96 -57.26 -34.61 49.95
N ARG D 97 -57.75 -35.16 51.06
CA ARG D 97 -57.73 -34.44 52.33
C ARG D 97 -57.99 -35.39 53.48
N MET E 1 12.23 -15.23 -17.12
CA MET E 1 13.29 -14.82 -18.04
C MET E 1 14.57 -14.48 -17.28
N ARG E 2 15.69 -14.43 -18.00
CA ARG E 2 16.98 -14.06 -17.42
C ARG E 2 17.11 -12.57 -17.15
N THR E 3 18.29 -12.16 -16.69
CA THR E 3 18.61 -10.75 -16.52
C THR E 3 18.90 -10.11 -17.88
N HIS E 4 18.19 -9.04 -18.22
CA HIS E 4 18.48 -8.32 -19.46
C HIS E 4 18.74 -6.86 -19.17
N SER E 5 19.44 -6.20 -20.07
CA SER E 5 19.76 -4.81 -19.86
C SER E 5 19.67 -3.98 -21.13
N LEU E 6 19.35 -2.71 -20.94
CA LEU E 6 19.40 -1.74 -22.02
C LEU E 6 20.40 -0.69 -21.58
N ARG E 7 21.41 -0.43 -22.41
CA ARG E 7 22.38 0.62 -22.11
C ARG E 7 22.71 1.45 -23.32
N TYR E 8 22.67 2.77 -23.12
CA TYR E 8 23.05 3.72 -24.16
C TYR E 8 24.25 4.54 -23.73
N PHE E 9 25.26 4.56 -24.59
CA PHE E 9 26.50 5.27 -24.34
C PHE E 9 26.69 6.45 -25.29
N ARG E 10 27.32 7.51 -24.78
CA ARG E 10 27.75 8.64 -25.61
C ARG E 10 29.17 9.01 -25.26
N LEU E 11 29.98 9.26 -26.28
CA LEU E 11 31.35 9.67 -26.09
C LEU E 11 31.61 10.97 -26.83
N GLY E 12 32.22 11.94 -26.13
CA GLY E 12 32.61 13.18 -26.76
C GLY E 12 34.11 13.33 -26.65
N VAL E 13 34.77 13.62 -27.78
CA VAL E 13 36.21 13.84 -27.78
C VAL E 13 36.43 15.26 -28.28
N SER E 14 37.13 16.08 -27.49
CA SER E 14 37.15 17.52 -27.75
C SER E 14 38.07 17.93 -28.90
N ASP E 15 39.23 17.31 -29.04
CA ASP E 15 40.11 17.69 -30.14
C ASP E 15 40.69 16.48 -30.83
N PRO E 16 39.83 15.72 -31.53
CA PRO E 16 40.17 14.40 -32.07
C PRO E 16 41.19 14.44 -33.20
N ILE E 17 41.91 13.34 -33.40
CA ILE E 17 42.83 13.22 -34.51
C ILE E 17 42.06 12.68 -35.72
N VAL E 20 39.27 9.82 -35.72
CA VAL E 20 38.39 9.68 -34.56
C VAL E 20 37.26 10.72 -34.54
N PRO E 21 36.01 10.24 -34.49
CA PRO E 21 34.84 11.14 -34.42
C PRO E 21 34.83 11.89 -33.10
N GLU E 22 34.26 13.09 -33.05
CA GLU E 22 34.23 13.82 -31.79
C GLU E 22 32.97 13.47 -30.99
N PHE E 23 32.04 12.79 -31.65
CA PHE E 23 30.86 12.32 -30.96
C PHE E 23 30.47 10.93 -31.46
N ILE E 24 30.16 10.03 -30.53
CA ILE E 24 29.67 8.70 -30.86
C ILE E 24 28.53 8.37 -29.91
N SER E 25 27.49 7.75 -30.42
CA SER E 25 26.41 7.26 -29.56
C SER E 25 26.00 5.85 -29.97
N VAL E 26 26.09 4.92 -29.03
CA VAL E 26 25.79 3.52 -29.31
C VAL E 26 24.86 2.94 -28.26
N GLY E 27 23.88 2.16 -28.69
CA GLY E 27 23.01 1.45 -27.77
C GLY E 27 23.27 -0.04 -27.74
N TYR E 28 23.04 -0.66 -26.58
CA TYR E 28 23.15 -2.12 -26.42
C TYR E 28 21.90 -2.72 -25.77
N VAL E 29 21.57 -3.93 -26.18
CA VAL E 29 20.70 -4.80 -25.41
C VAL E 29 21.51 -6.03 -25.06
N ASP E 30 21.65 -6.26 -23.76
CA ASP E 30 22.63 -7.19 -23.24
C ASP E 30 23.99 -6.85 -23.84
N SER E 31 24.64 -7.82 -24.47
CA SER E 31 25.95 -7.56 -25.05
C SER E 31 25.85 -7.16 -26.54
N HIS E 32 24.64 -6.98 -27.05
CA HIS E 32 24.43 -6.79 -28.48
C HIS E 32 24.26 -5.33 -28.88
N PRO E 33 25.14 -4.82 -29.75
CA PRO E 33 24.97 -3.46 -30.29
C PRO E 33 23.67 -3.39 -31.09
N ILE E 34 22.84 -2.38 -30.84
CA ILE E 34 21.59 -2.31 -31.58
C ILE E 34 21.50 -1.07 -32.48
N THR E 35 22.06 0.04 -32.02
CA THR E 35 22.04 1.29 -32.78
C THR E 35 23.38 2.01 -32.71
N THR E 36 23.73 2.73 -33.77
CA THR E 36 24.95 3.53 -33.78
C THR E 36 24.79 4.90 -34.46
N TYR E 37 25.55 5.86 -34.00
CA TYR E 37 25.60 7.20 -34.56
C TYR E 37 26.95 7.83 -34.25
N ASP E 38 27.49 8.57 -35.20
CA ASP E 38 28.66 9.38 -34.93
C ASP E 38 28.63 10.67 -35.75
N SER E 39 29.52 11.59 -35.43
CA SER E 39 29.54 12.90 -36.04
C SER E 39 30.06 12.88 -37.47
N VAL E 40 30.55 11.73 -37.92
CA VAL E 40 30.97 11.59 -39.30
C VAL E 40 29.79 11.26 -40.20
N THR E 41 29.03 10.21 -39.87
CA THR E 41 27.88 9.82 -40.68
C THR E 41 26.69 10.76 -40.45
N ARG E 42 26.58 11.26 -39.23
CA ARG E 42 25.45 12.09 -38.79
C ARG E 42 24.10 11.42 -39.02
N GLN E 43 24.10 10.08 -39.04
CA GLN E 43 22.90 9.27 -39.17
C GLN E 43 22.84 8.22 -38.07
N LYS E 44 21.64 7.98 -37.55
CA LYS E 44 21.43 6.86 -36.64
C LYS E 44 21.09 5.60 -37.44
N GLU E 45 21.86 4.54 -37.25
CA GLU E 45 21.68 3.31 -38.02
C GLU E 45 21.53 2.11 -37.11
N PRO E 46 20.75 1.12 -37.54
CA PRO E 46 20.66 -0.13 -36.79
C PRO E 46 22.00 -0.86 -36.82
N ARG E 47 22.35 -1.56 -35.75
CA ARG E 47 23.54 -2.39 -35.74
C ARG E 47 23.14 -3.86 -35.52
N ALA E 48 21.84 -4.11 -35.55
CA ALA E 48 21.33 -5.47 -35.49
C ALA E 48 20.19 -5.62 -36.49
N PRO E 49 20.12 -6.77 -37.16
CA PRO E 49 19.08 -7.03 -38.15
C PRO E 49 17.65 -6.95 -37.59
N TRP E 50 17.45 -7.43 -36.36
CA TRP E 50 16.10 -7.46 -35.79
C TRP E 50 15.69 -6.08 -35.26
N MET E 51 16.62 -5.12 -35.28
CA MET E 51 16.26 -3.73 -35.00
C MET E 51 15.79 -3.04 -36.29
N ALA E 52 16.55 -3.22 -37.37
CA ALA E 52 16.20 -2.63 -38.67
C ALA E 52 14.83 -3.11 -39.16
N GLU E 53 14.59 -4.41 -39.07
CA GLU E 53 13.34 -5.01 -39.53
C GLU E 53 12.10 -4.53 -38.78
N ASN E 54 12.26 -4.12 -37.52
CA ASN E 54 11.11 -3.83 -36.68
C ASN E 54 10.88 -2.35 -36.36
N LEU E 55 11.77 -1.48 -36.85
CA LEU E 55 11.62 -0.05 -36.63
C LEU E 55 11.54 0.69 -37.96
N ALA E 56 10.43 1.38 -38.19
CA ALA E 56 10.18 2.09 -39.45
C ALA E 56 11.16 3.24 -39.63
N PRO E 57 11.36 3.69 -40.88
CA PRO E 57 12.27 4.78 -41.20
C PRO E 57 12.07 6.05 -40.35
N ASP E 58 10.84 6.31 -39.91
CA ASP E 58 10.54 7.48 -39.10
C ASP E 58 11.26 7.43 -37.76
N HIS E 59 11.54 6.23 -37.28
CA HIS E 59 12.27 6.09 -36.03
C HIS E 59 13.68 6.62 -36.22
N TRP E 60 14.34 6.12 -37.27
CA TRP E 60 15.73 6.51 -37.57
C TRP E 60 15.83 7.99 -37.89
N GLU E 61 14.82 8.52 -38.57
CA GLU E 61 14.80 9.95 -38.89
C GLU E 61 14.71 10.80 -37.62
N ARG E 62 13.77 10.46 -36.75
CA ARG E 62 13.55 11.22 -35.52
C ARG E 62 14.80 11.21 -34.64
N TYR E 63 15.38 10.03 -34.41
CA TYR E 63 16.51 9.96 -33.50
C TYR E 63 17.80 10.49 -34.13
N THR E 64 17.92 10.42 -35.45
CA THR E 64 19.00 11.11 -36.15
C THR E 64 18.99 12.59 -35.75
N GLN E 65 17.81 13.20 -35.74
CA GLN E 65 17.71 14.61 -35.38
C GLN E 65 18.10 14.83 -33.93
N LEU E 66 17.58 13.99 -33.03
CA LEU E 66 17.89 14.10 -31.61
C LEU E 66 19.38 13.96 -31.35
N LEU E 67 20.03 13.05 -32.07
CA LEU E 67 21.44 12.80 -31.82
C LEU E 67 22.31 13.95 -32.36
N ARG E 68 21.87 14.60 -33.44
CA ARG E 68 22.57 15.79 -33.93
C ARG E 68 22.54 16.89 -32.88
N GLY E 69 21.41 17.02 -32.17
CA GLY E 69 21.31 17.96 -31.08
C GLY E 69 22.22 17.55 -29.92
N TRP E 70 22.30 16.25 -29.64
CA TRP E 70 23.17 15.79 -28.56
C TRP E 70 24.63 15.98 -28.86
N GLN E 71 25.00 15.78 -30.12
CA GLN E 71 26.37 16.00 -30.54
C GLN E 71 26.79 17.44 -30.24
N GLN E 72 25.88 18.37 -30.48
CA GLN E 72 26.12 19.78 -30.24
C GLN E 72 26.22 20.10 -28.74
N MET E 73 25.30 19.57 -27.94
CA MET E 73 25.33 19.83 -26.50
C MET E 73 26.56 19.19 -25.84
N PHE E 74 27.00 18.05 -26.36
CA PHE E 74 28.18 17.40 -25.79
C PHE E 74 29.42 18.27 -26.02
N LYS E 75 29.53 18.82 -27.23
CA LYS E 75 30.64 19.68 -27.56
C LYS E 75 30.75 20.85 -26.60
N VAL E 76 29.61 21.47 -26.30
CA VAL E 76 29.57 22.63 -25.42
C VAL E 76 29.89 22.29 -23.96
N GLU E 77 29.29 21.21 -23.44
CA GLU E 77 29.53 20.81 -22.05
C GLU E 77 30.98 20.41 -21.85
N LEU E 78 31.57 19.78 -22.86
CA LEU E 78 32.95 19.34 -22.76
C LEU E 78 33.87 20.56 -22.66
N LYS E 79 33.54 21.61 -23.41
CA LYS E 79 34.26 22.88 -23.34
C LYS E 79 34.12 23.52 -21.96
N ARG E 80 32.93 23.40 -21.38
CA ARG E 80 32.66 24.01 -20.08
C ARG E 80 33.42 23.30 -18.98
N LEU E 81 33.54 21.98 -19.12
CA LEU E 81 34.26 21.15 -18.17
C LEU E 81 35.74 21.45 -18.24
N GLN E 82 36.23 21.61 -19.46
CA GLN E 82 37.64 21.90 -19.68
C GLN E 82 37.95 23.26 -19.08
N ARG E 83 36.99 24.18 -19.14
CA ARG E 83 37.15 25.49 -18.55
C ARG E 83 37.19 25.41 -17.02
N HIS E 84 36.35 24.55 -16.43
CA HIS E 84 36.31 24.40 -14.97
C HIS E 84 37.62 23.82 -14.43
N TYR E 85 38.15 22.83 -15.14
CA TYR E 85 39.40 22.17 -14.76
C TYR E 85 40.68 22.86 -15.25
N ASN E 86 40.51 23.94 -16.02
CA ASN E 86 41.64 24.60 -16.67
C ASN E 86 42.42 23.63 -17.57
N HIS E 87 41.70 22.84 -18.35
CA HIS E 87 42.34 21.85 -19.21
C HIS E 87 42.40 22.27 -20.66
N SER E 88 43.55 22.03 -21.29
CA SER E 88 43.73 22.23 -22.71
C SER E 88 43.99 20.86 -23.35
N GLY E 89 43.94 20.80 -24.67
CA GLY E 89 44.18 19.55 -25.37
C GLY E 89 42.93 18.72 -25.54
N SER E 90 43.10 17.45 -25.84
CA SER E 90 41.97 16.56 -26.08
C SER E 90 41.53 15.91 -24.79
N HIS E 91 40.22 15.93 -24.54
CA HIS E 91 39.61 15.32 -23.37
C HIS E 91 38.32 14.62 -23.77
N THR E 92 37.84 13.72 -22.92
CA THR E 92 36.64 12.94 -23.22
C THR E 92 35.52 13.15 -22.21
N TYR E 93 34.30 12.97 -22.68
CA TYR E 93 33.10 13.12 -21.87
C TYR E 93 32.19 11.97 -22.25
N GLN E 94 31.70 11.25 -21.26
CA GLN E 94 30.87 10.08 -21.51
C GLN E 94 29.59 10.06 -20.68
N ARG E 95 28.59 9.38 -21.23
CA ARG E 95 27.31 9.25 -20.56
C ARG E 95 26.86 7.81 -20.71
N MET E 96 26.33 7.26 -19.63
CA MET E 96 25.74 5.93 -19.69
C MET E 96 24.37 6.00 -19.04
N ILE E 97 23.36 5.61 -19.81
CA ILE E 97 22.02 5.52 -19.27
C ILE E 97 21.44 4.14 -19.59
N GLY E 98 20.56 3.66 -18.73
CA GLY E 98 19.88 2.42 -19.01
C GLY E 98 19.16 1.80 -17.83
N CYS E 99 18.72 0.57 -18.03
CA CYS E 99 17.92 -0.11 -17.03
C CYS E 99 18.10 -1.61 -17.17
N GLU E 100 17.80 -2.35 -16.11
CA GLU E 100 17.87 -3.80 -16.15
C GLU E 100 16.57 -4.46 -15.71
N LEU E 101 16.21 -5.53 -16.37
CA LEU E 101 15.12 -6.37 -15.92
C LEU E 101 15.72 -7.70 -15.44
N LEU E 102 15.79 -7.90 -14.13
CA LEU E 102 16.46 -9.10 -13.61
C LEU E 102 15.54 -10.31 -13.59
N GLU E 103 16.15 -11.47 -13.46
CA GLU E 103 15.44 -12.75 -13.46
C GLU E 103 14.39 -12.78 -12.35
N ASP E 104 14.79 -12.30 -11.18
CA ASP E 104 13.94 -12.32 -9.99
C ASP E 104 12.79 -11.30 -10.04
N GLY E 105 12.71 -10.54 -11.13
CA GLY E 105 11.61 -9.62 -11.34
C GLY E 105 11.86 -8.18 -10.94
N SER E 106 12.87 -7.95 -10.10
CA SER E 106 13.23 -6.59 -9.71
C SER E 106 13.91 -5.84 -10.86
N THR E 107 13.94 -4.50 -10.77
CA THR E 107 14.53 -3.70 -11.83
C THR E 107 15.55 -2.71 -11.28
N THR E 108 16.49 -2.32 -12.15
CA THR E 108 17.44 -1.26 -11.87
C THR E 108 17.31 -0.15 -12.91
N GLY E 109 17.91 1.01 -12.63
CA GLY E 109 17.93 2.13 -13.55
C GLY E 109 19.12 3.00 -13.18
N PHE E 110 19.89 3.44 -14.17
CA PHE E 110 21.12 4.17 -13.91
C PHE E 110 21.32 5.25 -14.94
N LEU E 111 21.98 6.32 -14.51
CA LEU E 111 22.34 7.40 -15.41
C LEU E 111 23.60 8.03 -14.85
N GLN E 112 24.68 8.01 -15.63
CA GLN E 112 25.99 8.43 -15.12
C GLN E 112 26.76 9.23 -16.17
N TYR E 113 27.69 10.05 -15.72
CA TYR E 113 28.55 10.83 -16.61
C TYR E 113 30.00 10.66 -16.19
N ALA E 114 30.91 10.75 -17.16
CA ALA E 114 32.32 10.61 -16.85
C ALA E 114 33.18 11.63 -17.57
N TYR E 115 34.24 12.06 -16.91
CA TYR E 115 35.18 12.99 -17.49
C TYR E 115 36.55 12.35 -17.57
N ASP E 116 37.12 12.34 -18.78
CA ASP E 116 38.36 11.64 -19.07
C ASP E 116 38.32 10.21 -18.54
N GLY E 117 37.15 9.58 -18.67
CA GLY E 117 36.98 8.18 -18.31
C GLY E 117 36.89 7.89 -16.82
N GLN E 118 36.73 8.93 -16.01
CA GLN E 118 36.54 8.76 -14.55
C GLN E 118 35.13 9.17 -14.15
N ASP E 119 34.58 8.52 -13.13
CA ASP E 119 33.27 8.90 -12.58
C ASP E 119 33.18 10.40 -12.33
N PHE E 120 32.04 10.99 -12.68
CA PHE E 120 31.88 12.42 -12.52
C PHE E 120 30.56 12.77 -11.82
N LEU E 121 29.46 12.37 -12.42
CA LEU E 121 28.14 12.58 -11.83
C LEU E 121 27.34 11.31 -11.92
N ILE E 122 26.79 10.88 -10.79
CA ILE E 122 25.97 9.68 -10.76
C ILE E 122 24.57 9.96 -10.21
N PHE E 123 23.57 9.68 -11.02
CA PHE E 123 22.19 9.94 -10.68
C PHE E 123 21.66 8.84 -9.78
N ASN E 124 20.92 9.22 -8.75
CA ASN E 124 20.20 8.25 -7.93
C ASN E 124 18.71 8.46 -8.14
N LYS E 125 18.08 7.59 -8.94
CA LYS E 125 16.66 7.71 -9.27
C LYS E 125 15.75 7.46 -8.05
N ASP E 126 16.32 6.95 -6.97
CA ASP E 126 15.54 6.61 -5.77
C ASP E 126 15.48 7.79 -4.80
N THR E 127 16.56 8.56 -4.73
CA THR E 127 16.59 9.77 -3.93
C THR E 127 16.42 11.04 -4.79
N LEU E 128 16.35 10.85 -6.10
CA LEU E 128 16.24 11.95 -7.06
C LEU E 128 17.29 13.06 -6.83
N SER E 129 18.55 12.64 -6.77
CA SER E 129 19.64 13.58 -6.52
C SER E 129 20.88 13.12 -7.28
N TRP E 130 21.84 14.03 -7.43
CA TRP E 130 23.06 13.71 -8.17
C TRP E 130 24.26 13.64 -7.24
N LEU E 131 25.04 12.57 -7.36
CA LEU E 131 26.27 12.47 -6.60
C LEU E 131 27.48 12.94 -7.42
N ALA E 132 28.27 13.82 -6.83
CA ALA E 132 29.41 14.45 -7.49
C ALA E 132 30.74 14.03 -6.89
N VAL E 133 31.69 13.68 -7.74
CA VAL E 133 32.99 13.20 -7.26
C VAL E 133 33.94 14.34 -6.85
N ASP E 134 33.69 15.56 -7.34
CA ASP E 134 34.48 16.72 -6.90
C ASP E 134 33.73 18.05 -6.98
N ASN E 135 34.44 19.15 -6.76
CA ASN E 135 33.78 20.44 -6.63
C ASN E 135 33.31 21.03 -7.95
N VAL E 136 33.92 20.61 -9.06
CA VAL E 136 33.42 20.97 -10.37
C VAL E 136 32.09 20.26 -10.65
N ALA E 137 32.08 18.96 -10.43
CA ALA E 137 30.87 18.17 -10.57
C ALA E 137 29.79 18.67 -9.60
N HIS E 138 30.21 19.11 -8.43
CA HIS E 138 29.25 19.63 -7.45
C HIS E 138 28.58 20.90 -7.96
N THR E 139 29.33 21.74 -8.67
CA THR E 139 28.79 22.95 -9.26
C THR E 139 27.68 22.61 -10.25
N ILE E 140 27.91 21.59 -11.06
CA ILE E 140 26.94 21.09 -12.01
C ILE E 140 25.74 20.43 -11.29
N LYS E 141 26.05 19.65 -10.26
CA LYS E 141 25.04 19.02 -9.42
C LYS E 141 24.00 20.04 -8.95
N GLN E 142 24.46 21.18 -8.43
CA GLN E 142 23.58 22.21 -7.89
C GLN E 142 22.56 22.73 -8.90
N ALA E 143 22.99 22.86 -10.15
CA ALA E 143 22.11 23.35 -11.21
C ALA E 143 21.07 22.32 -11.61
N TRP E 144 21.51 21.09 -11.78
CA TRP E 144 20.63 20.00 -12.15
C TRP E 144 19.56 19.72 -11.08
N GLU E 145 19.96 19.78 -9.81
CA GLU E 145 19.06 19.50 -8.70
C GLU E 145 18.06 20.63 -8.44
N ALA E 146 18.33 21.80 -8.98
CA ALA E 146 17.44 22.94 -8.85
C ALA E 146 16.23 22.82 -9.80
N ASN E 147 16.30 21.90 -10.74
CA ASN E 147 15.20 21.64 -11.66
C ASN E 147 14.43 20.39 -11.27
N GLN E 148 13.45 20.57 -10.38
CA GLN E 148 12.69 19.45 -9.83
C GLN E 148 11.98 18.62 -10.90
N HIS E 149 11.33 19.29 -11.85
CA HIS E 149 10.61 18.60 -12.92
C HIS E 149 11.55 17.69 -13.72
N GLU E 150 12.79 18.14 -13.93
CA GLU E 150 13.79 17.33 -14.63
C GLU E 150 14.16 16.06 -13.89
N LEU E 151 14.34 16.17 -12.58
CA LEU E 151 14.62 15.00 -11.75
C LEU E 151 13.47 14.01 -11.86
N LEU E 152 12.24 14.53 -11.75
CA LEU E 152 11.06 13.68 -11.87
C LEU E 152 11.01 13.03 -13.25
N TYR E 153 11.32 13.82 -14.29
CA TYR E 153 11.37 13.25 -15.63
C TYR E 153 12.37 12.09 -15.72
N GLN E 154 13.56 12.26 -15.16
CA GLN E 154 14.57 11.20 -15.23
C GLN E 154 14.18 9.91 -14.54
N LYS E 155 13.50 10.05 -13.39
CA LYS E 155 13.06 8.88 -12.63
C LYS E 155 12.06 8.08 -13.45
N ASN E 156 11.05 8.78 -13.99
CA ASN E 156 10.02 8.13 -14.78
C ASN E 156 10.62 7.43 -15.99
N TRP E 157 11.59 8.07 -16.65
CA TRP E 157 12.14 7.48 -17.86
C TRP E 157 12.89 6.19 -17.55
N LEU E 158 13.69 6.22 -16.50
CA LEU E 158 14.45 5.06 -16.05
C LEU E 158 13.57 3.90 -15.57
N GLU E 159 12.53 4.20 -14.80
CA GLU E 159 11.72 3.15 -14.17
C GLU E 159 10.60 2.62 -15.08
N GLU E 160 10.13 3.43 -16.02
CA GLU E 160 8.99 3.06 -16.87
C GLU E 160 9.35 2.99 -18.35
N GLU E 161 9.80 4.10 -18.92
CA GLU E 161 10.09 4.16 -20.35
C GLU E 161 11.20 3.21 -20.75
N CYS E 162 12.26 3.19 -19.97
CA CYS E 162 13.43 2.36 -20.26
C CYS E 162 13.07 0.87 -20.19
N ILE E 163 12.32 0.48 -19.16
CA ILE E 163 11.91 -0.92 -19.02
C ILE E 163 11.04 -1.31 -20.21
N ALA E 164 10.16 -0.40 -20.63
CA ALA E 164 9.29 -0.66 -21.76
C ALA E 164 10.08 -0.79 -23.09
N TRP E 165 11.04 0.10 -23.33
CA TRP E 165 11.94 -0.03 -24.49
C TRP E 165 12.64 -1.40 -24.49
N LEU E 166 13.18 -1.77 -23.32
CA LEU E 166 13.91 -3.03 -23.20
C LEU E 166 13.03 -4.23 -23.54
N LYS E 167 11.79 -4.24 -23.03
CA LYS E 167 10.84 -5.31 -23.33
C LYS E 167 10.51 -5.37 -24.81
N ARG E 168 10.33 -4.20 -25.40
CA ARG E 168 10.06 -4.08 -26.81
C ARG E 168 11.21 -4.70 -27.63
N PHE E 169 12.44 -4.35 -27.27
CA PHE E 169 13.59 -4.82 -28.02
C PHE E 169 13.82 -6.31 -27.79
N LEU E 170 13.54 -6.78 -26.57
CA LEU E 170 13.67 -8.20 -26.27
C LEU E 170 12.80 -9.01 -27.20
N GLU E 171 11.59 -8.53 -27.46
CA GLU E 171 10.68 -9.25 -28.34
C GLU E 171 11.21 -9.22 -29.77
N TYR E 172 11.72 -8.07 -30.21
CA TYR E 172 12.27 -7.94 -31.57
C TYR E 172 13.35 -8.98 -31.81
N GLY E 173 14.24 -9.14 -30.83
CA GLY E 173 15.36 -10.03 -31.02
C GLY E 173 15.33 -11.28 -30.16
N LYS E 174 14.14 -11.79 -29.86
CA LYS E 174 14.03 -12.91 -28.91
C LYS E 174 14.79 -14.15 -29.39
N ASP E 175 14.74 -14.42 -30.69
CA ASP E 175 15.47 -15.56 -31.26
C ASP E 175 16.95 -15.50 -30.96
N THR E 176 17.48 -14.28 -30.85
CA THR E 176 18.88 -14.08 -30.50
C THR E 176 19.05 -13.99 -28.99
N LEU E 177 18.30 -13.06 -28.38
CA LEU E 177 18.48 -12.65 -26.99
C LEU E 177 18.03 -13.67 -25.95
N GLN E 178 17.16 -14.58 -26.33
CA GLN E 178 16.54 -15.46 -25.34
C GLN E 178 16.86 -16.92 -25.60
N ARG E 179 17.75 -17.16 -26.55
CA ARG E 179 18.15 -18.52 -26.83
C ARG E 179 19.12 -18.98 -25.76
N THR E 180 19.37 -20.28 -25.72
CA THR E 180 20.36 -20.83 -24.82
C THR E 180 21.23 -21.81 -25.56
N GLU E 181 22.53 -21.57 -25.51
CA GLU E 181 23.48 -22.55 -26.00
C GLU E 181 24.31 -23.02 -24.82
N PRO E 182 24.10 -24.27 -24.39
CA PRO E 182 24.82 -24.77 -23.22
C PRO E 182 26.32 -24.83 -23.49
N PRO E 183 27.14 -24.69 -22.44
CA PRO E 183 28.58 -24.70 -22.63
C PRO E 183 29.14 -26.11 -22.83
N LEU E 184 30.17 -26.21 -23.64
CA LEU E 184 31.01 -27.39 -23.70
C LEU E 184 32.12 -27.20 -22.68
N VAL E 185 32.23 -28.13 -21.74
CA VAL E 185 33.20 -27.95 -20.67
C VAL E 185 34.16 -29.12 -20.58
N ARG E 186 35.45 -28.83 -20.46
CA ARG E 186 36.44 -29.86 -20.28
C ARG E 186 37.40 -29.50 -19.12
N VAL E 187 38.06 -30.51 -18.58
CA VAL E 187 39.09 -30.30 -17.56
C VAL E 187 40.41 -30.82 -18.07
N ASN E 188 41.45 -30.01 -17.97
CA ASN E 188 42.76 -30.46 -18.40
C ASN E 188 43.67 -30.65 -17.19
N ARG E 189 44.57 -31.61 -17.28
CA ARG E 189 45.51 -31.90 -16.21
C ARG E 189 46.92 -31.94 -16.75
N LYS E 190 47.83 -31.21 -16.13
CA LYS E 190 49.22 -31.25 -16.57
C LYS E 190 50.18 -30.95 -15.43
N GLU E 191 51.23 -31.77 -15.31
CA GLU E 191 52.34 -31.41 -14.44
C GLU E 191 53.08 -30.27 -15.11
N THR E 192 53.11 -29.12 -14.46
CA THR E 192 53.78 -27.94 -15.04
C THR E 192 55.23 -27.86 -14.60
N PHE E 193 55.50 -26.92 -13.70
CA PHE E 193 56.77 -26.92 -12.98
C PHE E 193 56.84 -28.27 -12.25
N PRO E 194 58.00 -28.95 -12.29
CA PRO E 194 58.12 -30.29 -11.70
C PRO E 194 57.61 -30.34 -10.27
N GLY E 195 56.62 -31.19 -10.02
CA GLY E 195 55.99 -31.26 -8.72
C GLY E 195 54.57 -30.73 -8.69
N VAL E 196 54.34 -29.60 -9.34
CA VAL E 196 53.01 -28.98 -9.30
C VAL E 196 52.16 -29.23 -10.56
N THR E 197 50.93 -29.69 -10.33
CA THR E 197 49.99 -29.97 -11.41
C THR E 197 48.94 -28.85 -11.53
N ALA E 198 48.66 -28.45 -12.77
CA ALA E 198 47.74 -27.36 -13.06
C ALA E 198 46.43 -27.88 -13.63
N LEU E 199 45.34 -27.66 -12.90
CA LEU E 199 44.03 -28.11 -13.38
C LEU E 199 43.27 -26.94 -13.99
N PHE E 200 42.99 -27.04 -15.29
CA PHE E 200 42.21 -26.02 -15.99
C PHE E 200 40.83 -26.54 -16.34
N CYS E 201 39.81 -25.76 -15.99
CA CYS E 201 38.44 -26.07 -16.37
C CYS E 201 38.02 -25.09 -17.45
N LYS E 202 37.81 -25.59 -18.67
CA LYS E 202 37.56 -24.71 -19.81
C LYS E 202 36.17 -24.88 -20.39
N ALA E 203 35.51 -23.75 -20.65
CA ALA E 203 34.18 -23.76 -21.22
C ALA E 203 34.12 -22.89 -22.47
N HIS E 204 33.36 -23.35 -23.45
CA HIS E 204 33.16 -22.57 -24.65
C HIS E 204 31.87 -22.94 -25.35
N GLY E 205 31.47 -22.10 -26.30
CA GLY E 205 30.30 -22.36 -27.12
C GLY E 205 28.97 -22.02 -26.46
N PHE E 206 29.02 -21.20 -25.42
CA PHE E 206 27.80 -20.90 -24.69
C PHE E 206 27.24 -19.48 -24.86
N TYR E 207 25.91 -19.40 -24.83
CA TYR E 207 25.20 -18.14 -24.76
C TYR E 207 24.01 -18.37 -23.82
N PRO E 208 23.69 -17.40 -22.96
CA PRO E 208 24.30 -16.08 -22.77
C PRO E 208 25.72 -16.15 -22.18
N PRO E 209 26.44 -15.02 -22.14
CA PRO E 209 27.82 -15.05 -21.63
C PRO E 209 27.91 -15.25 -20.12
N GLU E 210 26.82 -15.01 -19.40
CA GLU E 210 26.81 -15.21 -17.96
C GLU E 210 26.96 -16.69 -17.61
N ILE E 211 28.04 -17.03 -16.94
CA ILE E 211 28.33 -18.40 -16.55
C ILE E 211 29.02 -18.39 -15.20
N TYR E 212 28.83 -19.43 -14.42
N TYR E 212 28.78 -19.42 -14.40
CA TYR E 212 29.44 -19.53 -13.09
CA TYR E 212 29.43 -19.55 -13.12
C TYR E 212 30.34 -20.76 -13.03
C TYR E 212 30.36 -20.76 -13.17
N MET E 213 31.63 -20.54 -12.80
CA MET E 213 32.61 -21.62 -12.75
C MET E 213 33.38 -21.57 -11.44
N THR E 214 33.59 -22.72 -10.81
CA THR E 214 34.40 -22.75 -9.60
C THR E 214 34.98 -24.14 -9.36
N TRP E 215 36.03 -24.18 -8.56
CA TRP E 215 36.65 -25.45 -8.19
C TRP E 215 36.33 -25.78 -6.74
N MET E 216 36.09 -27.05 -6.46
CA MET E 216 35.82 -27.47 -5.10
C MET E 216 36.63 -28.72 -4.75
N LYS E 217 37.03 -28.81 -3.49
CA LYS E 217 37.72 -29.99 -2.96
C LYS E 217 36.84 -30.71 -1.95
N ASN E 218 36.54 -31.98 -2.22
CA ASN E 218 35.72 -32.81 -1.32
C ASN E 218 34.32 -32.29 -0.99
N GLY E 219 33.87 -31.23 -1.68
CA GLY E 219 32.57 -30.63 -1.40
C GLY E 219 32.66 -29.24 -0.80
N GLU E 220 33.88 -28.74 -0.63
CA GLU E 220 34.14 -27.39 -0.07
C GLU E 220 34.94 -26.54 -1.07
N GLU E 221 34.69 -25.24 -1.09
CA GLU E 221 35.29 -24.32 -2.08
C GLU E 221 36.77 -23.94 -1.87
N ILE E 222 37.63 -24.35 -2.80
CA ILE E 222 39.04 -23.99 -2.77
C ILE E 222 39.27 -22.57 -3.32
N GLU E 225 42.93 -20.65 -3.80
CA GLU E 225 43.59 -19.75 -4.76
C GLU E 225 43.23 -20.07 -6.22
N ILE E 226 42.02 -19.73 -6.62
CA ILE E 226 41.51 -19.99 -7.97
C ILE E 226 41.84 -18.83 -8.93
N ASP E 227 42.23 -19.18 -10.15
CA ASP E 227 42.52 -18.16 -11.15
C ASP E 227 41.39 -18.12 -12.20
N TYR E 228 40.80 -16.94 -12.42
CA TYR E 228 39.66 -16.84 -13.34
C TYR E 228 40.00 -16.18 -14.67
N GLY E 229 39.65 -16.85 -15.78
CA GLY E 229 39.77 -16.26 -17.10
C GLY E 229 38.56 -15.41 -17.44
N ASP E 230 38.77 -14.33 -18.19
CA ASP E 230 37.66 -13.47 -18.59
C ASP E 230 36.68 -14.23 -19.46
N ILE E 231 35.47 -13.71 -19.56
CA ILE E 231 34.48 -14.26 -20.45
C ILE E 231 34.63 -13.59 -21.81
N LEU E 232 35.13 -14.34 -22.79
CA LEU E 232 35.55 -13.75 -24.06
C LEU E 232 34.61 -14.13 -25.20
N PRO E 233 34.33 -13.16 -26.08
CA PRO E 233 33.54 -13.43 -27.29
C PRO E 233 34.32 -14.31 -28.27
N SER E 234 33.67 -15.35 -28.79
CA SER E 234 34.34 -16.26 -29.71
C SER E 234 34.19 -15.81 -31.18
N GLY E 235 33.36 -14.79 -31.41
CA GLY E 235 33.19 -14.24 -32.75
C GLY E 235 32.08 -14.89 -33.54
N ASP E 236 31.42 -15.88 -32.95
CA ASP E 236 30.29 -16.54 -33.60
C ASP E 236 29.00 -16.36 -32.80
N GLY E 237 29.00 -15.43 -31.84
CA GLY E 237 27.84 -15.21 -31.01
C GLY E 237 27.88 -15.99 -29.69
N THR E 238 28.90 -16.83 -29.51
CA THR E 238 29.03 -17.56 -28.26
C THR E 238 30.29 -17.12 -27.53
N TYR E 239 30.43 -17.56 -26.29
CA TYR E 239 31.48 -17.09 -25.41
C TYR E 239 32.30 -18.24 -24.82
N GLN E 240 33.45 -17.89 -24.25
CA GLN E 240 34.32 -18.89 -23.66
C GLN E 240 34.95 -18.35 -22.40
N ALA E 241 35.29 -19.25 -21.49
CA ALA E 241 35.87 -18.86 -20.21
C ALA E 241 36.55 -20.05 -19.59
N TRP E 242 37.30 -19.81 -18.52
CA TRP E 242 37.97 -20.88 -17.81
C TRP E 242 38.21 -20.52 -16.34
N ALA E 243 38.68 -21.50 -15.57
CA ALA E 243 39.05 -21.31 -14.17
C ALA E 243 40.08 -22.36 -13.83
N SER E 244 41.17 -21.96 -13.17
CA SER E 244 42.26 -22.91 -12.93
C SER E 244 42.69 -22.95 -11.47
N ILE E 245 43.16 -24.11 -11.03
CA ILE E 245 43.78 -24.29 -9.72
C ILE E 245 45.03 -25.18 -9.80
N GLU E 246 45.86 -25.13 -8.78
CA GLU E 246 46.99 -26.05 -8.67
C GLU E 246 46.71 -27.00 -7.51
N LEU E 247 47.14 -28.25 -7.59
CA LEU E 247 46.87 -29.21 -6.52
C LEU E 247 48.13 -29.92 -6.01
N ASP E 248 47.94 -30.85 -5.06
CA ASP E 248 49.06 -31.56 -4.45
C ASP E 248 48.75 -33.04 -4.25
N SER E 252 46.78 -36.70 -1.36
CA SER E 252 45.91 -36.65 -2.52
C SER E 252 44.49 -36.23 -2.11
N ASN E 253 43.83 -35.48 -2.99
CA ASN E 253 42.48 -34.98 -2.72
C ASN E 253 41.55 -35.16 -3.91
N LEU E 254 40.25 -34.98 -3.67
CA LEU E 254 39.25 -35.06 -4.75
C LEU E 254 38.84 -33.68 -5.23
N TYR E 255 39.21 -33.34 -6.46
CA TYR E 255 38.88 -32.04 -7.03
C TYR E 255 37.80 -32.15 -8.09
N SER E 256 36.93 -31.15 -8.11
CA SER E 256 35.86 -31.12 -9.10
C SER E 256 35.56 -29.71 -9.58
N CYS E 257 35.36 -29.57 -10.89
CA CYS E 257 34.96 -28.29 -11.45
C CYS E 257 33.42 -28.21 -11.45
N HIS E 258 32.89 -27.09 -10.97
CA HIS E 258 31.45 -26.88 -10.97
C HIS E 258 31.11 -25.73 -11.90
N VAL E 259 30.13 -25.93 -12.75
CA VAL E 259 29.70 -24.93 -13.71
C VAL E 259 28.20 -24.69 -13.66
N GLU E 260 27.79 -23.44 -13.53
CA GLU E 260 26.37 -23.09 -13.65
C GLU E 260 26.11 -22.27 -14.90
N HIS E 261 25.07 -22.62 -15.65
CA HIS E 261 24.72 -21.86 -16.84
C HIS E 261 23.24 -22.04 -17.18
N SER E 262 22.49 -20.93 -17.17
CA SER E 262 21.05 -20.95 -17.42
C SER E 262 20.30 -22.07 -16.70
N GLY E 263 20.42 -22.10 -15.38
CA GLY E 263 19.65 -23.04 -14.59
C GLY E 263 20.08 -24.49 -14.68
N VAL E 264 21.21 -24.75 -15.32
CA VAL E 264 21.71 -26.11 -15.37
C VAL E 264 23.06 -26.16 -14.68
N HIS E 265 23.19 -27.06 -13.73
CA HIS E 265 24.44 -27.21 -12.99
C HIS E 265 25.20 -28.41 -13.55
N MET E 266 26.52 -28.29 -13.56
CA MET E 266 27.38 -29.30 -14.15
C MET E 266 28.63 -29.50 -13.30
N VAL E 267 29.00 -30.77 -13.07
CA VAL E 267 30.16 -31.10 -12.25
C VAL E 267 31.11 -31.98 -13.01
N LEU E 268 32.39 -31.60 -12.99
CA LEU E 268 33.41 -32.41 -13.63
C LEU E 268 34.47 -32.80 -12.58
N GLN E 269 34.51 -34.08 -12.23
CA GLN E 269 35.48 -34.61 -11.28
C GLN E 269 36.79 -35.02 -11.93
N VAL E 270 37.88 -34.95 -11.19
CA VAL E 270 39.20 -35.29 -11.72
C VAL E 270 39.69 -36.63 -11.15
N GLY F 1 2.46 8.92 -29.99
CA GLY F 1 1.17 8.41 -29.59
C GLY F 1 0.06 8.79 -30.54
N GLN F 2 -1.18 8.43 -30.19
CA GLN F 2 -2.33 8.62 -31.08
C GLN F 2 -3.08 9.92 -30.82
N ASN F 3 -3.78 9.98 -29.69
CA ASN F 3 -4.63 11.14 -29.42
C ASN F 3 -4.72 11.60 -27.97
N ILE F 4 -5.07 12.86 -27.83
CA ILE F 4 -5.28 13.50 -26.56
C ILE F 4 -6.71 14.04 -26.56
N ASP F 5 -7.43 13.84 -25.46
CA ASP F 5 -8.81 14.33 -25.37
C ASP F 5 -8.99 15.30 -24.22
N GLN F 6 -9.53 16.46 -24.54
CA GLN F 6 -9.99 17.39 -23.54
C GLN F 6 -11.28 17.96 -24.08
N PRO F 7 -12.22 18.31 -23.19
CA PRO F 7 -13.51 18.82 -23.67
C PRO F 7 -13.32 20.09 -24.49
N THR F 8 -14.21 20.28 -25.46
CA THR F 8 -14.13 21.44 -26.33
C THR F 8 -14.29 22.72 -25.54
N GLU F 9 -15.25 22.72 -24.62
CA GLU F 9 -15.65 23.93 -23.94
C GLU F 9 -16.21 23.64 -22.55
N MET F 10 -15.93 24.54 -21.60
CA MET F 10 -16.48 24.44 -20.26
C MET F 10 -16.90 25.80 -19.73
N THR F 11 -18.00 25.82 -19.00
CA THR F 11 -18.52 27.03 -18.40
C THR F 11 -18.71 26.84 -16.89
N ALA F 12 -18.17 27.75 -16.11
CA ALA F 12 -18.30 27.72 -14.67
C ALA F 12 -18.58 29.13 -14.17
N THR F 13 -18.85 29.27 -12.88
CA THR F 13 -19.25 30.55 -12.32
C THR F 13 -18.12 31.26 -11.59
N GLU F 14 -18.09 32.58 -11.69
CA GLU F 14 -17.15 33.42 -10.96
C GLU F 14 -17.10 33.04 -9.50
N GLY F 15 -15.88 32.95 -8.96
CA GLY F 15 -15.67 32.64 -7.56
C GLY F 15 -15.61 31.15 -7.28
N ALA F 16 -16.14 30.36 -8.21
CA ALA F 16 -16.24 28.92 -8.02
C ALA F 16 -14.99 28.19 -8.49
N ILE F 17 -15.17 26.88 -8.71
CA ILE F 17 -14.09 25.97 -9.04
C ILE F 17 -14.40 25.25 -10.35
N VAL F 18 -13.38 25.05 -11.16
CA VAL F 18 -13.55 24.23 -12.36
C VAL F 18 -12.37 23.27 -12.54
N GLN F 19 -12.68 22.09 -13.06
CA GLN F 19 -11.66 21.07 -13.29
C GLN F 19 -11.66 20.67 -14.77
N ILE F 20 -10.54 20.91 -15.45
CA ILE F 20 -10.47 20.60 -16.87
C ILE F 20 -9.68 19.31 -17.10
N ASN F 21 -10.35 18.31 -17.65
CA ASN F 21 -9.73 17.00 -17.83
C ASN F 21 -8.99 16.84 -19.13
N CYS F 22 -7.91 16.09 -19.06
CA CYS F 22 -7.15 15.70 -20.21
C CYS F 22 -6.74 14.24 -20.10
N THR F 23 -7.30 13.41 -20.97
CA THR F 23 -6.94 12.00 -21.02
C THR F 23 -6.04 11.79 -22.24
N TYR F 24 -5.05 10.91 -22.08
CA TYR F 24 -4.14 10.66 -23.18
C TYR F 24 -4.06 9.16 -23.46
N GLN F 25 -4.09 8.84 -24.75
CA GLN F 25 -3.85 7.49 -25.24
C GLN F 25 -2.62 7.60 -26.13
N THR F 26 -1.47 7.34 -25.55
CA THR F 26 -0.24 7.65 -26.26
C THR F 26 0.75 6.50 -26.21
N SER F 27 1.70 6.52 -27.14
CA SER F 27 2.73 5.50 -27.21
C SER F 27 3.94 5.90 -26.40
N GLY F 28 3.93 5.55 -25.11
CA GLY F 28 4.96 5.96 -24.17
C GLY F 28 4.61 7.31 -23.59
N PHE F 29 5.27 7.69 -22.51
CA PHE F 29 4.88 8.90 -21.79
C PHE F 29 6.09 9.57 -21.13
N ASN F 30 6.30 10.84 -21.43
CA ASN F 30 7.42 11.56 -20.85
C ASN F 30 6.99 12.87 -20.21
N GLY F 31 5.69 12.99 -19.93
CA GLY F 31 5.19 14.18 -19.27
C GLY F 31 3.94 14.76 -19.92
N LEU F 32 3.16 15.46 -19.10
CA LEU F 32 1.98 16.15 -19.57
C LEU F 32 2.09 17.64 -19.25
N PHE F 33 1.87 18.49 -20.27
CA PHE F 33 1.93 19.93 -20.08
C PHE F 33 0.54 20.57 -20.18
N TRP F 34 0.31 21.61 -19.40
CA TRP F 34 -0.84 22.49 -19.58
C TRP F 34 -0.39 23.87 -19.97
N TYR F 35 -1.07 24.45 -20.96
CA TYR F 35 -0.76 25.81 -21.39
C TYR F 35 -2.01 26.67 -21.32
N GLN F 36 -1.83 27.96 -21.07
CA GLN F 36 -2.93 28.90 -21.11
C GLN F 36 -2.81 29.80 -22.33
N GLN F 37 -3.91 29.97 -23.04
CA GLN F 37 -3.93 30.86 -24.18
C GLN F 37 -5.18 31.74 -24.19
N HIS F 38 -4.96 33.03 -23.93
CA HIS F 38 -6.02 34.01 -24.09
C HIS F 38 -6.33 34.24 -25.56
N ALA F 39 -7.59 34.55 -25.85
CA ALA F 39 -8.03 34.78 -27.22
C ALA F 39 -7.15 35.80 -27.93
N GLY F 40 -6.61 35.39 -29.08
CA GLY F 40 -5.83 36.30 -29.87
C GLY F 40 -4.41 36.40 -29.37
N GLU F 41 -4.03 35.51 -28.45
CA GLU F 41 -2.70 35.60 -27.88
C GLU F 41 -1.91 34.30 -27.93
N ALA F 42 -0.69 34.37 -27.42
CA ALA F 42 0.20 33.24 -27.42
C ALA F 42 -0.05 32.31 -26.24
N PRO F 43 0.08 31.01 -26.47
CA PRO F 43 0.01 30.07 -25.34
C PRO F 43 1.17 30.35 -24.39
N THR F 44 0.93 30.22 -23.09
CA THR F 44 2.01 30.32 -22.11
C THR F 44 1.99 29.10 -21.19
N PHE F 45 3.15 28.74 -20.66
CA PHE F 45 3.30 27.56 -19.83
C PHE F 45 2.59 27.69 -18.48
N LEU F 46 1.77 26.69 -18.15
CA LEU F 46 1.15 26.64 -16.83
C LEU F 46 1.80 25.61 -15.93
N SER F 47 1.95 24.39 -16.43
CA SER F 47 2.33 23.27 -15.58
C SER F 47 2.88 22.04 -16.29
N TYR F 48 3.53 21.19 -15.50
CA TYR F 48 4.09 19.93 -16.01
C TYR F 48 3.96 18.84 -14.97
N ASN F 49 3.42 17.70 -15.37
CA ASN F 49 3.39 16.51 -14.52
C ASN F 49 3.97 15.34 -15.27
N VAL F 50 4.67 14.46 -14.56
CA VAL F 50 5.16 13.25 -15.21
C VAL F 50 4.99 12.05 -14.26
N LEU F 51 5.02 12.32 -12.95
CA LEU F 51 4.69 11.36 -11.88
C LEU F 51 3.37 11.66 -11.17
N ASP F 52 2.82 10.67 -10.46
CA ASP F 52 1.52 10.83 -9.82
C ASP F 52 1.48 11.89 -8.73
N GLY F 53 0.38 12.62 -8.69
CA GLY F 53 0.17 13.64 -7.67
C GLY F 53 -0.36 14.95 -8.18
N LEU F 54 -0.41 15.89 -7.27
CA LEU F 54 -0.98 17.21 -7.50
C LEU F 54 0.07 18.29 -7.23
N GLU F 55 0.22 19.22 -8.14
CA GLU F 55 1.11 20.36 -7.91
C GLU F 55 0.31 21.65 -7.87
N GLU F 56 0.44 22.38 -6.79
CA GLU F 56 -0.28 23.63 -6.63
C GLU F 56 0.60 24.80 -7.01
N LYS F 57 0.00 25.78 -7.66
CA LYS F 57 0.71 26.93 -8.17
C LYS F 57 -0.21 28.15 -8.14
N GLY F 58 -0.44 28.66 -6.93
CA GLY F 58 -1.38 29.75 -6.76
C GLY F 58 -2.78 29.17 -6.76
N ARG F 59 -3.67 29.81 -7.51
CA ARG F 59 -5.03 29.31 -7.65
C ARG F 59 -5.10 28.10 -8.61
N PHE F 60 -3.99 27.82 -9.31
CA PHE F 60 -3.95 26.71 -10.28
C PHE F 60 -3.25 25.47 -9.72
N SER F 61 -3.88 24.31 -9.92
CA SER F 61 -3.28 23.03 -9.55
C SER F 61 -3.28 22.06 -10.73
N SER F 62 -2.31 21.15 -10.75
CA SER F 62 -2.22 20.17 -11.82
C SER F 62 -2.07 18.75 -11.29
N PHE F 63 -2.94 17.87 -11.75
CA PHE F 63 -2.97 16.51 -11.27
C PHE F 63 -2.59 15.53 -12.35
N LEU F 64 -1.96 14.44 -11.97
CA LEU F 64 -1.67 13.37 -12.91
C LEU F 64 -1.91 12.02 -12.30
N SER F 65 -2.62 11.17 -13.03
CA SER F 65 -2.76 9.76 -12.68
C SER F 65 -2.24 8.95 -13.84
N ARG F 66 -1.05 8.37 -13.68
CA ARG F 66 -0.43 7.65 -14.78
C ARG F 66 -1.14 6.36 -15.15
N SER F 67 -1.62 5.60 -14.16
CA SER F 67 -2.27 4.33 -14.47
C SER F 67 -3.63 4.56 -15.11
N LYS F 68 -4.32 5.61 -14.67
CA LYS F 68 -5.62 5.96 -15.23
C LYS F 68 -5.46 6.79 -16.50
N GLY F 69 -4.23 7.21 -16.78
CA GLY F 69 -3.90 7.93 -18.00
C GLY F 69 -4.66 9.23 -18.20
N TYR F 70 -4.78 10.01 -17.15
CA TYR F 70 -5.42 11.32 -17.28
C TYR F 70 -4.83 12.35 -16.35
N SER F 71 -5.10 13.60 -16.68
CA SER F 71 -4.66 14.73 -15.87
C SER F 71 -5.80 15.71 -15.75
N TYR F 72 -5.78 16.55 -14.73
CA TYR F 72 -6.68 17.67 -14.78
C TYR F 72 -5.95 18.94 -14.34
N LEU F 73 -6.42 20.06 -14.89
CA LEU F 73 -6.00 21.36 -14.45
C LEU F 73 -7.13 21.91 -13.58
N LEU F 74 -6.79 22.22 -12.34
CA LEU F 74 -7.78 22.74 -11.39
C LEU F 74 -7.64 24.24 -11.17
N LEU F 75 -8.74 24.96 -11.35
CA LEU F 75 -8.76 26.40 -11.07
C LEU F 75 -9.69 26.73 -9.91
N LYS F 76 -9.15 27.36 -8.88
CA LYS F 76 -9.97 27.78 -7.74
C LYS F 76 -10.26 29.28 -7.81
N GLU F 77 -11.34 29.70 -7.16
CA GLU F 77 -11.71 31.11 -7.05
C GLU F 77 -11.67 31.80 -8.40
N LEU F 78 -12.45 31.26 -9.33
CA LEU F 78 -12.46 31.71 -10.72
C LEU F 78 -12.68 33.21 -10.84
N GLN F 79 -11.86 33.85 -11.66
CA GLN F 79 -12.01 35.26 -11.99
C GLN F 79 -12.30 35.35 -13.47
N MET F 80 -12.82 36.49 -13.90
CA MET F 80 -13.13 36.67 -15.30
C MET F 80 -11.88 36.48 -16.15
N LYS F 81 -10.73 36.93 -15.63
CA LYS F 81 -9.50 36.86 -16.40
C LYS F 81 -9.06 35.42 -16.64
N ASP F 82 -9.74 34.46 -16.01
CA ASP F 82 -9.42 33.05 -16.25
C ASP F 82 -10.09 32.57 -17.53
N SER F 83 -10.94 33.41 -18.10
CA SER F 83 -11.51 33.12 -19.42
C SER F 83 -10.38 33.04 -20.42
N ALA F 84 -10.22 31.86 -21.03
CA ALA F 84 -9.13 31.59 -21.95
C ALA F 84 -9.29 30.16 -22.48
N SER F 85 -8.39 29.75 -23.35
CA SER F 85 -8.30 28.35 -23.72
C SER F 85 -7.16 27.69 -22.96
N TYR F 86 -7.36 26.42 -22.62
CA TYR F 86 -6.33 25.68 -21.91
C TYR F 86 -5.94 24.47 -22.74
N LEU F 87 -4.65 24.41 -23.09
CA LEU F 87 -4.14 23.41 -24.02
C LEU F 87 -3.43 22.29 -23.28
N CYS F 88 -3.84 21.07 -23.55
CA CYS F 88 -3.20 19.89 -22.99
C CYS F 88 -2.20 19.29 -24.00
N ALA F 89 -0.99 19.00 -23.55
CA ALA F 89 0.01 18.41 -24.43
C ALA F 89 0.85 17.34 -23.73
N VAL F 90 1.04 16.21 -24.41
CA VAL F 90 1.81 15.11 -23.85
C VAL F 90 3.07 14.82 -24.68
N LYS F 91 4.17 14.54 -24.00
CA LYS F 91 5.40 14.10 -24.66
C LYS F 91 5.37 12.58 -24.76
N ASP F 92 5.51 12.04 -25.97
CA ASP F 92 5.42 10.59 -26.17
C ASP F 92 6.79 9.93 -26.05
N SER F 93 6.89 8.64 -26.37
CA SER F 93 8.17 7.92 -26.28
C SER F 93 9.31 8.55 -27.05
N ASN F 94 9.01 9.26 -28.14
CA ASN F 94 10.07 9.85 -28.93
C ASN F 94 10.18 11.34 -28.66
N TYR F 95 9.68 11.71 -27.49
CA TYR F 95 9.79 13.06 -26.94
C TYR F 95 9.09 14.07 -27.85
N GLN F 96 8.12 13.59 -28.62
CA GLN F 96 7.31 14.44 -29.48
C GLN F 96 6.04 14.89 -28.77
N LEU F 97 5.65 16.14 -29.04
CA LEU F 97 4.47 16.70 -28.41
C LEU F 97 3.20 16.36 -29.18
N ILE F 98 2.22 15.79 -28.47
CA ILE F 98 0.90 15.58 -29.04
C ILE F 98 -0.06 16.55 -28.38
N TRP F 99 -0.75 17.34 -29.19
CA TRP F 99 -1.56 18.42 -28.65
C TRP F 99 -3.05 18.11 -28.63
N GLY F 100 -3.69 18.37 -27.50
CA GLY F 100 -5.13 18.34 -27.43
C GLY F 100 -5.69 19.52 -28.21
N ALA F 101 -6.98 19.47 -28.56
CA ALA F 101 -7.58 20.51 -29.40
C ALA F 101 -7.88 21.78 -28.60
N GLY F 102 -7.69 21.69 -27.29
CA GLY F 102 -7.91 22.83 -26.42
C GLY F 102 -9.29 22.87 -25.81
N THR F 103 -9.35 23.43 -24.60
CA THR F 103 -10.61 23.66 -23.93
C THR F 103 -10.83 25.16 -23.71
N LYS F 104 -11.87 25.71 -24.32
CA LYS F 104 -12.22 27.10 -24.10
C LYS F 104 -13.01 27.21 -22.79
N LEU F 105 -12.50 27.97 -21.82
CA LEU F 105 -13.18 28.14 -20.54
C LEU F 105 -13.93 29.46 -20.49
N ILE F 106 -15.22 29.40 -20.20
CA ILE F 106 -16.07 30.57 -20.13
C ILE F 106 -16.50 30.80 -18.67
N ILE F 107 -16.31 32.01 -18.17
CA ILE F 107 -16.68 32.32 -16.79
C ILE F 107 -17.96 33.15 -16.75
N LYS F 108 -18.97 32.65 -16.04
CA LYS F 108 -20.18 33.44 -15.84
C LYS F 108 -20.00 34.36 -14.63
N PRO F 109 -20.07 35.67 -14.88
CA PRO F 109 -19.93 36.64 -13.80
C PRO F 109 -21.09 36.56 -12.82
N ASP F 110 -20.80 36.77 -11.55
CA ASP F 110 -21.83 36.78 -10.53
C ASP F 110 -22.52 38.14 -10.50
N ILE F 111 -23.72 38.21 -11.06
CA ILE F 111 -24.46 39.47 -11.13
C ILE F 111 -25.28 39.72 -9.87
N GLN F 112 -24.83 40.68 -9.06
CA GLN F 112 -25.46 40.98 -7.78
C GLN F 112 -26.89 41.50 -7.91
N ASN F 113 -27.11 42.44 -8.82
CA ASN F 113 -28.44 43.01 -9.02
C ASN F 113 -28.85 43.05 -10.47
N PRO F 114 -29.48 41.96 -10.94
CA PRO F 114 -29.94 41.87 -12.32
C PRO F 114 -30.95 42.98 -12.64
N ASP F 115 -30.84 43.56 -13.83
CA ASP F 115 -31.74 44.63 -14.22
C ASP F 115 -31.95 44.60 -15.73
N PRO F 116 -32.43 43.46 -16.26
CA PRO F 116 -32.48 43.23 -17.71
C PRO F 116 -33.30 44.28 -18.46
N ALA F 117 -32.73 44.80 -19.55
CA ALA F 117 -33.37 45.84 -20.33
C ALA F 117 -32.81 45.87 -21.75
N VAL F 118 -33.58 46.40 -22.69
CA VAL F 118 -33.13 46.58 -24.06
C VAL F 118 -33.19 48.06 -24.45
N TYR F 119 -32.03 48.71 -24.56
CA TYR F 119 -31.98 50.14 -24.84
C TYR F 119 -31.68 50.39 -26.31
N GLN F 120 -32.19 51.48 -26.86
CA GLN F 120 -31.85 51.84 -28.23
C GLN F 120 -30.85 52.99 -28.28
N LEU F 121 -29.74 52.79 -28.98
CA LEU F 121 -28.72 53.84 -29.12
C LEU F 121 -28.80 54.60 -30.45
N ARG F 122 -28.54 55.91 -30.41
CA ARG F 122 -28.60 56.78 -31.60
C ARG F 122 -27.31 56.74 -32.43
N ASP F 123 -27.47 56.84 -33.75
CA ASP F 123 -26.36 56.78 -34.73
C ASP F 123 -25.20 57.78 -34.57
N SER F 124 -25.42 58.86 -33.83
CA SER F 124 -24.39 59.88 -33.57
C SER F 124 -23.92 60.59 -34.87
N LYS F 125 -24.67 60.37 -35.95
CA LYS F 125 -24.38 60.97 -37.25
C LYS F 125 -25.55 60.71 -38.20
N ASP F 128 -24.96 54.93 -41.29
CA ASP F 128 -25.69 55.36 -40.10
C ASP F 128 -26.25 54.16 -39.33
N LYS F 129 -27.57 53.98 -39.40
CA LYS F 129 -28.32 52.90 -38.73
C LYS F 129 -28.50 53.13 -37.22
N SER F 130 -29.36 52.32 -36.61
CA SER F 130 -29.53 52.30 -35.15
C SER F 130 -29.23 50.93 -34.52
N VAL F 131 -28.87 50.97 -33.23
CA VAL F 131 -28.36 49.82 -32.48
C VAL F 131 -29.17 49.53 -31.22
N CYS F 132 -29.41 48.24 -30.95
CA CYS F 132 -30.15 47.82 -29.76
C CYS F 132 -29.23 47.13 -28.76
N LEU F 133 -29.31 47.53 -27.48
CA LEU F 133 -28.47 46.96 -26.44
C LEU F 133 -29.26 46.15 -25.41
N PHE F 134 -29.09 44.83 -25.42
CA PHE F 134 -29.63 43.96 -24.39
C PHE F 134 -28.56 43.84 -23.30
N THR F 135 -28.88 44.27 -22.08
CA THR F 135 -27.88 44.45 -21.04
C THR F 135 -28.40 44.25 -19.62
N ASP F 136 -27.48 44.03 -18.69
CA ASP F 136 -27.74 43.99 -17.25
C ASP F 136 -28.60 42.82 -16.81
N PHE F 137 -28.63 41.77 -17.62
CA PHE F 137 -29.34 40.55 -17.28
C PHE F 137 -28.45 39.58 -16.50
N ASP F 138 -29.10 38.62 -15.83
CA ASP F 138 -28.44 37.55 -15.09
C ASP F 138 -27.64 36.65 -16.03
N SER F 139 -26.55 36.07 -15.53
CA SER F 139 -25.68 35.25 -16.38
C SER F 139 -26.34 33.98 -16.89
N GLN F 140 -27.53 33.67 -16.37
CA GLN F 140 -28.25 32.47 -16.76
C GLN F 140 -28.94 32.65 -18.11
N THR F 141 -29.04 33.89 -18.56
CA THR F 141 -29.66 34.17 -19.84
C THR F 141 -28.71 33.82 -20.97
N ASN F 142 -29.23 33.12 -21.97
CA ASN F 142 -28.44 32.82 -23.15
C ASN F 142 -28.93 33.63 -24.32
N VAL F 143 -28.00 34.21 -25.07
CA VAL F 143 -28.33 35.04 -26.22
C VAL F 143 -28.24 34.24 -27.51
N SER F 144 -29.38 34.09 -28.18
CA SER F 144 -29.43 33.33 -29.42
C SER F 144 -29.16 34.21 -30.64
N GLN F 145 -28.66 33.60 -31.70
CA GLN F 145 -28.41 34.31 -32.95
C GLN F 145 -29.71 34.71 -33.63
N SER F 146 -29.61 35.58 -34.63
CA SER F 146 -30.77 36.06 -35.39
C SER F 146 -31.14 35.09 -36.50
N LYS F 147 -32.39 35.18 -36.97
CA LYS F 147 -32.83 34.37 -38.10
C LYS F 147 -32.70 35.15 -39.41
N ASP F 148 -33.14 36.41 -39.42
CA ASP F 148 -32.96 37.26 -40.60
C ASP F 148 -31.49 37.65 -40.70
N SER F 149 -30.88 37.32 -41.83
CA SER F 149 -29.43 37.50 -41.98
C SER F 149 -29.04 38.96 -42.22
N ASP F 150 -30.03 39.84 -42.30
CA ASP F 150 -29.74 41.27 -42.35
C ASP F 150 -29.93 41.85 -40.95
N VAL F 151 -30.08 40.94 -39.99
CA VAL F 151 -30.11 41.30 -38.58
C VAL F 151 -28.92 40.64 -37.90
N TYR F 152 -28.11 41.44 -37.23
CA TYR F 152 -26.89 40.92 -36.62
C TYR F 152 -26.96 41.00 -35.11
N ILE F 153 -26.65 39.90 -34.45
CA ILE F 153 -26.67 39.84 -33.00
C ILE F 153 -25.35 39.29 -32.49
N THR F 154 -24.73 39.97 -31.55
CA THR F 154 -23.45 39.54 -31.00
C THR F 154 -23.64 38.62 -29.82
N ASP F 155 -22.59 37.90 -29.45
CA ASP F 155 -22.66 37.05 -28.26
C ASP F 155 -22.66 37.96 -27.03
N LYS F 156 -22.99 37.41 -25.86
CA LYS F 156 -22.96 38.24 -24.67
C LYS F 156 -21.51 38.52 -24.27
N CYS F 157 -21.29 39.73 -23.81
CA CYS F 157 -19.96 40.23 -23.47
C CYS F 157 -20.00 40.74 -22.02
N VAL F 158 -18.95 40.50 -21.24
CA VAL F 158 -18.91 40.96 -19.86
C VAL F 158 -17.98 42.16 -19.68
N LEU F 159 -18.51 43.29 -19.23
CA LEU F 159 -17.65 44.46 -18.99
C LEU F 159 -17.52 44.73 -17.49
N ASP F 160 -16.40 45.33 -17.12
CA ASP F 160 -16.09 45.56 -15.72
C ASP F 160 -15.76 47.03 -15.43
N MET F 161 -16.61 47.66 -14.64
CA MET F 161 -16.31 49.00 -14.12
C MET F 161 -15.63 48.82 -12.77
N ARG F 162 -14.31 48.64 -12.81
CA ARG F 162 -13.52 48.22 -11.66
C ARG F 162 -13.59 49.20 -10.49
N SER F 163 -13.73 50.49 -10.79
CA SER F 163 -13.77 51.52 -9.76
C SER F 163 -15.10 51.56 -9.04
N MET F 164 -16.07 50.80 -9.53
CA MET F 164 -17.39 50.74 -8.90
C MET F 164 -17.73 49.32 -8.48
N ASP F 165 -16.78 48.40 -8.65
CA ASP F 165 -16.98 46.99 -8.33
C ASP F 165 -18.26 46.46 -9.00
N PHE F 166 -18.45 46.81 -10.27
CA PHE F 166 -19.67 46.46 -10.96
C PHE F 166 -19.40 45.74 -12.28
N LYS F 167 -20.05 44.59 -12.46
CA LYS F 167 -19.93 43.86 -13.70
C LYS F 167 -21.32 43.81 -14.35
N SER F 168 -21.35 43.72 -15.68
CA SER F 168 -22.63 43.58 -16.38
C SER F 168 -22.45 42.89 -17.72
N ASN F 169 -23.44 42.06 -18.06
CA ASN F 169 -23.53 41.41 -19.36
C ASN F 169 -24.16 42.33 -20.39
N SER F 170 -23.87 42.09 -21.65
CA SER F 170 -24.58 42.76 -22.74
C SER F 170 -24.39 42.05 -24.07
N ALA F 171 -25.39 42.17 -24.93
CA ALA F 171 -25.28 41.73 -26.31
C ALA F 171 -25.85 42.83 -27.20
N VAL F 172 -25.27 42.98 -28.39
CA VAL F 172 -25.68 44.05 -29.29
C VAL F 172 -26.38 43.50 -30.55
N ALA F 173 -27.43 44.20 -30.97
CA ALA F 173 -28.16 43.83 -32.18
C ALA F 173 -28.34 45.05 -33.06
N TRP F 174 -28.22 44.85 -34.38
CA TRP F 174 -28.43 45.95 -35.31
C TRP F 174 -28.90 45.46 -36.68
N SER F 175 -29.48 46.40 -37.45
CA SER F 175 -29.96 46.10 -38.79
C SER F 175 -30.22 47.40 -39.55
N ASN F 176 -30.19 47.33 -40.88
CA ASN F 176 -30.59 48.45 -41.72
C ASN F 176 -31.91 48.16 -42.43
N LYS F 177 -32.53 47.05 -42.04
CA LYS F 177 -33.89 46.73 -42.48
C LYS F 177 -34.83 47.77 -41.90
N SER F 178 -35.86 48.14 -42.65
CA SER F 178 -36.82 49.15 -42.20
C SER F 178 -37.75 48.67 -41.07
N ASP F 179 -38.06 47.37 -41.08
CA ASP F 179 -39.00 46.79 -40.13
C ASP F 179 -38.40 46.50 -38.74
N PHE F 180 -37.08 46.66 -38.61
CA PHE F 180 -36.37 46.27 -37.40
C PHE F 180 -36.61 47.19 -36.19
N ALA F 181 -37.06 46.60 -35.09
CA ALA F 181 -37.27 47.33 -33.85
C ALA F 181 -36.57 46.64 -32.67
N CYS F 182 -36.29 47.42 -31.63
CA CYS F 182 -35.58 46.89 -30.47
C CYS F 182 -36.48 45.99 -29.61
N ALA F 183 -37.79 46.21 -29.71
CA ALA F 183 -38.76 45.41 -28.97
C ALA F 183 -38.84 44.00 -29.54
N ASN F 184 -38.34 43.85 -30.77
CA ASN F 184 -38.41 42.58 -31.50
C ASN F 184 -37.04 41.96 -31.70
N ALA F 185 -36.01 42.76 -31.43
CA ALA F 185 -34.64 42.42 -31.80
C ALA F 185 -34.14 41.10 -31.24
N PHE F 186 -34.53 40.77 -30.01
CA PHE F 186 -33.98 39.58 -29.35
C PHE F 186 -35.01 38.50 -29.13
N ASN F 187 -35.97 38.40 -30.05
CA ASN F 187 -37.09 37.47 -29.91
C ASN F 187 -36.74 36.01 -30.06
N ASN F 188 -35.58 35.73 -30.64
CA ASN F 188 -35.15 34.35 -30.79
C ASN F 188 -34.49 33.84 -29.51
N SER F 189 -34.31 34.75 -28.55
CA SER F 189 -33.68 34.42 -27.27
C SER F 189 -34.67 34.33 -26.11
N ILE F 190 -34.33 33.55 -25.09
CA ILE F 190 -35.14 33.47 -23.89
C ILE F 190 -34.68 34.51 -22.88
N ILE F 191 -35.39 35.63 -22.85
CA ILE F 191 -35.03 36.75 -22.00
C ILE F 191 -35.96 36.84 -20.80
N PRO F 192 -35.51 37.49 -19.71
CA PRO F 192 -36.36 37.61 -18.52
C PRO F 192 -37.71 38.27 -18.83
N GLU F 193 -38.76 37.88 -18.11
CA GLU F 193 -40.09 38.45 -18.32
C GLU F 193 -40.14 39.90 -17.89
N ASP F 194 -39.38 40.23 -16.85
CA ASP F 194 -39.35 41.58 -16.32
C ASP F 194 -38.36 42.48 -17.07
N THR F 195 -38.01 42.11 -18.30
CA THR F 195 -37.06 42.88 -19.10
C THR F 195 -37.62 44.26 -19.48
N PHE F 196 -36.94 45.30 -19.01
CA PHE F 196 -37.37 46.67 -19.23
C PHE F 196 -37.24 47.09 -20.69
N PHE F 197 -38.39 47.37 -21.32
CA PHE F 197 -38.44 47.87 -22.69
C PHE F 197 -38.98 49.29 -22.73
N PRO F 198 -38.11 50.29 -22.52
CA PRO F 198 -38.64 51.67 -22.55
C PRO F 198 -39.23 52.03 -23.92
N SER F 199 -40.44 52.57 -23.95
CA SER F 199 -41.06 52.92 -25.23
C SER F 199 -40.33 54.11 -25.83
N PRO F 200 -39.95 54.01 -27.12
CA PRO F 200 -39.22 55.08 -27.80
C PRO F 200 -40.09 56.29 -28.09
N ALA G 2 13.18 39.54 -24.12
CA ALA G 2 11.88 39.62 -24.77
C ALA G 2 11.28 38.23 -25.00
N GLY G 3 12.13 37.21 -25.06
CA GLY G 3 11.64 35.85 -25.28
C GLY G 3 11.74 35.48 -26.76
N VAL G 4 10.62 35.09 -27.33
CA VAL G 4 10.56 34.74 -28.74
C VAL G 4 9.86 35.83 -29.55
N THR G 5 10.58 36.36 -30.54
CA THR G 5 10.07 37.43 -31.40
C THR G 5 9.80 36.91 -32.82
N GLN G 6 8.56 37.04 -33.28
CA GLN G 6 8.25 36.67 -34.66
C GLN G 6 7.53 37.79 -35.39
N THR G 7 7.77 37.88 -36.69
CA THR G 7 7.15 38.88 -37.55
C THR G 7 6.75 38.19 -38.84
N PRO G 8 5.70 38.70 -39.52
CA PRO G 8 4.85 39.84 -39.13
C PRO G 8 3.68 39.41 -38.24
N LYS G 9 3.03 40.37 -37.60
CA LYS G 9 1.85 40.10 -36.78
C LYS G 9 0.67 39.73 -37.67
N PHE G 10 0.56 40.44 -38.79
CA PHE G 10 -0.49 40.21 -39.77
C PHE G 10 0.09 40.25 -41.18
N GLN G 11 -0.54 39.55 -42.10
CA GLN G 11 -0.12 39.56 -43.50
C GLN G 11 -1.23 39.05 -44.40
N VAL G 12 -1.53 39.79 -45.45
CA VAL G 12 -2.44 39.36 -46.49
C VAL G 12 -1.62 38.92 -47.69
N LEU G 13 -2.00 37.81 -48.32
CA LEU G 13 -1.25 37.29 -49.46
C LEU G 13 -2.19 36.88 -50.58
N LYS G 14 -1.76 37.12 -51.82
CA LYS G 14 -2.45 36.58 -52.99
C LYS G 14 -1.98 35.16 -53.26
N THR G 15 -2.87 34.30 -53.75
CA THR G 15 -2.53 32.93 -54.09
C THR G 15 -1.34 32.89 -55.04
N GLY G 16 -0.33 32.09 -54.69
CA GLY G 16 0.85 31.91 -55.52
C GLY G 16 2.02 32.79 -55.10
N GLN G 17 1.75 33.73 -54.21
CA GLN G 17 2.75 34.67 -53.72
C GLN G 17 3.64 33.99 -52.70
N SER G 18 4.91 34.38 -52.68
CA SER G 18 5.85 33.88 -51.67
C SER G 18 5.81 34.71 -50.41
N MET G 19 6.27 34.12 -49.31
CA MET G 19 6.26 34.75 -48.02
C MET G 19 7.29 34.11 -47.09
N THR G 20 7.97 34.94 -46.32
CA THR G 20 8.86 34.45 -45.27
C THR G 20 8.46 35.00 -43.92
N LEU G 21 8.31 34.10 -42.95
CA LEU G 21 8.05 34.52 -41.59
C LEU G 21 9.36 34.45 -40.81
N GLN G 22 9.64 35.50 -40.04
CA GLN G 22 10.87 35.57 -39.25
C GLN G 22 10.62 35.22 -37.81
N CYS G 23 11.63 34.63 -37.18
CA CYS G 23 11.60 34.29 -35.75
C CYS G 23 12.97 34.28 -35.10
N ALA G 24 13.12 35.02 -34.01
CA ALA G 24 14.36 35.02 -33.25
C ALA G 24 14.05 34.75 -31.77
N GLN G 25 15.00 34.15 -31.07
CA GLN G 25 14.87 33.91 -29.64
C GLN G 25 16.16 34.26 -28.92
N ASP G 26 16.07 34.94 -27.78
CA ASP G 26 17.24 35.44 -27.07
C ASP G 26 17.58 34.61 -25.84
N MET G 27 17.14 33.36 -25.82
CA MET G 27 17.27 32.58 -24.60
C MET G 27 18.30 31.45 -24.67
N ASN G 28 19.11 31.45 -25.73
CA ASN G 28 20.13 30.43 -25.96
C ASN G 28 19.55 29.02 -26.06
N HIS G 29 18.35 28.91 -26.62
CA HIS G 29 17.68 27.63 -26.78
C HIS G 29 18.25 26.86 -27.97
N ASN G 30 18.27 25.54 -27.87
CA ASN G 30 18.74 24.72 -29.00
C ASN G 30 17.63 24.40 -29.98
N SER G 31 16.41 24.18 -29.47
CA SER G 31 15.31 23.70 -30.28
C SER G 31 14.31 24.77 -30.64
N MET G 32 13.95 24.84 -31.92
CA MET G 32 12.96 25.82 -32.36
C MET G 32 11.90 25.14 -33.22
N TYR G 33 10.71 25.75 -33.27
CA TYR G 33 9.54 25.09 -33.83
C TYR G 33 8.67 26.07 -34.59
N TRP G 34 8.02 25.58 -35.65
CA TRP G 34 6.95 26.33 -36.30
C TRP G 34 5.68 25.53 -36.26
N TYR G 35 4.64 26.15 -35.70
CA TYR G 35 3.34 25.53 -35.60
C TYR G 35 2.35 26.34 -36.39
N ARG G 36 1.28 25.72 -36.84
CA ARG G 36 0.10 26.47 -37.26
C ARG G 36 -1.09 26.08 -36.38
N GLN G 37 -1.91 27.06 -36.06
CA GLN G 37 -3.07 26.80 -35.22
C GLN G 37 -4.37 27.06 -35.97
N ASP G 38 -5.17 26.02 -36.11
CA ASP G 38 -6.44 26.17 -36.79
C ASP G 38 -7.59 25.78 -35.87
N PRO G 39 -8.75 26.45 -36.04
CA PRO G 39 -9.98 26.17 -35.31
C PRO G 39 -10.29 24.68 -35.22
N GLY G 40 -10.65 24.21 -34.02
CA GLY G 40 -11.16 22.86 -33.85
C GLY G 40 -10.11 21.76 -33.87
N MET G 41 -8.83 22.13 -33.83
CA MET G 41 -7.78 21.13 -33.75
C MET G 41 -6.60 21.63 -32.92
N GLY G 42 -5.79 20.72 -32.43
CA GLY G 42 -4.62 21.09 -31.67
C GLY G 42 -3.54 21.64 -32.58
N LEU G 43 -2.53 22.25 -31.98
CA LEU G 43 -1.38 22.77 -32.70
C LEU G 43 -0.79 21.70 -33.59
N ARG G 44 -0.43 22.07 -34.81
CA ARG G 44 0.22 21.10 -35.67
C ARG G 44 1.62 21.57 -36.04
N LEU G 45 2.58 20.71 -35.80
CA LEU G 45 3.97 21.02 -36.07
C LEU G 45 4.23 20.97 -37.58
N ILE G 46 4.81 22.04 -38.10
CA ILE G 46 5.11 22.17 -39.51
C ILE G 46 6.53 21.69 -39.82
N TYR G 47 7.50 22.40 -39.26
CA TYR G 47 8.89 21.98 -39.24
C TYR G 47 9.45 22.30 -37.88
N TYR G 48 10.53 21.63 -37.50
CA TYR G 48 11.23 21.99 -36.28
C TYR G 48 12.73 21.88 -36.51
N SER G 49 13.48 22.41 -35.56
CA SER G 49 14.92 22.39 -35.63
C SER G 49 15.45 21.99 -34.27
N ALA G 50 15.93 20.76 -34.15
CA ALA G 50 16.36 20.19 -32.87
C ALA G 50 17.52 20.98 -32.26
N SER G 51 18.42 21.43 -33.11
CA SER G 51 19.54 22.26 -32.70
C SER G 51 20.05 22.96 -33.93
N GLU G 52 21.01 23.85 -33.73
CA GLU G 52 21.65 24.50 -34.86
C GLU G 52 22.27 23.44 -35.77
N GLY G 53 22.17 23.63 -37.08
CA GLY G 53 22.79 22.72 -38.02
C GLY G 53 21.89 21.62 -38.54
N THR G 54 20.70 21.50 -37.97
CA THR G 54 19.75 20.53 -38.46
C THR G 54 18.31 21.00 -38.34
N THR G 55 17.49 20.60 -39.31
CA THR G 55 16.05 20.85 -39.28
C THR G 55 15.36 19.60 -39.81
N ASP G 56 14.06 19.46 -39.55
CA ASP G 56 13.33 18.33 -40.09
C ASP G 56 11.83 18.59 -40.17
N LYS G 57 11.15 17.82 -41.03
CA LYS G 57 9.71 17.91 -41.22
C LYS G 57 8.93 17.59 -39.94
N GLY G 58 7.80 18.27 -39.77
CA GLY G 58 6.85 17.95 -38.72
C GLY G 58 5.69 17.17 -39.32
N GLU G 59 4.50 17.44 -38.82
CA GLU G 59 3.29 16.74 -39.28
C GLU G 59 2.79 17.26 -40.63
N VAL G 60 2.88 18.56 -40.84
CA VAL G 60 2.35 19.16 -42.06
C VAL G 60 3.35 20.02 -42.82
N PRO G 61 4.41 19.40 -43.39
CA PRO G 61 5.44 20.21 -44.05
C PRO G 61 5.07 20.74 -45.43
N ASN G 62 4.15 20.10 -46.16
CA ASN G 62 3.89 20.46 -47.55
C ASN G 62 3.42 21.89 -47.75
N GLY G 63 4.11 22.59 -48.65
CA GLY G 63 3.83 24.00 -48.88
C GLY G 63 4.84 24.89 -48.17
N TYR G 64 5.64 24.29 -47.30
CA TYR G 64 6.56 25.06 -46.47
C TYR G 64 8.02 24.63 -46.59
N ASN G 65 8.89 25.54 -46.19
CA ASN G 65 10.30 25.27 -45.98
C ASN G 65 10.76 26.07 -44.80
N VAL G 66 11.88 25.68 -44.21
CA VAL G 66 12.44 26.43 -43.11
C VAL G 66 13.93 26.55 -43.27
N SER G 67 14.51 27.51 -42.58
CA SER G 67 15.95 27.64 -42.51
C SER G 67 16.31 27.98 -41.09
N ARG G 68 17.05 27.08 -40.44
CA ARG G 68 17.70 27.40 -39.18
C ARG G 68 18.95 28.19 -39.51
N LEU G 69 18.80 29.52 -39.58
CA LEU G 69 19.87 30.40 -40.06
C LEU G 69 21.08 30.36 -39.12
N ASN G 70 20.78 30.37 -37.82
CA ASN G 70 21.80 30.29 -36.78
C ASN G 70 21.15 29.77 -35.51
N LYS G 71 21.80 29.93 -34.37
CA LYS G 71 21.23 29.38 -33.13
C LYS G 71 20.02 30.22 -32.72
N ARG G 72 20.03 31.48 -33.16
CA ARG G 72 19.02 32.45 -32.78
C ARG G 72 17.77 32.41 -33.68
N GLU G 73 17.98 32.13 -34.96
CA GLU G 73 16.95 32.38 -35.95
C GLU G 73 16.46 31.13 -36.69
N PHE G 74 15.14 31.10 -36.92
CA PHE G 74 14.48 29.98 -37.55
C PHE G 74 13.31 30.50 -38.36
N SER G 75 13.51 30.68 -39.66
CA SER G 75 12.49 31.32 -40.48
C SER G 75 11.66 30.30 -41.25
N LEU G 76 10.40 30.65 -41.49
CA LEU G 76 9.48 29.75 -42.15
C LEU G 76 9.12 30.30 -43.52
N ARG G 77 9.14 29.44 -44.54
CA ARG G 77 8.94 29.89 -45.91
C ARG G 77 7.63 29.35 -46.46
N LEU G 78 6.82 30.26 -47.02
CA LEU G 78 5.66 29.84 -47.79
C LEU G 78 6.05 29.89 -49.26
N GLU G 79 6.03 28.73 -49.89
CA GLU G 79 6.54 28.57 -51.25
C GLU G 79 5.67 29.27 -52.29
N SER G 80 4.46 28.74 -52.45
CA SER G 80 3.46 29.31 -53.33
C SER G 80 2.16 29.32 -52.55
N ALA G 81 1.86 30.47 -51.93
CA ALA G 81 0.75 30.55 -50.99
C ALA G 81 -0.55 30.00 -51.53
N ALA G 82 -1.22 29.21 -50.70
CA ALA G 82 -2.52 28.65 -51.03
C ALA G 82 -3.49 29.05 -49.93
N PRO G 83 -4.79 29.21 -50.27
CA PRO G 83 -5.83 29.60 -49.32
C PRO G 83 -5.91 28.71 -48.09
N SER G 84 -5.55 27.43 -48.21
CA SER G 84 -5.59 26.52 -47.08
C SER G 84 -4.49 26.85 -46.07
N GLN G 85 -3.54 27.69 -46.48
CA GLN G 85 -2.46 28.12 -45.59
C GLN G 85 -2.85 29.38 -44.82
N THR G 86 -4.10 29.80 -45.00
CA THR G 86 -4.70 30.82 -44.13
C THR G 86 -4.76 30.21 -42.74
N SER G 87 -4.10 30.86 -41.78
CA SER G 87 -3.94 30.31 -40.44
C SER G 87 -3.25 31.27 -39.48
N VAL G 88 -3.08 30.83 -38.25
CA VAL G 88 -2.25 31.56 -37.30
C VAL G 88 -1.00 30.72 -37.03
N TYR G 89 0.15 31.32 -37.29
CA TYR G 89 1.42 30.61 -37.17
C TYR G 89 2.15 31.04 -35.92
N PHE G 90 2.65 30.05 -35.18
CA PHE G 90 3.38 30.32 -33.95
C PHE G 90 4.79 29.77 -34.04
N CYS G 91 5.76 30.64 -33.76
CA CYS G 91 7.12 30.18 -33.55
C CYS G 91 7.27 29.87 -32.08
N ALA G 92 8.04 28.82 -31.77
CA ALA G 92 8.33 28.50 -30.38
C ALA G 92 9.74 27.99 -30.22
N SER G 93 10.26 28.09 -29.00
CA SER G 93 11.59 27.54 -28.72
C SER G 93 11.66 26.90 -27.34
N SER G 94 12.52 25.89 -27.21
CA SER G 94 12.80 25.27 -25.92
C SER G 94 14.27 24.91 -25.82
N VAL G 95 14.75 24.67 -24.60
CA VAL G 95 16.15 24.34 -24.36
C VAL G 95 16.54 23.06 -25.12
N TRP G 96 15.64 22.09 -25.17
CA TRP G 96 15.91 20.82 -25.84
C TRP G 96 14.63 20.05 -26.16
N THR G 97 14.48 19.65 -27.41
CA THR G 97 13.31 18.91 -27.86
C THR G 97 13.23 17.49 -27.30
N GLY G 98 14.37 16.90 -26.95
CA GLY G 98 14.42 15.49 -26.57
C GLY G 98 14.13 15.14 -25.11
N GLU G 99 15.12 14.50 -24.48
CA GLU G 99 15.03 14.17 -23.06
C GLU G 99 14.76 15.40 -22.22
N GLY G 100 13.62 15.42 -21.53
CA GLY G 100 13.29 16.59 -20.74
C GLY G 100 11.88 16.95 -20.35
N SER G 101 11.81 17.85 -19.39
CA SER G 101 10.58 18.39 -18.84
C SER G 101 10.40 19.81 -19.34
N GLY G 102 11.30 20.27 -20.20
CA GLY G 102 11.34 21.65 -20.62
C GLY G 102 10.14 22.07 -21.46
N GLU G 103 9.55 23.20 -21.11
CA GLU G 103 8.37 23.70 -21.81
C GLU G 103 8.73 24.54 -23.03
N LEU G 104 7.72 24.85 -23.81
CA LEU G 104 7.86 25.74 -24.96
C LEU G 104 7.67 27.20 -24.58
N PHE G 105 8.37 28.07 -25.30
CA PHE G 105 8.16 29.50 -25.21
C PHE G 105 7.67 29.96 -26.57
N PHE G 106 6.46 30.52 -26.61
CA PHE G 106 5.84 30.87 -27.88
C PHE G 106 6.05 32.32 -28.25
N GLY G 107 6.12 32.60 -29.56
CA GLY G 107 6.11 33.97 -30.04
C GLY G 107 4.68 34.48 -30.11
N GLU G 108 4.51 35.73 -30.53
CA GLU G 108 3.21 36.40 -30.48
C GLU G 108 2.23 35.91 -31.55
N GLY G 109 2.72 35.16 -32.53
CA GLY G 109 1.86 34.64 -33.57
C GLY G 109 1.82 35.50 -34.84
N SER G 110 1.45 34.87 -35.95
CA SER G 110 1.36 35.56 -37.23
C SER G 110 0.06 35.19 -37.92
N ARG G 111 -0.80 36.18 -38.09
CA ARG G 111 -2.06 35.93 -38.77
C ARG G 111 -1.85 36.11 -40.27
N LEU G 112 -1.92 35.01 -41.00
CA LEU G 112 -1.79 35.01 -42.46
C LEU G 112 -3.12 34.74 -43.14
N THR G 113 -3.52 35.62 -44.05
CA THR G 113 -4.70 35.32 -44.83
C THR G 113 -4.30 35.29 -46.31
N VAL G 114 -4.55 34.15 -46.94
CA VAL G 114 -4.21 33.98 -48.34
C VAL G 114 -5.48 34.03 -49.16
N LEU G 115 -5.54 34.95 -50.11
CA LEU G 115 -6.73 35.10 -50.93
C LEU G 115 -6.44 34.84 -52.40
N GLU G 116 -7.45 34.29 -53.07
CA GLU G 116 -7.41 34.04 -54.50
C GLU G 116 -7.29 35.37 -55.22
N ASP G 117 -7.81 36.40 -54.57
CA ASP G 117 -7.89 37.72 -55.17
C ASP G 117 -8.07 38.81 -54.10
N LEU G 118 -7.47 39.98 -54.33
CA LEU G 118 -7.50 41.02 -53.30
C LEU G 118 -8.68 41.99 -53.39
N LYS G 119 -9.61 41.75 -54.30
CA LYS G 119 -10.73 42.66 -54.53
C LYS G 119 -11.74 42.73 -53.39
N ASN G 120 -11.73 41.74 -52.50
CA ASN G 120 -12.69 41.70 -51.41
C ASN G 120 -12.10 42.27 -50.13
N VAL G 121 -10.82 42.65 -50.17
CA VAL G 121 -10.18 43.24 -49.01
C VAL G 121 -10.75 44.63 -48.74
N PHE G 122 -11.28 44.81 -47.54
CA PHE G 122 -11.93 46.05 -47.15
C PHE G 122 -11.58 46.49 -45.73
N PRO G 123 -11.33 47.80 -45.55
CA PRO G 123 -11.17 48.33 -44.20
C PRO G 123 -12.55 48.46 -43.56
N PRO G 124 -12.61 48.57 -42.23
CA PRO G 124 -13.95 48.69 -41.63
C PRO G 124 -14.54 50.09 -41.74
N GLU G 125 -15.85 50.16 -41.85
CA GLU G 125 -16.56 51.39 -41.52
C GLU G 125 -16.82 51.35 -40.02
N VAL G 126 -16.51 52.44 -39.34
CA VAL G 126 -16.65 52.52 -37.89
C VAL G 126 -17.64 53.58 -37.46
N ALA G 127 -18.56 53.23 -36.56
CA ALA G 127 -19.53 54.18 -36.03
C ALA G 127 -19.71 54.02 -34.52
N VAL G 128 -19.89 55.14 -33.83
CA VAL G 128 -20.11 55.17 -32.39
C VAL G 128 -21.55 55.53 -32.08
N PHE G 129 -22.16 54.78 -31.17
CA PHE G 129 -23.56 55.02 -30.82
C PHE G 129 -23.65 55.51 -29.39
N GLU G 130 -24.29 56.66 -29.24
CA GLU G 130 -24.36 57.37 -27.98
C GLU G 130 -25.29 56.64 -27.01
N PRO G 131 -25.04 56.78 -25.70
CA PRO G 131 -25.84 56.08 -24.70
C PRO G 131 -27.31 56.44 -24.77
N SER G 132 -28.18 55.48 -24.48
CA SER G 132 -29.61 55.70 -24.37
C SER G 132 -29.93 56.55 -23.13
N GLU G 133 -30.71 57.61 -23.31
CA GLU G 133 -31.19 58.41 -22.18
C GLU G 133 -32.02 57.54 -21.22
N ALA G 134 -32.66 56.51 -21.76
CA ALA G 134 -33.41 55.56 -20.96
C ALA G 134 -32.52 54.79 -19.98
N GLU G 135 -31.31 54.42 -20.43
CA GLU G 135 -30.35 53.73 -19.58
C GLU G 135 -29.88 54.60 -18.44
N ILE G 136 -29.56 55.85 -18.77
CA ILE G 136 -29.07 56.81 -17.80
C ILE G 136 -30.09 57.05 -16.69
N SER G 137 -31.37 57.10 -17.06
CA SER G 137 -32.45 57.27 -16.09
C SER G 137 -32.63 56.03 -15.23
N HIS G 138 -32.54 54.88 -15.87
CA HIS G 138 -32.86 53.62 -15.20
C HIS G 138 -31.75 53.13 -14.28
N THR G 139 -30.51 53.28 -14.73
CA THR G 139 -29.36 52.66 -14.07
C THR G 139 -28.29 53.65 -13.59
N GLN G 140 -28.44 54.92 -13.94
CA GLN G 140 -27.43 55.94 -13.66
C GLN G 140 -26.08 55.62 -14.31
N LYS G 141 -26.11 54.83 -15.38
CA LYS G 141 -24.91 54.48 -16.12
C LYS G 141 -25.07 54.77 -17.61
N ALA G 142 -23.96 54.94 -18.32
CA ALA G 142 -24.02 55.25 -19.75
C ALA G 142 -23.15 54.32 -20.57
N THR G 143 -23.77 53.58 -21.48
CA THR G 143 -23.05 52.65 -22.34
C THR G 143 -22.91 53.14 -23.77
N LEU G 144 -21.67 53.36 -24.19
CA LEU G 144 -21.36 53.63 -25.59
C LEU G 144 -21.16 52.33 -26.34
N VAL G 145 -21.52 52.31 -27.61
CA VAL G 145 -21.33 51.12 -28.43
C VAL G 145 -20.61 51.51 -29.71
N CYS G 146 -19.64 50.71 -30.10
CA CYS G 146 -18.90 50.92 -31.34
C CYS G 146 -19.08 49.78 -32.32
N LEU G 147 -19.34 50.10 -33.60
CA LEU G 147 -19.47 49.07 -34.63
C LEU G 147 -18.42 49.21 -35.73
N ALA G 148 -17.71 48.13 -35.98
CA ALA G 148 -16.80 48.06 -37.12
C ALA G 148 -17.40 47.08 -38.10
N THR G 149 -17.84 47.57 -39.26
CA THR G 149 -18.58 46.72 -40.17
C THR G 149 -17.97 46.66 -41.56
N GLY G 150 -18.31 45.58 -42.29
CA GLY G 150 -17.92 45.42 -43.67
C GLY G 150 -16.46 45.19 -44.00
N PHE G 151 -15.66 44.83 -43.00
CA PHE G 151 -14.25 44.62 -43.25
C PHE G 151 -13.88 43.18 -43.60
N TYR G 152 -12.73 43.05 -44.26
CA TYR G 152 -12.21 41.78 -44.73
C TYR G 152 -10.74 41.96 -45.17
N PRO G 153 -9.86 41.06 -44.73
CA PRO G 153 -10.12 39.90 -43.88
C PRO G 153 -10.30 40.26 -42.41
N ASP G 154 -10.40 39.23 -41.57
CA ASP G 154 -10.56 39.40 -40.13
C ASP G 154 -9.24 39.80 -39.48
N HIS G 155 -8.80 41.04 -39.74
CA HIS G 155 -7.54 41.55 -39.21
C HIS G 155 -7.73 42.89 -38.49
N VAL G 156 -8.40 42.90 -37.35
CA VAL G 156 -8.67 44.16 -36.66
C VAL G 156 -8.29 44.15 -35.18
N GLU G 157 -8.01 45.33 -34.65
CA GLU G 157 -7.80 45.52 -33.23
C GLU G 157 -8.56 46.76 -32.79
N LEU G 158 -9.57 46.57 -31.95
CA LEU G 158 -10.39 47.69 -31.51
C LEU G 158 -9.91 48.17 -30.15
N SER G 159 -9.94 49.49 -29.95
CA SER G 159 -9.56 50.10 -28.67
C SER G 159 -10.46 51.30 -28.41
N TRP G 160 -10.63 51.65 -27.14
CA TRP G 160 -11.38 52.85 -26.77
C TRP G 160 -10.46 53.95 -26.27
N TRP G 161 -10.77 55.19 -26.64
CA TRP G 161 -9.97 56.33 -26.22
C TRP G 161 -10.82 57.45 -25.63
N VAL G 162 -10.53 57.79 -24.38
CA VAL G 162 -11.28 58.84 -23.69
C VAL G 162 -10.35 60.00 -23.36
N ASN G 163 -10.65 61.17 -23.92
CA ASN G 163 -9.82 62.35 -23.79
C ASN G 163 -8.38 62.11 -24.24
N GLY G 164 -8.22 61.30 -25.29
CA GLY G 164 -6.91 61.07 -25.87
C GLY G 164 -6.10 60.00 -25.17
N LYS G 165 -6.69 59.37 -24.16
CA LYS G 165 -6.03 58.27 -23.44
C LYS G 165 -6.82 56.98 -23.63
N GLU G 166 -6.13 55.89 -23.99
CA GLU G 166 -6.79 54.60 -24.13
C GLU G 166 -7.28 54.10 -22.78
N VAL G 167 -8.49 53.52 -22.78
CA VAL G 167 -9.08 52.99 -21.56
C VAL G 167 -9.40 51.50 -21.71
N HIS G 168 -9.57 50.82 -20.58
CA HIS G 168 -9.85 49.39 -20.57
C HIS G 168 -11.02 49.07 -19.65
N SER G 169 -11.13 49.82 -18.56
CA SER G 169 -12.23 49.65 -17.63
C SER G 169 -13.57 49.99 -18.26
N GLY G 170 -14.55 49.12 -18.07
CA GLY G 170 -15.88 49.35 -18.61
C GLY G 170 -15.94 48.96 -20.07
N VAL G 171 -14.89 48.33 -20.55
CA VAL G 171 -14.83 47.92 -21.96
C VAL G 171 -15.04 46.43 -22.09
N CYS G 172 -15.87 46.05 -23.05
CA CYS G 172 -15.90 44.67 -23.49
C CYS G 172 -16.07 44.63 -25.01
N THR G 173 -15.11 44.01 -25.69
CA THR G 173 -15.15 43.86 -27.14
C THR G 173 -15.40 42.39 -27.49
N ASP G 174 -16.20 42.14 -28.52
CA ASP G 174 -16.43 40.77 -28.99
C ASP G 174 -15.08 40.11 -29.23
N PRO G 175 -14.86 38.92 -28.65
CA PRO G 175 -13.58 38.25 -28.92
C PRO G 175 -13.42 37.90 -30.41
N GLN G 176 -14.49 37.45 -31.06
CA GLN G 176 -14.45 37.17 -32.49
C GLN G 176 -15.56 37.92 -33.21
N PRO G 177 -15.30 38.34 -34.47
CA PRO G 177 -16.28 39.11 -35.24
C PRO G 177 -17.41 38.28 -35.84
N LEU G 178 -18.48 38.95 -36.24
CA LEU G 178 -19.63 38.35 -36.92
C LEU G 178 -19.39 38.26 -38.42
N LYS G 179 -19.90 37.19 -39.03
CA LYS G 179 -19.97 37.10 -40.48
C LYS G 179 -21.24 37.79 -41.01
N GLU G 180 -21.06 38.86 -41.77
CA GLU G 180 -22.18 39.63 -42.30
C GLU G 180 -22.96 38.83 -43.34
N GLN G 181 -22.29 37.91 -44.02
CA GLN G 181 -22.97 37.01 -44.94
C GLN G 181 -22.51 35.58 -44.68
N PRO G 182 -23.02 34.96 -43.60
CA PRO G 182 -22.54 33.64 -43.12
C PRO G 182 -22.54 32.56 -44.18
N ALA G 183 -23.37 32.68 -45.21
CA ALA G 183 -23.44 31.71 -46.29
C ALA G 183 -22.22 31.77 -47.21
N LEU G 184 -21.60 32.94 -47.32
CA LEU G 184 -20.52 33.15 -48.27
C LEU G 184 -19.16 32.75 -47.67
N ASN G 185 -18.31 32.15 -48.49
CA ASN G 185 -16.99 31.70 -48.05
C ASN G 185 -16.05 32.88 -47.83
N ASP G 186 -16.36 33.99 -48.50
CA ASP G 186 -15.55 35.20 -48.37
C ASP G 186 -16.32 36.33 -47.68
N SER G 187 -17.31 35.96 -46.87
CA SER G 187 -18.11 36.93 -46.11
C SER G 187 -17.26 37.98 -45.40
N ARG G 188 -17.73 39.22 -45.40
CA ARG G 188 -17.03 40.28 -44.69
C ARG G 188 -17.45 40.26 -43.23
N TYR G 189 -16.77 41.05 -42.41
CA TYR G 189 -16.96 40.92 -40.97
C TYR G 189 -17.50 42.15 -40.26
N ALA G 190 -18.06 41.91 -39.07
CA ALA G 190 -18.52 42.98 -38.20
C ALA G 190 -18.10 42.70 -36.75
N LEU G 191 -17.70 43.75 -36.06
CA LEU G 191 -17.24 43.66 -34.69
C LEU G 191 -17.90 44.75 -33.85
N SER G 192 -18.37 44.39 -32.65
CA SER G 192 -18.97 45.38 -31.77
C SER G 192 -18.23 45.44 -30.44
N SER G 193 -18.23 46.62 -29.84
CA SER G 193 -17.63 46.80 -28.53
C SER G 193 -18.47 47.79 -27.74
N ARG G 194 -18.39 47.71 -26.42
CA ARG G 194 -19.11 48.67 -25.60
C ARG G 194 -18.19 49.20 -24.50
N LEU G 195 -18.30 50.50 -24.26
CA LEU G 195 -17.63 51.16 -23.15
C LEU G 195 -18.69 51.76 -22.25
N ARG G 196 -18.67 51.42 -20.97
CA ARG G 196 -19.67 51.93 -20.04
C ARG G 196 -19.04 52.85 -19.02
N VAL G 197 -19.61 54.05 -18.90
CA VAL G 197 -19.14 55.04 -17.94
C VAL G 197 -20.29 55.44 -17.01
N SER G 198 -19.99 56.15 -15.93
CA SER G 198 -21.04 56.68 -15.06
C SER G 198 -21.82 57.74 -15.82
N ALA G 199 -23.08 57.94 -15.42
CA ALA G 199 -23.94 58.94 -16.05
C ALA G 199 -23.34 60.34 -15.97
N THR G 200 -22.75 60.68 -14.83
CA THR G 200 -22.18 62.00 -14.63
C THR G 200 -20.97 62.23 -15.55
N PHE G 201 -20.26 61.16 -15.87
CA PHE G 201 -19.10 61.28 -16.75
C PHE G 201 -19.52 61.55 -18.19
N TRP G 202 -20.55 60.84 -18.64
CA TRP G 202 -21.07 61.03 -19.99
C TRP G 202 -21.64 62.43 -20.17
N GLN G 203 -22.17 62.98 -19.09
CA GLN G 203 -22.89 64.25 -19.15
C GLN G 203 -21.94 65.44 -19.13
N ASN G 204 -20.64 65.15 -19.01
CA ASN G 204 -19.60 66.18 -19.08
C ASN G 204 -19.25 66.52 -20.53
N PRO G 205 -19.52 67.77 -20.94
CA PRO G 205 -19.31 68.20 -22.32
C PRO G 205 -17.82 68.23 -22.72
N ARG G 206 -16.91 68.23 -21.74
CA ARG G 206 -15.48 68.22 -22.07
C ARG G 206 -14.99 66.81 -22.35
N ASN G 207 -15.78 65.80 -22.02
CA ASN G 207 -15.37 64.43 -22.26
C ASN G 207 -15.50 64.02 -23.73
N HIS G 208 -14.39 63.59 -24.31
CA HIS G 208 -14.36 63.15 -25.69
C HIS G 208 -14.17 61.64 -25.73
N PHE G 209 -14.99 60.97 -26.53
CA PHE G 209 -14.94 59.52 -26.63
C PHE G 209 -14.61 59.12 -28.05
N ARG G 210 -13.65 58.21 -28.20
CA ARG G 210 -13.23 57.76 -29.52
C ARG G 210 -13.05 56.25 -29.57
N CYS G 211 -13.64 55.66 -30.60
CA CYS G 211 -13.50 54.24 -30.85
C CYS G 211 -12.50 54.03 -32.00
N GLN G 212 -11.41 53.34 -31.70
CA GLN G 212 -10.34 53.17 -32.67
C GLN G 212 -10.23 51.73 -33.15
N VAL G 213 -10.13 51.58 -34.47
CA VAL G 213 -9.95 50.27 -35.08
C VAL G 213 -8.73 50.26 -35.99
N GLN G 214 -7.74 49.47 -35.60
CA GLN G 214 -6.59 49.24 -36.46
C GLN G 214 -6.95 48.15 -37.44
N PHE G 215 -6.81 48.43 -38.72
CA PHE G 215 -7.09 47.41 -39.72
C PHE G 215 -5.81 47.03 -40.45
N TYR G 216 -5.54 45.73 -40.52
CA TYR G 216 -4.38 45.21 -41.24
C TYR G 216 -4.82 44.65 -42.58
N GLY G 217 -4.31 45.25 -43.65
CA GLY G 217 -4.69 44.89 -44.99
C GLY G 217 -3.50 44.88 -45.94
N LEU G 218 -3.58 45.64 -47.02
CA LEU G 218 -2.53 45.64 -48.03
C LEU G 218 -1.34 46.50 -47.61
N SER G 219 -0.16 46.13 -48.12
CA SER G 219 1.06 46.87 -47.87
C SER G 219 1.48 47.64 -49.11
N GLU G 220 2.66 48.25 -49.05
CA GLU G 220 3.17 49.08 -50.14
C GLU G 220 3.29 48.32 -51.45
N ASN G 221 3.96 47.18 -51.40
CA ASN G 221 4.23 46.38 -52.59
C ASN G 221 2.99 45.98 -53.38
N ASP G 222 1.89 45.72 -52.69
CA ASP G 222 0.68 45.29 -53.36
C ASP G 222 0.21 46.38 -54.31
N GLU G 223 0.02 46.01 -55.58
CA GLU G 223 -0.42 46.97 -56.58
C GLU G 223 -1.94 47.03 -56.60
N TRP G 224 -2.49 48.23 -56.80
CA TRP G 224 -3.93 48.41 -56.79
C TRP G 224 -4.35 49.18 -58.04
N THR G 225 -5.28 48.59 -58.79
CA THR G 225 -5.74 49.18 -60.04
C THR G 225 -7.25 49.33 -60.04
N GLN G 226 -7.82 49.54 -58.86
CA GLN G 226 -9.26 49.75 -58.72
C GLN G 226 -9.55 51.22 -58.47
N ASP G 227 -10.77 51.64 -58.76
CA ASP G 227 -11.13 53.04 -58.58
C ASP G 227 -11.31 53.39 -57.11
N ARG G 228 -11.71 52.42 -56.30
CA ARG G 228 -11.87 52.67 -54.88
C ARG G 228 -10.51 52.71 -54.22
N ALA G 229 -10.42 53.41 -53.09
CA ALA G 229 -9.15 53.57 -52.39
C ALA G 229 -8.55 52.22 -52.01
N LYS G 230 -7.24 52.14 -52.09
CA LYS G 230 -6.49 50.94 -51.74
C LYS G 230 -6.71 50.56 -50.26
N PRO G 231 -7.17 49.33 -50.01
CA PRO G 231 -7.46 48.89 -48.64
C PRO G 231 -6.20 48.58 -47.85
N VAL G 232 -5.41 49.61 -47.57
CA VAL G 232 -4.15 49.46 -46.87
C VAL G 232 -4.33 49.33 -45.37
N THR G 233 -3.30 48.86 -44.69
CA THR G 233 -3.24 48.89 -43.24
C THR G 233 -3.50 50.33 -42.79
N GLN G 234 -4.51 50.51 -41.94
CA GLN G 234 -4.95 51.85 -41.56
C GLN G 234 -5.75 51.85 -40.26
N ILE G 235 -5.88 53.04 -39.67
CA ILE G 235 -6.72 53.23 -38.51
C ILE G 235 -7.98 53.98 -38.92
N VAL G 236 -9.13 53.44 -38.51
CA VAL G 236 -10.42 54.06 -38.79
C VAL G 236 -11.12 54.34 -37.47
N SER G 237 -11.62 55.56 -37.29
CA SER G 237 -12.21 55.93 -36.02
C SER G 237 -13.57 56.61 -36.17
N ALA G 238 -14.30 56.62 -35.06
CA ALA G 238 -15.55 57.36 -34.96
C ALA G 238 -15.57 57.93 -33.55
N GLU G 239 -16.10 59.13 -33.40
CA GLU G 239 -16.02 59.79 -32.11
C GLU G 239 -17.37 60.31 -31.64
N ALA G 240 -17.42 60.73 -30.38
CA ALA G 240 -18.60 61.37 -29.85
C ALA G 240 -18.24 62.23 -28.64
N TRP G 241 -18.99 63.31 -28.44
CA TRP G 241 -18.80 64.17 -27.28
C TRP G 241 -19.94 63.98 -26.29
N GLY G 242 -19.65 64.19 -25.01
CA GLY G 242 -20.67 64.16 -23.98
C GLY G 242 -21.76 65.19 -24.18
N ARG G 243 -22.98 64.78 -23.89
CA ARG G 243 -24.20 65.58 -24.06
C ARG G 243 -24.78 65.96 -22.69
N ALA G 244 -25.86 66.72 -22.71
CA ALA G 244 -26.56 67.10 -21.48
C ALA G 244 -28.04 67.28 -21.75
N ILE H 1 44.25 10.30 -16.18
CA ILE H 1 44.45 8.85 -16.05
C ILE H 1 44.16 8.12 -17.36
N GLN H 2 45.21 7.57 -17.97
CA GLN H 2 45.09 6.78 -19.18
C GLN H 2 45.23 5.28 -18.85
N ARG H 3 44.47 4.45 -19.56
CA ARG H 3 44.49 3.00 -19.31
C ARG H 3 44.95 2.21 -20.54
N THR H 4 45.93 1.35 -20.34
CA THR H 4 46.52 0.61 -21.45
C THR H 4 45.70 -0.63 -21.81
N PRO H 5 45.68 -1.00 -23.09
CA PRO H 5 44.82 -2.12 -23.50
C PRO H 5 45.27 -3.49 -23.02
N LYS H 6 44.31 -4.26 -22.52
CA LYS H 6 44.51 -5.67 -22.32
C LYS H 6 44.33 -6.34 -23.68
N ILE H 7 45.27 -7.21 -24.04
CA ILE H 7 45.25 -7.83 -25.35
C ILE H 7 45.28 -9.35 -25.19
N GLN H 8 44.19 -10.00 -25.59
CA GLN H 8 44.09 -11.44 -25.47
C GLN H 8 43.86 -12.06 -26.85
N VAL H 9 44.61 -13.11 -27.15
CA VAL H 9 44.58 -13.73 -28.46
C VAL H 9 44.30 -15.21 -28.31
N TYR H 10 43.29 -15.69 -29.02
CA TYR H 10 42.80 -17.04 -28.81
C TYR H 10 41.96 -17.51 -29.99
N SER H 11 41.84 -18.82 -30.15
CA SER H 11 41.04 -19.37 -31.23
C SER H 11 39.56 -19.54 -30.82
N ARG H 12 38.68 -19.46 -31.81
CA ARG H 12 37.24 -19.57 -31.60
C ARG H 12 36.87 -20.93 -30.99
N HIS H 13 37.36 -21.99 -31.62
CA HIS H 13 37.22 -23.36 -31.14
C HIS H 13 38.58 -23.88 -30.64
N PRO H 14 38.59 -24.95 -29.84
CA PRO H 14 39.87 -25.53 -29.44
C PRO H 14 40.72 -25.87 -30.66
N ALA H 15 41.96 -25.39 -30.67
CA ALA H 15 42.79 -25.41 -31.87
C ALA H 15 43.43 -26.76 -32.09
N GLU H 16 43.43 -27.18 -33.36
CA GLU H 16 44.15 -28.37 -33.77
C GLU H 16 44.78 -28.12 -35.13
N ASN H 17 46.08 -28.40 -35.26
CA ASN H 17 46.79 -28.11 -36.51
C ASN H 17 46.14 -28.80 -37.70
N GLY H 18 45.94 -28.06 -38.79
CA GLY H 18 45.30 -28.64 -39.97
C GLY H 18 43.81 -28.36 -40.06
N LYS H 19 43.13 -28.34 -38.91
CA LYS H 19 41.71 -28.06 -38.86
C LYS H 19 41.45 -26.55 -38.86
N SER H 20 40.65 -26.07 -39.82
CA SER H 20 40.39 -24.64 -39.95
C SER H 20 39.66 -24.07 -38.72
N ASN H 21 40.02 -22.85 -38.35
CA ASN H 21 39.51 -22.20 -37.14
C ASN H 21 39.33 -20.70 -37.36
N PHE H 22 39.09 -19.99 -36.28
CA PHE H 22 39.08 -18.54 -36.30
C PHE H 22 40.03 -18.00 -35.24
N LEU H 23 40.93 -17.11 -35.63
CA LEU H 23 41.83 -16.50 -34.67
C LEU H 23 41.23 -15.20 -34.14
N ASN H 24 41.14 -15.07 -32.83
CA ASN H 24 40.58 -13.88 -32.21
C ASN H 24 41.63 -12.99 -31.53
N CYS H 25 41.39 -11.69 -31.55
CA CYS H 25 42.15 -10.78 -30.71
C CYS H 25 41.19 -9.83 -29.99
N TYR H 26 41.08 -10.00 -28.67
CA TYR H 26 40.19 -9.19 -27.84
C TYR H 26 40.99 -8.07 -27.18
N VAL H 27 40.66 -6.84 -27.52
CA VAL H 27 41.37 -5.68 -27.00
C VAL H 27 40.44 -4.87 -26.12
N SER H 28 40.71 -4.84 -24.82
CA SER H 28 39.76 -4.24 -23.89
C SER H 28 40.42 -3.38 -22.83
N GLY H 29 39.60 -2.60 -22.13
CA GLY H 29 40.04 -1.89 -20.96
C GLY H 29 40.87 -0.66 -21.21
N PHE H 30 40.88 -0.18 -22.45
CA PHE H 30 41.71 0.97 -22.75
C PHE H 30 40.93 2.27 -22.73
N HIS H 31 41.65 3.37 -22.49
CA HIS H 31 41.10 4.72 -22.52
C HIS H 31 42.28 5.65 -22.70
N PRO H 32 42.19 6.61 -23.63
CA PRO H 32 41.04 6.92 -24.50
C PRO H 32 40.83 5.95 -25.66
N SER H 33 40.00 6.36 -26.62
CA SER H 33 39.43 5.44 -27.61
C SER H 33 40.27 5.21 -28.87
N ASP H 34 41.18 6.12 -29.18
CA ASP H 34 41.99 5.95 -30.38
C ASP H 34 42.91 4.73 -30.25
N ILE H 35 42.80 3.83 -31.23
CA ILE H 35 43.55 2.59 -31.22
C ILE H 35 43.70 2.01 -32.63
N GLU H 36 44.79 1.29 -32.88
CA GLU H 36 44.92 0.54 -34.13
C GLU H 36 45.30 -0.91 -33.83
N VAL H 37 44.67 -1.83 -34.55
CA VAL H 37 44.86 -3.26 -34.31
C VAL H 37 45.09 -3.99 -35.62
N ASP H 38 46.10 -4.86 -35.65
CA ASP H 38 46.33 -5.74 -36.79
C ASP H 38 46.66 -7.16 -36.34
N LEU H 39 46.26 -8.14 -37.14
CA LEU H 39 46.65 -9.53 -36.91
C LEU H 39 47.82 -9.87 -37.82
N LEU H 40 48.79 -10.60 -37.28
CA LEU H 40 50.01 -10.91 -38.01
C LEU H 40 50.14 -12.41 -38.29
N LYS H 41 50.53 -12.75 -39.51
CA LYS H 41 50.93 -14.12 -39.80
C LYS H 41 52.41 -14.15 -40.14
N ASN H 42 53.20 -14.77 -39.26
CA ASN H 42 54.65 -14.79 -39.42
C ASN H 42 55.24 -13.39 -39.52
N GLY H 43 54.68 -12.47 -38.74
CA GLY H 43 55.16 -11.09 -38.69
C GLY H 43 54.50 -10.15 -39.69
N GLU H 44 53.83 -10.71 -40.69
CA GLU H 44 53.21 -9.89 -41.73
C GLU H 44 51.73 -9.69 -41.46
N ARG H 45 51.21 -8.54 -41.87
CA ARG H 45 49.82 -8.17 -41.59
C ARG H 45 48.85 -8.94 -42.47
N ILE H 46 47.74 -9.38 -41.87
CA ILE H 46 46.68 -10.06 -42.58
C ILE H 46 45.67 -9.01 -43.06
N GLU H 47 45.13 -9.18 -44.27
CA GLU H 47 44.21 -8.18 -44.80
C GLU H 47 42.74 -8.58 -44.70
N LYS H 48 42.48 -9.89 -44.74
CA LYS H 48 41.11 -10.39 -44.64
C LYS H 48 40.62 -10.39 -43.19
N VAL H 49 40.81 -9.26 -42.52
CA VAL H 49 40.53 -9.11 -41.09
C VAL H 49 39.22 -8.41 -40.78
N GLU H 50 38.30 -9.10 -40.12
CA GLU H 50 37.08 -8.46 -39.67
C GLU H 50 37.19 -7.95 -38.23
N HIS H 51 36.43 -6.91 -37.92
CA HIS H 51 36.41 -6.35 -36.58
C HIS H 51 35.06 -5.78 -36.20
N SER H 52 34.74 -5.86 -34.91
CA SER H 52 33.58 -5.19 -34.36
C SER H 52 33.83 -3.70 -34.38
N ASP H 53 32.77 -2.92 -34.19
CA ASP H 53 32.92 -1.49 -33.99
C ASP H 53 33.47 -1.28 -32.57
N LEU H 54 34.01 -0.09 -32.32
CA LEU H 54 34.42 0.28 -30.96
C LEU H 54 33.26 0.06 -29.98
N SER H 55 33.54 -0.54 -28.84
CA SER H 55 32.48 -0.84 -27.86
C SER H 55 32.72 -0.17 -26.51
N PHE H 56 31.66 -0.03 -25.72
CA PHE H 56 31.72 0.72 -24.47
C PHE H 56 31.44 -0.15 -23.25
N SER H 57 32.35 -0.08 -22.28
CA SER H 57 32.14 -0.76 -21.00
C SER H 57 31.61 0.21 -19.96
N LYS H 58 31.00 -0.32 -18.89
CA LYS H 58 30.40 0.56 -17.89
C LYS H 58 31.44 1.19 -16.95
N ASP H 59 32.70 0.76 -17.04
CA ASP H 59 33.76 1.42 -16.29
C ASP H 59 34.39 2.53 -17.15
N TRP H 60 33.70 2.83 -18.25
CA TRP H 60 34.04 3.91 -19.19
C TRP H 60 35.17 3.56 -20.17
N SER H 61 35.78 2.39 -20.01
CA SER H 61 36.84 1.99 -20.94
C SER H 61 36.22 1.42 -22.22
N PHE H 62 37.04 1.08 -23.20
CA PHE H 62 36.54 0.60 -24.48
C PHE H 62 37.06 -0.80 -24.80
N TYR H 63 36.38 -1.50 -25.70
CA TYR H 63 36.85 -2.80 -26.11
C TYR H 63 36.50 -3.09 -27.57
N LEU H 64 37.22 -4.05 -28.16
CA LEU H 64 37.12 -4.37 -29.58
C LEU H 64 37.39 -5.85 -29.86
N LEU H 65 36.80 -6.37 -30.94
CA LEU H 65 37.12 -7.75 -31.36
C LEU H 65 37.60 -7.80 -32.81
N TYR H 66 38.84 -8.24 -33.01
CA TYR H 66 39.37 -8.49 -34.35
C TYR H 66 39.53 -10.01 -34.58
N TYR H 67 39.18 -10.49 -35.78
CA TYR H 67 39.29 -11.93 -36.09
C TYR H 67 39.46 -12.23 -37.58
N THR H 68 40.13 -13.35 -37.86
CA THR H 68 40.25 -13.87 -39.23
C THR H 68 40.03 -15.37 -39.26
N GLU H 69 39.57 -15.88 -40.40
CA GLU H 69 39.56 -17.31 -40.60
C GLU H 69 41.00 -17.77 -40.86
N PHE H 70 41.41 -18.85 -40.21
CA PHE H 70 42.77 -19.34 -40.37
C PHE H 70 42.89 -20.84 -40.09
N THR H 71 44.01 -21.43 -40.51
CA THR H 71 44.29 -22.83 -40.23
C THR H 71 45.68 -22.94 -39.61
N PRO H 72 45.73 -23.24 -38.31
CA PRO H 72 47.00 -23.24 -37.58
C PRO H 72 47.91 -24.39 -37.99
N THR H 73 49.15 -24.05 -38.31
CA THR H 73 50.18 -25.04 -38.53
C THR H 73 51.26 -24.81 -37.48
N GLU H 74 52.02 -25.84 -37.14
CA GLU H 74 53.07 -25.69 -36.14
C GLU H 74 54.15 -24.73 -36.63
N LYS H 75 54.26 -24.59 -37.95
CA LYS H 75 55.22 -23.66 -38.53
C LYS H 75 54.76 -22.23 -38.32
N ASP H 76 53.51 -21.93 -38.68
CA ASP H 76 53.02 -20.56 -38.63
C ASP H 76 52.91 -20.03 -37.19
N GLU H 77 53.32 -18.77 -37.01
CA GLU H 77 53.18 -18.10 -35.73
C GLU H 77 52.28 -16.89 -35.92
N TYR H 78 51.23 -16.80 -35.12
CA TYR H 78 50.25 -15.72 -35.24
C TYR H 78 50.38 -14.76 -34.08
N ALA H 79 50.03 -13.50 -34.33
CA ALA H 79 50.13 -12.48 -33.30
C ALA H 79 49.09 -11.38 -33.49
N CYS H 80 49.00 -10.49 -32.51
CA CYS H 80 48.12 -9.34 -32.60
C CYS H 80 48.90 -8.08 -32.23
N ARG H 81 48.93 -7.12 -33.14
CA ARG H 81 49.69 -5.90 -32.93
C ARG H 81 48.77 -4.75 -32.56
N VAL H 82 49.03 -4.15 -31.41
CA VAL H 82 48.18 -3.08 -30.93
C VAL H 82 48.99 -1.82 -30.69
N ASN H 83 48.45 -0.68 -31.10
CA ASN H 83 49.04 0.59 -30.71
C ASN H 83 47.99 1.48 -30.06
N HIS H 84 48.42 2.19 -29.03
CA HIS H 84 47.56 3.04 -28.22
C HIS H 84 48.43 4.16 -27.68
N VAL H 85 47.82 5.27 -27.25
CA VAL H 85 48.59 6.42 -26.76
C VAL H 85 49.44 6.06 -25.54
N THR H 86 49.01 5.05 -24.79
CA THR H 86 49.71 4.62 -23.57
C THR H 86 50.92 3.77 -23.91
N LEU H 87 51.16 3.57 -25.20
CA LEU H 87 52.25 2.73 -25.67
C LEU H 87 53.25 3.52 -26.53
N SER H 88 54.54 3.32 -26.26
CA SER H 88 55.62 3.96 -27.02
C SER H 88 55.71 3.37 -28.41
N GLN H 89 55.70 2.05 -28.46
CA GLN H 89 55.80 1.31 -29.71
C GLN H 89 54.63 0.36 -29.81
N PRO H 90 54.24 -0.01 -31.05
CA PRO H 90 53.19 -1.00 -31.25
C PRO H 90 53.52 -2.27 -30.47
N LYS H 91 52.53 -2.78 -29.76
CA LYS H 91 52.71 -3.94 -28.90
C LYS H 91 52.27 -5.22 -29.61
N ILE H 92 53.19 -6.16 -29.74
CA ILE H 92 52.90 -7.43 -30.40
C ILE H 92 52.65 -8.53 -29.38
N VAL H 93 51.50 -9.17 -29.49
CA VAL H 93 51.14 -10.24 -28.57
C VAL H 93 50.94 -11.54 -29.34
N LYS H 94 51.77 -12.52 -29.03
CA LYS H 94 51.78 -13.78 -29.76
C LYS H 94 50.69 -14.72 -29.28
N TRP H 95 50.16 -15.51 -30.19
CA TRP H 95 49.22 -16.57 -29.88
C TRP H 95 49.94 -17.75 -29.21
N ASP H 96 49.30 -18.31 -28.19
CA ASP H 96 49.80 -19.45 -27.42
C ASP H 96 49.00 -20.71 -27.71
N ARG H 97 49.18 -21.73 -26.88
CA ARG H 97 48.18 -22.80 -26.70
C ARG H 97 48.44 -23.67 -25.46
#